data_7CNF
#
_entry.id   7CNF
#
_entity_poly.entity_id   1
_entity_poly.type   'polypeptide(L)'
_entity_poly.pdbx_seq_one_letter_code
;MEDEVVRFAKKMDKMVQKKNAAGALDLLKELKNIPMTLELLQSTRIGMSVNAIRKQSTDEEVTSLAKSLIKSWKKLLDGP
STEKDLDEKKKEPAIT
;
_entity_poly.pdbx_strand_id   A
#
# COMPACT_ATOMS: atom_id res chain seq x y z
N MET A 1 0.27 -17.44 -4.27
CA MET A 1 1.11 -17.88 -3.12
C MET A 1 1.04 -16.88 -2.00
N GLU A 2 0.10 -17.11 -1.05
CA GLU A 2 -0.07 -16.21 0.07
C GLU A 2 1.18 -16.22 0.91
N ASP A 3 1.83 -17.39 1.05
CA ASP A 3 3.02 -17.46 1.87
C ASP A 3 4.11 -16.60 1.27
N GLU A 4 4.22 -16.59 -0.08
CA GLU A 4 5.24 -15.80 -0.73
C GLU A 4 4.92 -14.34 -0.53
N VAL A 5 3.63 -13.97 -0.64
CA VAL A 5 3.21 -12.59 -0.49
C VAL A 5 3.52 -12.14 0.91
N VAL A 6 3.28 -13.01 1.92
CA VAL A 6 3.54 -12.67 3.29
C VAL A 6 5.01 -12.37 3.47
N ARG A 7 5.89 -13.18 2.82
CA ARG A 7 7.31 -12.98 2.94
C ARG A 7 7.67 -11.63 2.37
N PHE A 8 7.02 -11.22 1.25
CA PHE A 8 7.32 -9.93 0.66
C PHE A 8 6.93 -8.84 1.63
N ALA A 9 5.77 -9.02 2.31
CA ALA A 9 5.32 -8.02 3.26
C ALA A 9 6.31 -7.94 4.39
N LYS A 10 6.83 -9.11 4.85
CA LYS A 10 7.79 -9.14 5.92
C LYS A 10 9.04 -8.41 5.48
N LYS A 11 9.49 -8.69 4.24
CA LYS A 11 10.67 -8.05 3.71
C LYS A 11 10.44 -6.57 3.62
N MET A 12 9.22 -6.17 3.18
CA MET A 12 8.89 -4.77 3.04
C MET A 12 8.98 -4.11 4.40
N ASP A 13 8.49 -4.81 5.45
CA ASP A 13 8.53 -4.25 6.79
C ASP A 13 9.96 -4.05 7.20
N LYS A 14 10.86 -5.00 6.83
CA LYS A 14 12.26 -4.88 7.19
C LYS A 14 12.83 -3.66 6.51
N MET A 15 12.42 -3.40 5.25
CA MET A 15 12.93 -2.25 4.54
C MET A 15 12.47 -1.00 5.23
N VAL A 16 11.21 -0.99 5.73
CA VAL A 16 10.69 0.17 6.41
C VAL A 16 11.50 0.42 7.65
N GLN A 17 11.80 -0.67 8.41
CA GLN A 17 12.54 -0.56 9.65
C GLN A 17 13.94 -0.06 9.37
N LYS A 18 14.58 -0.54 8.28
CA LYS A 18 15.93 -0.12 7.98
C LYS A 18 15.91 1.21 7.28
N LYS A 19 14.70 1.69 6.92
CA LYS A 19 14.56 2.96 6.23
C LYS A 19 15.35 2.91 4.95
N ASN A 20 15.26 1.77 4.23
CA ASN A 20 15.98 1.63 3.00
C ASN A 20 15.05 2.10 1.91
N ALA A 21 15.22 3.38 1.50
CA ALA A 21 14.38 3.96 0.48
C ALA A 21 14.61 3.26 -0.85
N ALA A 22 15.88 2.95 -1.17
CA ALA A 22 16.18 2.30 -2.43
C ALA A 22 15.56 0.93 -2.48
N GLY A 23 15.67 0.17 -1.36
CA GLY A 23 15.13 -1.17 -1.31
C GLY A 23 13.64 -1.12 -1.45
N ALA A 24 13.00 -0.15 -0.77
CA ALA A 24 11.56 -0.02 -0.82
C ALA A 24 11.12 0.29 -2.22
N LEU A 25 11.88 1.16 -2.92
CA LEU A 25 11.52 1.54 -4.27
C LEU A 25 11.60 0.33 -5.17
N ASP A 26 12.64 -0.50 -5.01
CA ASP A 26 12.79 -1.67 -5.85
C ASP A 26 11.62 -2.61 -5.63
N LEU A 27 11.20 -2.77 -4.36
CA LEU A 27 10.09 -3.66 -4.06
C LEU A 27 8.83 -3.11 -4.67
N LEU A 28 8.65 -1.77 -4.65
CA LEU A 28 7.45 -1.16 -5.20
C LEU A 28 7.41 -1.43 -6.68
N LYS A 29 8.57 -1.34 -7.36
CA LYS A 29 8.61 -1.58 -8.79
C LYS A 29 8.23 -3.01 -9.06
N GLU A 30 8.70 -3.95 -8.21
CA GLU A 30 8.38 -5.35 -8.40
C GLU A 30 6.89 -5.55 -8.25
N LEU A 31 6.27 -4.84 -7.27
CA LEU A 31 4.84 -4.97 -7.04
C LEU A 31 4.11 -4.51 -8.27
N LYS A 32 4.61 -3.48 -8.95
CA LYS A 32 3.95 -2.97 -10.14
C LYS A 32 3.95 -4.04 -11.21
N ASN A 33 4.99 -4.90 -11.26
CA ASN A 33 5.03 -5.91 -12.29
C ASN A 33 4.30 -7.15 -11.84
N ILE A 34 3.98 -7.28 -10.53
CA ILE A 34 3.27 -8.46 -10.08
C ILE A 34 1.85 -8.04 -9.75
N PRO A 35 0.88 -8.60 -10.44
CA PRO A 35 -0.51 -8.27 -10.21
C PRO A 35 -1.02 -8.81 -8.91
N MET A 36 -1.94 -8.08 -8.26
CA MET A 36 -2.47 -8.51 -7.00
C MET A 36 -3.96 -8.36 -7.08
N THR A 37 -4.70 -9.27 -6.41
CA THR A 37 -6.14 -9.21 -6.43
C THR A 37 -6.57 -8.40 -5.24
N LEU A 38 -7.85 -7.96 -5.22
CA LEU A 38 -8.34 -7.19 -4.12
C LEU A 38 -8.39 -8.05 -2.89
N GLU A 39 -8.66 -9.37 -3.07
CA GLU A 39 -8.73 -10.26 -1.94
C GLU A 39 -7.36 -10.37 -1.31
N LEU A 40 -6.31 -10.40 -2.16
CA LEU A 40 -4.96 -10.51 -1.66
C LEU A 40 -4.64 -9.26 -0.87
N LEU A 41 -5.05 -8.09 -1.40
CA LEU A 41 -4.78 -6.83 -0.73
C LEU A 41 -5.54 -6.78 0.58
N GLN A 42 -6.80 -7.28 0.60
CA GLN A 42 -7.57 -7.24 1.82
C GLN A 42 -6.96 -8.17 2.84
N SER A 43 -6.52 -9.37 2.43
CA SER A 43 -5.94 -10.32 3.37
C SER A 43 -4.56 -9.85 3.79
N THR A 44 -3.78 -9.32 2.83
CA THR A 44 -2.46 -8.86 3.15
C THR A 44 -2.46 -7.37 2.95
N ARG A 45 -2.49 -6.62 4.07
CA ARG A 45 -2.51 -5.19 3.99
C ARG A 45 -1.11 -4.69 3.71
N ILE A 46 -0.64 -4.90 2.46
CA ILE A 46 0.67 -4.45 2.07
C ILE A 46 0.61 -2.96 1.89
N GLY A 47 -0.61 -2.43 1.67
CA GLY A 47 -0.80 -1.01 1.47
C GLY A 47 -0.37 -0.28 2.71
N MET A 48 -0.62 -0.88 3.89
CA MET A 48 -0.25 -0.25 5.14
C MET A 48 1.25 -0.09 5.17
N SER A 49 1.99 -1.13 4.74
CA SER A 49 3.44 -1.06 4.75
C SER A 49 3.89 0.02 3.80
N VAL A 50 3.23 0.12 2.63
CA VAL A 50 3.60 1.13 1.66
C VAL A 50 3.32 2.49 2.24
N ASN A 51 2.18 2.65 2.93
CA ASN A 51 1.81 3.91 3.54
C ASN A 51 2.86 4.27 4.57
N ALA A 52 3.34 3.27 5.34
CA ALA A 52 4.34 3.54 6.37
C ALA A 52 5.59 4.05 5.70
N ILE A 53 5.95 3.48 4.53
CA ILE A 53 7.13 3.90 3.80
C ILE A 53 6.93 5.34 3.36
N ARG A 54 5.69 5.66 2.93
CA ARG A 54 5.39 7.01 2.47
C ARG A 54 5.65 8.00 3.57
N LYS A 55 5.25 7.67 4.82
CA LYS A 55 5.45 8.58 5.93
C LYS A 55 6.93 8.81 6.16
N GLN A 56 7.76 7.75 5.98
CA GLN A 56 9.18 7.88 6.24
C GLN A 56 9.90 8.19 4.94
N SER A 57 9.16 8.57 3.88
CA SER A 57 9.82 8.86 2.61
C SER A 57 9.51 10.28 2.25
N THR A 58 10.55 11.02 1.80
CA THR A 58 10.38 12.40 1.40
C THR A 58 10.52 12.47 -0.09
N ASP A 59 10.55 11.29 -0.77
CA ASP A 59 10.69 11.27 -2.19
C ASP A 59 9.32 11.45 -2.79
N GLU A 60 9.20 12.41 -3.72
CA GLU A 60 7.92 12.69 -4.35
C GLU A 60 7.47 11.51 -5.17
N GLU A 61 8.40 10.84 -5.88
CA GLU A 61 8.00 9.72 -6.71
C GLU A 61 7.50 8.59 -5.85
N VAL A 62 8.04 8.44 -4.61
CA VAL A 62 7.60 7.37 -3.75
C VAL A 62 6.21 7.67 -3.28
N THR A 63 5.94 8.95 -2.92
CA THR A 63 4.62 9.30 -2.44
C THR A 63 3.64 9.20 -3.58
N SER A 64 4.08 9.55 -4.81
CA SER A 64 3.20 9.48 -5.97
C SER A 64 2.87 8.03 -6.23
N LEU A 65 3.88 7.15 -6.08
CA LEU A 65 3.67 5.74 -6.33
C LEU A 65 2.68 5.20 -5.33
N ALA A 66 2.80 5.62 -4.04
CA ALA A 66 1.90 5.15 -3.01
C ALA A 66 0.49 5.58 -3.33
N LYS A 67 0.32 6.83 -3.79
CA LYS A 67 -1.00 7.32 -4.12
C LYS A 67 -1.56 6.52 -5.27
N SER A 68 -0.72 6.18 -6.25
CA SER A 68 -1.17 5.41 -7.40
C SER A 68 -1.61 4.05 -6.95
N LEU A 69 -0.88 3.45 -6.00
CA LEU A 69 -1.20 2.13 -5.51
C LEU A 69 -2.55 2.15 -4.86
N ILE A 70 -2.82 3.18 -4.02
CA ILE A 70 -4.09 3.28 -3.34
C ILE A 70 -5.19 3.47 -4.35
N LYS A 71 -4.97 4.32 -5.38
CA LYS A 71 -5.98 4.55 -6.38
C LYS A 71 -6.27 3.25 -7.09
N SER A 72 -5.21 2.45 -7.35
CA SER A 72 -5.39 1.17 -8.02
C SER A 72 -6.25 0.29 -7.15
N TRP A 73 -6.02 0.34 -5.82
CA TRP A 73 -6.79 -0.46 -4.89
C TRP A 73 -8.24 -0.08 -4.99
N LYS A 74 -8.51 1.25 -5.04
CA LYS A 74 -9.87 1.74 -5.12
C LYS A 74 -10.50 1.27 -6.39
N LYS A 75 -9.73 1.25 -7.52
CA LYS A 75 -10.29 0.81 -8.78
C LYS A 75 -10.67 -0.64 -8.64
N LEU A 76 -9.84 -1.43 -7.94
CA LEU A 76 -10.12 -2.85 -7.75
C LEU A 76 -11.35 -2.99 -6.90
N LEU A 77 -11.52 -2.11 -5.89
CA LEU A 77 -12.68 -2.19 -5.02
C LEU A 77 -13.91 -1.91 -5.83
N ASP A 78 -13.80 -0.97 -6.80
CA ASP A 78 -14.92 -0.61 -7.64
C ASP A 78 -15.92 0.13 -6.79
N GLY A 79 -15.41 0.96 -5.87
CA GLY A 79 -16.30 1.73 -5.02
C GLY A 79 -15.48 2.80 -4.38
N PRO A 80 -14.99 3.71 -5.19
CA PRO A 80 -14.16 4.81 -4.71
C PRO A 80 -14.93 5.85 -3.96
N SER A 81 -16.27 5.91 -4.19
CA SER A 81 -17.10 6.90 -3.54
C SER A 81 -17.09 6.69 -2.05
N THR A 82 -17.15 5.41 -1.59
CA THR A 82 -17.20 5.17 -0.17
C THR A 82 -15.82 5.31 0.43
N GLU A 83 -14.76 4.98 -0.34
CA GLU A 83 -13.42 5.10 0.19
C GLU A 83 -13.07 6.57 0.28
N LYS A 84 -13.42 7.35 -0.76
CA LYS A 84 -13.12 8.77 -0.76
C LYS A 84 -13.90 9.46 0.34
N ASP A 85 -15.17 9.08 0.52
CA ASP A 85 -15.99 9.69 1.53
C ASP A 85 -16.04 8.76 2.71
N LEU A 86 -14.91 8.09 2.99
CA LEU A 86 -14.87 7.18 4.11
C LEU A 86 -14.95 7.98 5.36
N ASP A 87 -16.06 7.83 6.10
CA ASP A 87 -16.24 8.56 7.33
C ASP A 87 -16.99 7.65 8.26
N GLU A 88 -17.10 6.36 7.90
CA GLU A 88 -17.79 5.41 8.73
C GLU A 88 -16.76 4.76 9.61
N LYS A 89 -15.48 5.09 9.36
CA LYS A 89 -14.41 4.53 10.14
C LYS A 89 -13.56 5.68 10.60
N LYS A 90 -12.93 5.52 11.78
CA LYS A 90 -12.09 6.57 12.31
C LYS A 90 -10.72 6.38 11.73
N LYS A 91 -10.20 7.43 11.06
CA LYS A 91 -8.89 7.35 10.47
C LYS A 91 -7.92 7.90 11.48
N GLU A 92 -6.92 7.07 11.87
CA GLU A 92 -5.93 7.51 12.82
C GLU A 92 -4.87 8.25 12.06
N PRO A 93 -4.30 9.26 12.67
CA PRO A 93 -3.25 10.06 12.05
C PRO A 93 -1.96 9.32 11.88
N ALA A 94 -1.75 8.28 12.73
CA ALA A 94 -0.54 7.52 12.65
C ALA A 94 -0.87 6.16 13.18
N ILE A 95 -0.13 5.13 12.70
CA ILE A 95 -0.37 3.78 13.15
C ILE A 95 0.84 3.35 13.91
N THR A 96 0.64 2.93 15.18
CA THR A 96 1.74 2.50 16.00
C THR A 96 1.89 0.98 15.83
N MET A 1 -0.68 -17.91 -2.72
CA MET A 1 0.06 -16.65 -3.06
C MET A 1 0.14 -15.74 -1.87
N GLU A 2 -0.71 -15.97 -0.85
CA GLU A 2 -0.72 -15.14 0.33
C GLU A 2 0.61 -15.26 1.04
N ASP A 3 1.19 -16.48 1.07
CA ASP A 3 2.46 -16.66 1.74
C ASP A 3 3.51 -15.84 1.04
N GLU A 4 3.47 -15.80 -0.31
CA GLU A 4 4.46 -15.06 -1.07
C GLU A 4 4.29 -13.58 -0.82
N VAL A 5 3.02 -13.10 -0.79
CA VAL A 5 2.77 -11.69 -0.58
C VAL A 5 3.22 -11.30 0.80
N VAL A 6 2.95 -12.17 1.80
CA VAL A 6 3.32 -11.89 3.17
C VAL A 6 4.82 -11.79 3.26
N ARG A 7 5.54 -12.68 2.54
CA ARG A 7 7.00 -12.66 2.57
C ARG A 7 7.50 -11.32 2.07
N PHE A 8 6.90 -10.79 1.00
CA PHE A 8 7.33 -9.51 0.48
C PHE A 8 7.03 -8.44 1.49
N ALA A 9 5.87 -8.52 2.17
CA ALA A 9 5.50 -7.53 3.14
C ALA A 9 6.50 -7.56 4.27
N LYS A 10 6.94 -8.77 4.68
CA LYS A 10 7.90 -8.90 5.76
C LYS A 10 9.18 -8.22 5.35
N LYS A 11 9.63 -8.45 4.09
CA LYS A 11 10.85 -7.85 3.61
C LYS A 11 10.69 -6.35 3.58
N MET A 12 9.50 -5.86 3.15
CA MET A 12 9.26 -4.44 3.09
C MET A 12 9.33 -3.86 4.47
N ASP A 13 8.80 -4.60 5.48
CA ASP A 13 8.83 -4.12 6.84
C ASP A 13 10.26 -3.96 7.27
N LYS A 14 11.15 -4.89 6.87
CA LYS A 14 12.53 -4.80 7.23
C LYS A 14 13.14 -3.61 6.53
N MET A 15 12.76 -3.37 5.25
CA MET A 15 13.30 -2.27 4.50
C MET A 15 12.91 -0.95 5.12
N VAL A 16 11.64 -0.80 5.57
CA VAL A 16 11.21 0.46 6.14
C VAL A 16 11.88 0.63 7.48
N GLN A 17 12.16 -0.50 8.19
CA GLN A 17 12.78 -0.44 9.49
C GLN A 17 14.18 0.10 9.34
N LYS A 18 14.90 -0.32 8.26
CA LYS A 18 16.26 0.14 8.06
C LYS A 18 16.22 1.44 7.30
N LYS A 19 15.01 1.89 6.90
CA LYS A 19 14.86 3.12 6.17
C LYS A 19 15.63 3.02 4.87
N ASN A 20 15.53 1.85 4.20
CA ASN A 20 16.22 1.67 2.95
C ASN A 20 15.27 2.10 1.87
N ALA A 21 15.38 3.39 1.45
CA ALA A 21 14.50 3.92 0.44
C ALA A 21 14.74 3.22 -0.88
N ALA A 22 16.01 2.94 -1.23
CA ALA A 22 16.32 2.31 -2.49
C ALA A 22 15.72 0.92 -2.52
N GLY A 23 15.87 0.16 -1.41
CA GLY A 23 15.36 -1.20 -1.36
C GLY A 23 13.86 -1.17 -1.47
N ALA A 24 13.22 -0.21 -0.77
CA ALA A 24 11.78 -0.11 -0.79
C ALA A 24 11.31 0.20 -2.19
N LEU A 25 12.02 1.07 -2.90
CA LEU A 25 11.63 1.45 -4.25
C LEU A 25 11.66 0.23 -5.14
N ASP A 26 12.72 -0.59 -5.01
CA ASP A 26 12.84 -1.78 -5.85
C ASP A 26 11.69 -2.71 -5.57
N LEU A 27 11.31 -2.87 -4.28
CA LEU A 27 10.22 -3.76 -3.94
C LEU A 27 8.92 -3.24 -4.49
N LEU A 28 8.72 -1.91 -4.44
CA LEU A 28 7.48 -1.33 -4.94
C LEU A 28 7.39 -1.54 -6.43
N LYS A 29 8.53 -1.42 -7.14
CA LYS A 29 8.54 -1.61 -8.57
C LYS A 29 8.16 -3.04 -8.88
N GLU A 30 8.71 -3.99 -8.10
CA GLU A 30 8.41 -5.39 -8.33
C GLU A 30 6.94 -5.63 -8.11
N LEU A 31 6.37 -5.01 -7.05
CA LEU A 31 4.96 -5.19 -6.75
C LEU A 31 4.15 -4.65 -7.90
N LYS A 32 4.61 -3.55 -8.51
CA LYS A 32 3.89 -2.96 -9.61
C LYS A 32 3.84 -3.93 -10.77
N ASN A 33 4.90 -4.75 -10.96
CA ASN A 33 4.91 -5.68 -12.07
C ASN A 33 4.22 -6.97 -11.70
N ILE A 34 3.97 -7.21 -10.39
CA ILE A 34 3.28 -8.43 -10.00
C ILE A 34 1.84 -8.07 -9.72
N PRO A 35 0.93 -8.65 -10.48
CA PRO A 35 -0.49 -8.38 -10.28
C PRO A 35 -1.02 -9.02 -9.04
N MET A 36 -1.89 -8.29 -8.31
CA MET A 36 -2.47 -8.82 -7.10
C MET A 36 -3.90 -8.38 -7.09
N THR A 37 -4.77 -9.18 -6.42
CA THR A 37 -6.17 -8.83 -6.36
C THR A 37 -6.35 -7.91 -5.18
N LEU A 38 -7.52 -7.25 -5.12
CA LEU A 38 -7.79 -6.33 -4.03
C LEU A 38 -7.89 -7.11 -2.74
N GLU A 39 -8.39 -8.36 -2.82
CA GLU A 39 -8.53 -9.18 -1.63
C GLU A 39 -7.18 -9.51 -1.08
N LEU A 40 -6.19 -9.81 -1.96
CA LEU A 40 -4.87 -10.16 -1.48
C LEU A 40 -4.24 -8.97 -0.80
N LEU A 41 -4.43 -7.76 -1.38
CA LEU A 41 -3.83 -6.57 -0.82
C LEU A 41 -4.48 -6.28 0.53
N GLN A 42 -5.81 -6.38 0.60
CA GLN A 42 -6.51 -6.08 1.84
C GLN A 42 -6.22 -7.12 2.88
N SER A 43 -6.20 -8.42 2.51
CA SER A 43 -5.98 -9.47 3.47
C SER A 43 -4.56 -9.46 4.00
N THR A 44 -3.57 -9.15 3.13
CA THR A 44 -2.20 -9.16 3.58
C THR A 44 -1.87 -7.86 4.26
N ARG A 45 -2.68 -6.81 3.99
CA ARG A 45 -2.44 -5.51 4.60
C ARG A 45 -1.08 -5.01 4.15
N ILE A 46 -0.67 -5.38 2.92
CA ILE A 46 0.61 -4.94 2.42
C ILE A 46 0.53 -3.47 2.11
N GLY A 47 -0.72 -2.96 1.92
CA GLY A 47 -0.93 -1.57 1.64
C GLY A 47 -0.43 -0.75 2.79
N MET A 48 -0.63 -1.26 4.03
CA MET A 48 -0.21 -0.55 5.21
C MET A 48 1.30 -0.42 5.19
N SER A 49 2.01 -1.49 4.76
CA SER A 49 3.46 -1.44 4.72
C SER A 49 3.88 -0.39 3.72
N VAL A 50 3.18 -0.33 2.56
CA VAL A 50 3.50 0.64 1.55
C VAL A 50 3.26 2.02 2.10
N ASN A 51 2.13 2.20 2.81
CA ASN A 51 1.78 3.49 3.37
C ASN A 51 2.84 3.89 4.38
N ALA A 52 3.32 2.93 5.20
CA ALA A 52 4.33 3.25 6.21
C ALA A 52 5.58 3.72 5.51
N ILE A 53 5.95 3.07 4.40
CA ILE A 53 7.15 3.46 3.67
C ILE A 53 6.93 4.83 3.10
N ARG A 54 5.71 5.11 2.58
CA ARG A 54 5.43 6.40 1.99
C ARG A 54 5.62 7.47 3.02
N LYS A 55 5.15 7.23 4.26
CA LYS A 55 5.26 8.20 5.32
C LYS A 55 6.72 8.47 5.64
N GLN A 56 7.56 7.42 5.60
CA GLN A 56 8.96 7.58 5.94
C GLN A 56 9.77 7.85 4.70
N SER A 57 9.12 8.13 3.54
CA SER A 57 9.85 8.36 2.33
C SER A 57 9.61 9.78 1.90
N THR A 58 10.70 10.53 1.64
CA THR A 58 10.56 11.90 1.20
C THR A 58 10.77 11.92 -0.29
N ASP A 59 10.91 10.71 -0.90
CA ASP A 59 11.12 10.63 -2.33
C ASP A 59 9.78 10.78 -2.99
N GLU A 60 9.65 11.82 -3.85
CA GLU A 60 8.41 12.10 -4.53
C GLU A 60 8.06 10.93 -5.42
N GLU A 61 9.06 10.32 -6.07
CA GLU A 61 8.81 9.21 -6.98
C GLU A 61 8.18 8.07 -6.21
N VAL A 62 8.70 7.79 -5.00
CA VAL A 62 8.17 6.69 -4.19
C VAL A 62 6.75 7.02 -3.79
N THR A 63 6.50 8.28 -3.36
CA THR A 63 5.16 8.65 -2.94
C THR A 63 4.22 8.61 -4.10
N SER A 64 4.70 8.99 -5.31
CA SER A 64 3.85 8.99 -6.48
C SER A 64 3.41 7.58 -6.78
N LEU A 65 4.34 6.60 -6.63
CA LEU A 65 4.02 5.22 -6.91
C LEU A 65 3.02 4.74 -5.89
N ALA A 66 3.20 5.14 -4.61
CA ALA A 66 2.31 4.70 -3.57
C ALA A 66 0.91 5.21 -3.84
N LYS A 67 0.80 6.48 -4.31
CA LYS A 67 -0.50 7.05 -4.60
C LYS A 67 -1.16 6.26 -5.70
N SER A 68 -0.38 5.84 -6.71
CA SER A 68 -0.93 5.08 -7.81
C SER A 68 -1.43 3.75 -7.32
N LEU A 69 -0.67 3.11 -6.40
CA LEU A 69 -1.05 1.81 -5.88
C LEU A 69 -2.37 1.92 -5.14
N ILE A 70 -2.51 2.94 -4.28
CA ILE A 70 -3.73 3.10 -3.51
C ILE A 70 -4.88 3.38 -4.45
N LYS A 71 -4.67 4.26 -5.46
CA LYS A 71 -5.72 4.59 -6.40
C LYS A 71 -6.11 3.35 -7.17
N SER A 72 -5.11 2.54 -7.57
CA SER A 72 -5.38 1.33 -8.33
C SER A 72 -6.25 0.42 -7.50
N TRP A 73 -5.94 0.29 -6.19
CA TRP A 73 -6.70 -0.58 -5.32
C TRP A 73 -8.13 -0.07 -5.27
N LYS A 74 -8.31 1.26 -5.14
CA LYS A 74 -9.63 1.83 -5.07
C LYS A 74 -10.36 1.56 -6.36
N LYS A 75 -9.65 1.64 -7.51
CA LYS A 75 -10.28 1.38 -8.79
C LYS A 75 -10.76 -0.04 -8.81
N LEU A 76 -9.92 -0.98 -8.31
CA LEU A 76 -10.28 -2.37 -8.27
C LEU A 76 -11.44 -2.57 -7.33
N LEU A 77 -11.47 -1.80 -6.22
CA LEU A 77 -12.55 -1.93 -5.25
C LEU A 77 -13.83 -1.53 -5.92
N ASP A 78 -13.77 -0.48 -6.76
CA ASP A 78 -14.94 0.01 -7.46
C ASP A 78 -15.88 0.62 -6.44
N GLY A 79 -15.31 1.31 -5.44
CA GLY A 79 -16.12 1.94 -4.44
C GLY A 79 -15.26 2.93 -3.71
N PRO A 80 -14.85 3.95 -4.42
CA PRO A 80 -14.00 5.00 -3.86
C PRO A 80 -14.74 5.92 -2.94
N SER A 81 -16.09 5.90 -3.01
CA SER A 81 -16.90 6.77 -2.18
C SER A 81 -16.70 6.44 -0.73
N THR A 82 -16.56 5.14 -0.39
CA THR A 82 -16.41 4.75 1.00
C THR A 82 -15.01 5.08 1.48
N GLU A 83 -14.08 5.41 0.56
CA GLU A 83 -12.72 5.70 0.96
C GLU A 83 -12.56 7.20 0.99
N LYS A 84 -13.07 7.88 -0.06
CA LYS A 84 -12.96 9.32 -0.15
C LYS A 84 -13.73 9.95 0.97
N ASP A 85 -14.93 9.39 1.28
CA ASP A 85 -15.76 9.94 2.32
C ASP A 85 -15.65 9.06 3.53
N LEU A 86 -14.46 8.45 3.72
CA LEU A 86 -14.27 7.58 4.86
C LEU A 86 -14.29 8.43 6.09
N ASP A 87 -15.34 8.26 6.91
CA ASP A 87 -15.45 9.04 8.12
C ASP A 87 -16.41 8.30 9.01
N GLU A 88 -17.66 8.13 8.52
CA GLU A 88 -18.65 7.44 9.31
C GLU A 88 -18.77 6.05 8.73
N LYS A 89 -18.04 5.09 9.32
CA LYS A 89 -18.08 3.74 8.84
C LYS A 89 -18.59 2.89 9.96
N LYS A 90 -19.75 2.23 9.76
CA LYS A 90 -20.33 1.40 10.79
C LYS A 90 -19.43 0.22 11.01
N LYS A 91 -18.96 -0.38 9.90
CA LYS A 91 -18.09 -1.52 9.99
C LYS A 91 -17.64 -1.78 8.59
N GLU A 92 -16.40 -2.27 8.40
CA GLU A 92 -15.93 -2.54 7.06
C GLU A 92 -16.67 -3.75 6.56
N PRO A 93 -16.91 -3.80 5.27
CA PRO A 93 -17.61 -4.93 4.64
C PRO A 93 -16.87 -6.22 4.82
N ALA A 94 -17.63 -7.34 4.93
CA ALA A 94 -17.02 -8.63 5.11
C ALA A 94 -16.33 -9.00 3.83
N ILE A 95 -15.14 -9.62 3.94
CA ILE A 95 -14.39 -10.01 2.78
C ILE A 95 -14.35 -11.50 2.76
N THR A 96 -14.83 -12.12 1.65
CA THR A 96 -14.84 -13.56 1.53
C THR A 96 -15.75 -14.13 2.63
N MET A 1 1.69 -19.16 -3.97
CA MET A 1 2.11 -17.76 -4.24
C MET A 1 1.73 -16.85 -3.11
N GLU A 2 0.72 -17.26 -2.29
CA GLU A 2 0.28 -16.45 -1.18
C GLU A 2 1.42 -16.31 -0.22
N ASP A 3 2.18 -17.40 0.01
CA ASP A 3 3.30 -17.36 0.93
C ASP A 3 4.33 -16.38 0.42
N GLU A 4 4.56 -16.35 -0.90
CA GLU A 4 5.54 -15.46 -1.47
C GLU A 4 5.12 -14.03 -1.23
N VAL A 5 3.81 -13.73 -1.39
CA VAL A 5 3.32 -12.40 -1.18
C VAL A 5 3.50 -12.02 0.27
N VAL A 6 3.23 -12.96 1.19
CA VAL A 6 3.37 -12.70 2.62
C VAL A 6 4.81 -12.40 2.92
N ARG A 7 5.75 -13.20 2.36
CA ARG A 7 7.16 -13.00 2.61
C ARG A 7 7.57 -11.65 2.07
N PHE A 8 7.02 -11.27 0.90
CA PHE A 8 7.37 -10.00 0.29
C PHE A 8 6.94 -8.89 1.23
N ALA A 9 5.73 -9.00 1.80
CA ALA A 9 5.23 -7.99 2.71
C ALA A 9 6.12 -7.94 3.92
N LYS A 10 6.58 -9.10 4.41
CA LYS A 10 7.44 -9.14 5.57
C LYS A 10 8.72 -8.41 5.24
N LYS A 11 9.24 -8.61 4.01
CA LYS A 11 10.47 -7.95 3.60
C LYS A 11 10.24 -6.45 3.61
N MET A 12 9.06 -6.01 3.13
CA MET A 12 8.77 -4.59 3.10
C MET A 12 8.75 -4.04 4.51
N ASP A 13 8.20 -4.82 5.46
CA ASP A 13 8.13 -4.38 6.84
C ASP A 13 9.53 -4.21 7.37
N LYS A 14 10.45 -5.13 7.01
CA LYS A 14 11.81 -5.03 7.48
C LYS A 14 12.47 -3.82 6.86
N MET A 15 12.18 -3.55 5.57
CA MET A 15 12.81 -2.44 4.88
C MET A 15 12.40 -1.13 5.52
N VAL A 16 11.11 -0.96 5.88
CA VAL A 16 10.68 0.29 6.48
C VAL A 16 11.22 0.38 7.89
N GLN A 17 11.43 -0.79 8.55
CA GLN A 17 11.94 -0.79 9.89
C GLN A 17 13.36 -0.28 9.90
N LYS A 18 14.15 -0.67 8.88
CA LYS A 18 15.53 -0.24 8.83
C LYS A 18 15.61 1.07 8.08
N LYS A 19 14.47 1.54 7.54
CA LYS A 19 14.42 2.79 6.80
C LYS A 19 15.35 2.69 5.62
N ASN A 20 15.30 1.54 4.91
CA ASN A 20 16.14 1.36 3.75
C ASN A 20 15.40 1.87 2.56
N ALA A 21 15.45 3.21 2.34
CA ALA A 21 14.78 3.80 1.21
C ALA A 21 15.42 3.28 -0.05
N ALA A 22 16.78 3.15 -0.04
CA ALA A 22 17.49 2.68 -1.20
C ALA A 22 17.41 1.17 -1.24
N GLY A 23 16.17 0.65 -1.29
CA GLY A 23 15.97 -0.76 -1.35
C GLY A 23 14.49 -0.96 -1.43
N ALA A 24 13.77 -0.32 -0.48
CA ALA A 24 12.33 -0.39 -0.45
C ALA A 24 11.78 0.24 -1.70
N LEU A 25 12.41 1.33 -2.17
CA LEU A 25 11.94 2.02 -3.36
C LEU A 25 12.00 1.07 -4.52
N ASP A 26 13.08 0.27 -4.63
CA ASP A 26 13.21 -0.66 -5.72
C ASP A 26 12.10 -1.68 -5.65
N LEU A 27 11.76 -2.12 -4.42
CA LEU A 27 10.71 -3.10 -4.25
C LEU A 27 9.40 -2.51 -4.70
N LEU A 28 9.16 -1.21 -4.41
CA LEU A 28 7.92 -0.56 -4.81
C LEU A 28 7.85 -0.55 -6.32
N LYS A 29 8.99 -0.30 -6.99
CA LYS A 29 9.01 -0.27 -8.44
C LYS A 29 8.63 -1.63 -8.96
N GLU A 30 9.12 -2.70 -8.29
CA GLU A 30 8.80 -4.04 -8.72
C GLU A 30 7.32 -4.27 -8.58
N LEU A 31 6.71 -3.76 -7.48
CA LEU A 31 5.29 -3.94 -7.25
C LEU A 31 4.52 -3.26 -8.35
N LYS A 32 5.01 -2.09 -8.82
CA LYS A 32 4.32 -1.37 -9.85
C LYS A 32 4.28 -2.18 -11.13
N ASN A 33 5.37 -2.95 -11.42
CA ASN A 33 5.40 -3.70 -12.65
C ASN A 33 4.78 -5.06 -12.47
N ILE A 34 4.54 -5.50 -11.21
CA ILE A 34 3.95 -6.81 -10.99
C ILE A 34 2.53 -6.60 -10.55
N PRO A 35 1.58 -7.10 -11.31
CA PRO A 35 0.18 -6.96 -10.97
C PRO A 35 -0.22 -7.80 -9.80
N MET A 36 -1.21 -7.32 -9.02
CA MET A 36 -1.65 -8.05 -7.86
C MET A 36 -3.14 -8.20 -7.99
N THR A 37 -3.68 -9.34 -7.51
CA THR A 37 -5.10 -9.57 -7.58
C THR A 37 -5.72 -9.05 -6.32
N LEU A 38 -7.06 -8.88 -6.32
CA LEU A 38 -7.75 -8.39 -5.15
C LEU A 38 -7.66 -9.42 -4.06
N GLU A 39 -7.62 -10.73 -4.44
CA GLU A 39 -7.56 -11.78 -3.45
C GLU A 39 -6.26 -11.69 -2.71
N LEU A 40 -5.16 -11.38 -3.42
CA LEU A 40 -3.87 -11.28 -2.78
C LEU A 40 -3.87 -10.11 -1.85
N LEU A 41 -4.51 -8.99 -2.26
CA LEU A 41 -4.55 -7.80 -1.43
C LEU A 41 -5.44 -8.05 -0.23
N GLN A 42 -6.57 -8.76 -0.43
CA GLN A 42 -7.47 -9.01 0.68
C GLN A 42 -6.81 -9.93 1.67
N SER A 43 -6.12 -11.00 1.19
CA SER A 43 -5.48 -11.93 2.10
C SER A 43 -4.26 -11.32 2.70
N THR A 44 -3.48 -10.56 1.89
CA THR A 44 -2.29 -9.94 2.40
C THR A 44 -2.47 -8.47 2.24
N ARG A 45 -2.69 -7.77 3.36
CA ARG A 45 -2.88 -6.33 3.30
C ARG A 45 -1.53 -5.69 3.13
N ILE A 46 -0.94 -5.81 1.92
CA ILE A 46 0.34 -5.22 1.63
C ILE A 46 0.15 -3.73 1.52
N GLY A 47 -1.12 -3.29 1.34
CA GLY A 47 -1.42 -1.88 1.22
C GLY A 47 -1.02 -1.18 2.49
N MET A 48 -1.21 -1.86 3.65
CA MET A 48 -0.86 -1.26 4.91
C MET A 48 0.62 -1.02 4.96
N SER A 49 1.42 -1.97 4.42
CA SER A 49 2.87 -1.81 4.42
C SER A 49 3.23 -0.65 3.54
N VAL A 50 2.53 -0.52 2.38
CA VAL A 50 2.80 0.56 1.46
C VAL A 50 2.46 1.87 2.13
N ASN A 51 1.33 1.91 2.86
CA ASN A 51 0.94 3.12 3.55
C ASN A 51 1.97 3.43 4.61
N ALA A 52 2.52 2.38 5.27
CA ALA A 52 3.50 2.58 6.30
C ALA A 52 4.74 3.23 5.73
N ILE A 53 5.20 2.80 4.52
CA ILE A 53 6.39 3.40 3.95
C ILE A 53 6.09 4.80 3.52
N ARG A 54 4.81 5.09 3.21
CA ARG A 54 4.42 6.42 2.79
C ARG A 54 4.73 7.38 3.92
N LYS A 55 4.43 6.97 5.16
CA LYS A 55 4.67 7.82 6.31
C LYS A 55 6.15 7.96 6.54
N GLN A 56 6.97 6.99 6.06
CA GLN A 56 8.39 7.05 6.29
C GLN A 56 9.07 7.62 5.06
N SER A 57 8.31 8.22 4.13
CA SER A 57 8.92 8.77 2.94
C SER A 57 8.30 10.10 2.66
N THR A 58 9.14 11.08 2.25
CA THR A 58 8.65 12.40 1.96
C THR A 58 8.71 12.59 0.47
N ASP A 59 8.92 11.48 -0.28
CA ASP A 59 9.00 11.58 -1.72
C ASP A 59 7.59 11.61 -2.26
N GLU A 60 7.31 12.60 -3.13
CA GLU A 60 6.00 12.74 -3.72
C GLU A 60 5.70 11.54 -4.58
N GLU A 61 6.71 11.04 -5.31
CA GLU A 61 6.51 9.90 -6.19
C GLU A 61 6.08 8.71 -5.37
N VAL A 62 6.72 8.51 -4.19
CA VAL A 62 6.37 7.38 -3.36
C VAL A 62 4.96 7.53 -2.87
N THR A 63 4.56 8.75 -2.45
CA THR A 63 3.21 8.95 -1.96
C THR A 63 2.23 8.75 -3.09
N SER A 64 2.59 9.17 -4.31
CA SER A 64 1.71 9.02 -5.45
C SER A 64 1.50 7.55 -5.71
N LEU A 65 2.59 6.75 -5.62
CA LEU A 65 2.49 5.33 -5.87
C LEU A 65 1.59 4.70 -4.84
N ALA A 66 1.72 5.12 -3.56
CA ALA A 66 0.90 4.56 -2.50
C ALA A 66 -0.56 4.86 -2.78
N LYS A 67 -0.85 6.10 -3.23
CA LYS A 67 -2.23 6.49 -3.50
C LYS A 67 -2.77 5.65 -4.62
N SER A 68 -1.93 5.39 -5.65
CA SER A 68 -2.38 4.62 -6.79
C SER A 68 -2.70 3.21 -6.37
N LEU A 69 -1.87 2.61 -5.49
CA LEU A 69 -2.08 1.25 -5.06
C LEU A 69 -3.37 1.15 -4.28
N ILE A 70 -3.60 2.09 -3.34
CA ILE A 70 -4.81 2.04 -2.53
C ILE A 70 -6.01 2.22 -3.40
N LYS A 71 -5.98 3.19 -4.33
CA LYS A 71 -7.12 3.42 -5.20
C LYS A 71 -7.35 2.23 -6.09
N SER A 72 -6.27 1.59 -6.58
CA SER A 72 -6.43 0.44 -7.45
C SER A 72 -7.12 -0.67 -6.71
N TRP A 73 -6.73 -0.90 -5.43
CA TRP A 73 -7.33 -1.95 -4.64
C TRP A 73 -8.80 -1.64 -4.45
N LYS A 74 -9.12 -0.37 -4.10
CA LYS A 74 -10.49 0.02 -3.87
C LYS A 74 -11.27 -0.11 -5.14
N LYS A 75 -10.65 0.22 -6.30
CA LYS A 75 -11.33 0.13 -7.57
C LYS A 75 -11.72 -1.31 -7.81
N LEU A 76 -10.78 -2.25 -7.54
CA LEU A 76 -11.06 -3.66 -7.75
C LEU A 76 -12.14 -4.10 -6.81
N LEU A 77 -12.13 -3.56 -5.57
CA LEU A 77 -13.11 -3.91 -4.57
C LEU A 77 -14.47 -3.47 -5.04
N ASP A 78 -14.53 -2.30 -5.70
CA ASP A 78 -15.78 -1.74 -6.18
C ASP A 78 -16.52 -1.19 -4.99
N GLY A 79 -15.76 -0.69 -3.99
CA GLY A 79 -16.40 -0.13 -2.82
C GLY A 79 -15.53 0.98 -2.31
N PRO A 80 -15.44 2.03 -3.08
CA PRO A 80 -14.65 3.20 -2.72
C PRO A 80 -15.31 4.08 -1.71
N SER A 81 -16.60 3.79 -1.41
CA SER A 81 -17.35 4.58 -0.46
C SER A 81 -16.70 4.50 0.89
N THR A 82 -16.20 3.30 1.28
CA THR A 82 -15.59 3.14 2.57
C THR A 82 -14.28 3.90 2.61
N GLU A 83 -13.58 4.01 1.44
CA GLU A 83 -12.34 4.72 1.41
C GLU A 83 -12.60 6.18 1.63
N LYS A 84 -13.68 6.70 1.00
CA LYS A 84 -14.01 8.10 1.15
C LYS A 84 -14.34 8.38 2.58
N ASP A 85 -15.10 7.46 3.23
CA ASP A 85 -15.47 7.64 4.61
C ASP A 85 -14.23 7.64 5.46
N LEU A 86 -13.28 6.72 5.17
CA LEU A 86 -12.07 6.66 5.95
C LEU A 86 -11.04 7.52 5.29
N ASP A 87 -11.21 8.86 5.38
CA ASP A 87 -10.28 9.76 4.77
C ASP A 87 -10.43 11.07 5.46
N GLU A 88 -9.43 11.96 5.31
CA GLU A 88 -9.50 13.25 5.95
C GLU A 88 -10.28 14.15 5.03
N LYS A 89 -11.62 14.16 5.20
CA LYS A 89 -12.45 15.00 4.38
C LYS A 89 -12.34 16.40 4.90
N LYS A 90 -12.36 17.38 3.97
CA LYS A 90 -12.25 18.76 4.36
C LYS A 90 -13.29 19.52 3.59
N LYS A 91 -14.10 20.33 4.29
CA LYS A 91 -15.13 21.09 3.63
C LYS A 91 -14.58 22.47 3.42
N GLU A 92 -14.53 22.92 2.14
CA GLU A 92 -14.03 24.24 1.84
C GLU A 92 -15.10 25.21 2.24
N PRO A 93 -14.70 26.43 2.57
CA PRO A 93 -15.65 27.45 2.96
C PRO A 93 -16.45 27.96 1.81
N ALA A 94 -17.74 28.30 2.07
CA ALA A 94 -18.61 28.81 1.03
C ALA A 94 -18.08 30.14 0.58
N ILE A 95 -17.58 30.96 1.53
CA ILE A 95 -17.05 32.25 1.20
C ILE A 95 -15.57 32.11 1.10
N THR A 96 -15.00 32.40 -0.09
CA THR A 96 -13.58 32.30 -0.27
C THR A 96 -13.19 33.24 -1.40
N MET A 1 0.15 -18.13 -3.63
CA MET A 1 0.72 -16.79 -3.93
C MET A 1 0.61 -15.86 -2.75
N GLU A 2 -0.31 -16.19 -1.80
CA GLU A 2 -0.49 -15.37 -0.63
C GLU A 2 0.78 -15.39 0.17
N ASP A 3 1.44 -16.57 0.25
CA ASP A 3 2.67 -16.68 1.00
C ASP A 3 3.72 -15.79 0.38
N GLU A 4 3.76 -15.72 -0.97
CA GLU A 4 4.76 -14.89 -1.62
C GLU A 4 4.51 -13.46 -1.29
N VAL A 5 3.21 -13.04 -1.24
CA VAL A 5 2.89 -11.66 -0.94
C VAL A 5 3.33 -11.36 0.46
N VAL A 6 3.13 -12.31 1.40
CA VAL A 6 3.52 -12.11 2.78
C VAL A 6 5.02 -11.93 2.84
N ARG A 7 5.79 -12.75 2.07
CA ARG A 7 7.23 -12.65 2.09
C ARG A 7 7.65 -11.28 1.62
N PHE A 8 6.97 -10.73 0.59
CA PHE A 8 7.33 -9.42 0.08
C PHE A 8 7.05 -8.39 1.16
N ALA A 9 5.93 -8.56 1.90
CA ALA A 9 5.59 -7.63 2.95
C ALA A 9 6.65 -7.65 4.02
N LYS A 10 7.15 -8.87 4.35
CA LYS A 10 8.17 -8.99 5.37
C LYS A 10 9.42 -8.32 4.88
N LYS A 11 9.74 -8.47 3.57
CA LYS A 11 10.93 -7.86 3.02
C LYS A 11 10.80 -6.36 3.10
N MET A 12 9.59 -5.83 2.80
CA MET A 12 9.37 -4.39 2.85
C MET A 12 9.57 -3.92 4.27
N ASP A 13 9.10 -4.72 5.26
CA ASP A 13 9.24 -4.33 6.65
C ASP A 13 10.71 -4.23 6.98
N LYS A 14 11.53 -5.15 6.44
CA LYS A 14 12.95 -5.12 6.71
C LYS A 14 13.55 -3.90 6.05
N MET A 15 13.08 -3.56 4.83
CA MET A 15 13.62 -2.43 4.10
C MET A 15 13.34 -1.14 4.85
N VAL A 16 12.13 -0.96 5.42
CA VAL A 16 11.83 0.26 6.14
C VAL A 16 12.61 0.28 7.43
N GLN A 17 12.91 -0.91 7.99
CA GLN A 17 13.64 -0.97 9.24
C GLN A 17 15.04 -0.45 9.01
N LYS A 18 15.64 -0.77 7.84
CA LYS A 18 16.99 -0.33 7.56
C LYS A 18 16.92 0.99 6.84
N LYS A 19 15.69 1.47 6.54
CA LYS A 19 15.51 2.73 5.84
C LYS A 19 16.20 2.65 4.50
N ASN A 20 16.04 1.51 3.80
CA ASN A 20 16.66 1.35 2.51
C ASN A 20 15.66 1.80 1.49
N ALA A 21 15.76 3.09 1.07
CA ALA A 21 14.84 3.64 0.10
C ALA A 21 15.04 2.96 -1.23
N ALA A 22 16.30 2.69 -1.62
CA ALA A 22 16.57 2.07 -2.90
C ALA A 22 15.97 0.69 -2.92
N GLY A 23 16.11 -0.06 -1.82
CA GLY A 23 15.58 -1.40 -1.76
C GLY A 23 14.08 -1.35 -1.88
N ALA A 24 13.46 -0.37 -1.21
CA ALA A 24 12.02 -0.23 -1.24
C ALA A 24 11.57 0.04 -2.65
N LEU A 25 12.32 0.88 -3.39
CA LEU A 25 11.95 1.22 -4.75
C LEU A 25 12.00 -0.02 -5.59
N ASP A 26 13.04 -0.87 -5.40
CA ASP A 26 13.16 -2.08 -6.19
C ASP A 26 11.99 -2.99 -5.91
N LEU A 27 11.55 -3.07 -4.64
CA LEU A 27 10.44 -3.93 -4.30
C LEU A 27 9.18 -3.41 -4.94
N LEU A 28 9.00 -2.08 -4.99
CA LEU A 28 7.82 -1.50 -5.59
C LEU A 28 7.80 -1.84 -7.06
N LYS A 29 8.97 -1.79 -7.72
CA LYS A 29 9.06 -2.08 -9.13
C LYS A 29 8.64 -3.51 -9.36
N GLU A 30 9.12 -4.43 -8.49
CA GLU A 30 8.78 -5.83 -8.63
C GLU A 30 7.31 -6.02 -8.44
N LEU A 31 6.71 -5.27 -7.49
CA LEU A 31 5.29 -5.38 -7.22
C LEU A 31 4.52 -4.98 -8.46
N LYS A 32 4.96 -3.93 -9.16
CA LYS A 32 4.27 -3.48 -10.35
C LYS A 32 4.42 -4.49 -11.44
N ASN A 33 5.52 -5.28 -11.45
CA ASN A 33 5.73 -6.24 -12.52
C ASN A 33 5.05 -7.54 -12.18
N ILE A 34 4.63 -7.75 -10.91
CA ILE A 34 3.97 -8.99 -10.57
C ILE A 34 2.52 -8.66 -10.28
N PRO A 35 1.61 -9.19 -11.07
CA PRO A 35 0.18 -8.95 -10.88
C PRO A 35 -0.32 -9.45 -9.56
N MET A 36 -1.19 -8.65 -8.91
CA MET A 36 -1.76 -9.05 -7.65
C MET A 36 -3.24 -8.87 -7.75
N THR A 37 -4.01 -9.76 -7.09
CA THR A 37 -5.44 -9.66 -7.14
C THR A 37 -5.90 -8.88 -5.95
N LEU A 38 -7.17 -8.40 -5.98
CA LEU A 38 -7.70 -7.63 -4.89
C LEU A 38 -7.83 -8.51 -3.68
N GLU A 39 -8.07 -9.83 -3.89
CA GLU A 39 -8.23 -10.75 -2.78
C GLU A 39 -6.92 -10.83 -2.02
N LEU A 40 -5.78 -10.84 -2.74
CA LEU A 40 -4.50 -10.92 -2.08
C LEU A 40 -4.28 -9.65 -1.30
N LEU A 41 -4.67 -8.51 -1.89
CA LEU A 41 -4.49 -7.23 -1.23
C LEU A 41 -5.37 -7.18 0.01
N GLN A 42 -6.60 -7.72 -0.08
CA GLN A 42 -7.50 -7.71 1.04
C GLN A 42 -6.96 -8.58 2.15
N SER A 43 -6.44 -9.79 1.79
CA SER A 43 -5.92 -10.69 2.81
C SER A 43 -4.62 -10.15 3.35
N THR A 44 -3.78 -9.58 2.47
CA THR A 44 -2.52 -9.06 2.93
C THR A 44 -2.52 -7.61 2.60
N ARG A 45 -2.70 -6.76 3.63
CA ARG A 45 -2.72 -5.33 3.41
C ARG A 45 -1.31 -4.86 3.19
N ILE A 46 -0.85 -4.92 1.92
CA ILE A 46 0.48 -4.49 1.58
C ILE A 46 0.49 -2.98 1.66
N GLY A 47 -0.70 -2.36 1.56
CA GLY A 47 -0.83 -0.92 1.63
C GLY A 47 -0.33 -0.44 2.96
N MET A 48 -0.59 -1.22 4.04
CA MET A 48 -0.17 -0.82 5.36
C MET A 48 1.33 -0.69 5.39
N SER A 49 2.06 -1.67 4.82
CA SER A 49 3.51 -1.63 4.82
C SER A 49 3.98 -0.47 3.98
N VAL A 50 3.30 -0.24 2.83
CA VAL A 50 3.66 0.85 1.95
C VAL A 50 3.45 2.16 2.66
N ASN A 51 2.32 2.28 3.38
CA ASN A 51 2.02 3.51 4.09
C ASN A 51 3.06 3.74 5.17
N ALA A 52 3.47 2.64 5.86
CA ALA A 52 4.44 2.79 6.93
C ALA A 52 5.75 3.30 6.39
N ILE A 53 6.23 2.74 5.25
CA ILE A 53 7.49 3.20 4.70
C ILE A 53 7.31 4.56 4.08
N ARG A 54 6.07 4.88 3.64
CA ARG A 54 5.80 6.17 3.04
C ARG A 54 6.06 7.25 4.05
N LYS A 55 5.66 7.01 5.32
CA LYS A 55 5.84 7.98 6.37
C LYS A 55 7.31 8.26 6.57
N GLN A 56 8.17 7.23 6.45
CA GLN A 56 9.59 7.42 6.68
C GLN A 56 10.27 7.70 5.36
N SER A 57 9.49 7.93 4.28
CA SER A 57 10.09 8.20 2.99
C SER A 57 9.88 9.65 2.68
N THR A 58 10.96 10.34 2.27
CA THR A 58 10.87 11.75 1.95
C THR A 58 10.98 11.89 0.45
N ASP A 59 10.94 10.76 -0.28
CA ASP A 59 11.05 10.82 -1.72
C ASP A 59 9.68 11.03 -2.28
N GLU A 60 9.53 12.09 -3.11
CA GLU A 60 8.25 12.41 -3.71
C GLU A 60 7.83 11.30 -4.63
N GLU A 61 8.79 10.71 -5.38
CA GLU A 61 8.47 9.65 -6.31
C GLU A 61 7.90 8.47 -5.55
N VAL A 62 8.49 8.14 -4.39
CA VAL A 62 8.03 7.01 -3.61
C VAL A 62 6.63 7.28 -3.13
N THR A 63 6.37 8.52 -2.62
CA THR A 63 5.05 8.84 -2.12
C THR A 63 4.06 8.84 -3.27
N SER A 64 4.49 9.30 -4.47
CA SER A 64 3.59 9.34 -5.60
C SER A 64 3.22 7.94 -5.99
N LEU A 65 4.20 7.02 -5.94
CA LEU A 65 3.95 5.64 -6.31
C LEU A 65 2.99 5.02 -5.32
N ALA A 66 3.18 5.34 -4.01
CA ALA A 66 2.32 4.79 -2.99
C ALA A 66 0.92 5.25 -3.21
N LYS A 67 0.74 6.54 -3.58
CA LYS A 67 -0.58 7.09 -3.79
C LYS A 67 -1.24 6.35 -4.93
N SER A 68 -0.47 6.10 -6.02
CA SER A 68 -1.02 5.41 -7.17
C SER A 68 -1.43 4.00 -6.81
N LEU A 69 -0.61 3.33 -5.97
CA LEU A 69 -0.89 1.96 -5.58
C LEU A 69 -2.18 1.92 -4.81
N ILE A 70 -2.37 2.84 -3.85
CA ILE A 70 -3.57 2.84 -3.03
C ILE A 70 -4.76 3.16 -3.91
N LYS A 71 -4.61 4.13 -4.84
CA LYS A 71 -5.71 4.50 -5.71
C LYS A 71 -6.11 3.29 -6.52
N SER A 72 -5.10 2.52 -7.00
CA SER A 72 -5.38 1.33 -7.78
C SER A 72 -6.12 0.33 -6.92
N TRP A 73 -5.74 0.24 -5.62
CA TRP A 73 -6.38 -0.69 -4.72
C TRP A 73 -7.84 -0.33 -4.61
N LYS A 74 -8.15 0.97 -4.43
CA LYS A 74 -9.51 1.42 -4.29
C LYS A 74 -10.25 1.14 -5.57
N LYS A 75 -9.57 1.34 -6.72
CA LYS A 75 -10.20 1.11 -8.00
C LYS A 75 -10.57 -0.35 -8.15
N LEU A 76 -9.66 -1.25 -7.70
CA LEU A 76 -9.93 -2.67 -7.82
C LEU A 76 -11.14 -3.03 -7.00
N LEU A 77 -11.30 -2.41 -5.80
CA LEU A 77 -12.44 -2.69 -4.96
C LEU A 77 -13.68 -2.22 -5.68
N ASP A 78 -13.59 -1.06 -6.36
CA ASP A 78 -14.70 -0.52 -7.10
C ASP A 78 -15.82 -0.19 -6.14
N GLY A 79 -15.45 0.47 -5.02
CA GLY A 79 -16.44 0.84 -4.04
C GLY A 79 -15.94 0.39 -2.70
N PRO A 80 -14.93 1.08 -2.21
CA PRO A 80 -14.33 0.76 -0.92
C PRO A 80 -15.18 1.18 0.24
N SER A 81 -16.11 2.15 0.01
CA SER A 81 -16.96 2.66 1.05
C SER A 81 -16.17 3.62 1.88
N THR A 82 -15.10 3.12 2.54
CA THR A 82 -14.27 3.96 3.36
C THR A 82 -13.29 4.66 2.44
N GLU A 83 -12.87 5.88 2.85
CA GLU A 83 -11.92 6.66 2.07
C GLU A 83 -12.54 6.98 0.73
N LYS A 84 -13.88 7.17 0.71
CA LYS A 84 -14.55 7.49 -0.53
C LYS A 84 -15.83 8.16 -0.14
N ASP A 85 -16.62 7.49 0.72
CA ASP A 85 -17.88 8.04 1.16
C ASP A 85 -17.70 8.43 2.60
N LEU A 86 -16.42 8.61 3.02
CA LEU A 86 -16.14 8.95 4.39
C LEU A 86 -16.40 10.43 4.53
N ASP A 87 -17.41 10.76 5.35
CA ASP A 87 -17.73 12.14 5.57
C ASP A 87 -18.36 12.25 6.92
N GLU A 88 -18.73 13.47 7.33
CA GLU A 88 -19.33 13.65 8.63
C GLU A 88 -20.82 13.44 8.46
N LYS A 89 -21.24 12.17 8.58
CA LYS A 89 -22.64 11.85 8.44
C LYS A 89 -23.17 11.61 9.82
N LYS A 90 -24.22 12.37 10.21
CA LYS A 90 -24.81 12.22 11.51
C LYS A 90 -26.28 12.03 11.32
N LYS A 91 -26.91 11.25 12.21
CA LYS A 91 -28.33 11.00 12.11
C LYS A 91 -28.80 10.71 13.49
N GLU A 92 -30.14 10.76 13.70
CA GLU A 92 -30.67 10.47 15.01
C GLU A 92 -30.55 8.99 15.22
N PRO A 93 -30.17 8.60 16.41
CA PRO A 93 -30.02 7.19 16.76
C PRO A 93 -31.32 6.45 16.85
N ALA A 94 -32.41 7.20 17.07
CA ALA A 94 -33.70 6.58 17.16
C ALA A 94 -34.71 7.63 16.81
N ILE A 95 -35.90 7.18 16.33
CA ILE A 95 -36.94 8.10 15.96
C ILE A 95 -38.07 7.90 16.92
N THR A 96 -38.46 8.98 17.62
CA THR A 96 -39.55 8.91 18.59
C THR A 96 -39.12 7.95 19.71
N MET A 1 2.77 -18.86 -5.09
CA MET A 1 2.91 -17.37 -5.14
C MET A 1 2.75 -16.77 -3.76
N GLU A 2 2.06 -17.50 -2.85
CA GLU A 2 1.85 -17.00 -1.51
C GLU A 2 3.19 -16.87 -0.85
N ASP A 3 4.09 -17.85 -1.07
CA ASP A 3 5.39 -17.83 -0.45
C ASP A 3 6.15 -16.62 -0.96
N GLU A 4 6.01 -16.29 -2.25
CA GLU A 4 6.71 -15.15 -2.81
C GLU A 4 6.20 -13.89 -2.17
N VAL A 5 4.87 -13.80 -1.95
CA VAL A 5 4.29 -12.63 -1.35
C VAL A 5 4.82 -12.47 0.05
N VAL A 6 4.92 -13.59 0.80
CA VAL A 6 5.43 -13.56 2.16
C VAL A 6 6.86 -13.08 2.13
N ARG A 7 7.65 -13.58 1.16
CA ARG A 7 9.04 -13.20 1.06
C ARG A 7 9.14 -11.71 0.84
N PHE A 8 8.28 -11.15 -0.04
CA PHE A 8 8.32 -9.73 -0.31
C PHE A 8 7.95 -8.98 0.94
N ALA A 9 6.97 -9.49 1.71
CA ALA A 9 6.54 -8.82 2.93
C ALA A 9 7.70 -8.77 3.89
N LYS A 10 8.47 -9.88 3.97
CA LYS A 10 9.61 -9.93 4.87
C LYS A 10 10.60 -8.88 4.42
N LYS A 11 10.82 -8.77 3.10
CA LYS A 11 11.75 -7.79 2.57
C LYS A 11 11.26 -6.41 2.91
N MET A 12 9.94 -6.17 2.81
CA MET A 12 9.39 -4.86 3.11
C MET A 12 9.65 -4.54 4.56
N ASP A 13 9.52 -5.55 5.45
CA ASP A 13 9.73 -5.32 6.85
C ASP A 13 11.16 -4.89 7.07
N LYS A 14 12.12 -5.50 6.35
CA LYS A 14 13.50 -5.13 6.52
C LYS A 14 13.73 -3.75 5.94
N MET A 15 13.11 -3.46 4.78
CA MET A 15 13.30 -2.18 4.14
C MET A 15 12.71 -1.06 4.95
N VAL A 16 11.53 -1.27 5.59
CA VAL A 16 10.92 -0.19 6.35
C VAL A 16 11.76 0.06 7.59
N GLN A 17 12.36 -1.01 8.17
CA GLN A 17 13.16 -0.83 9.37
C GLN A 17 14.40 -0.04 9.03
N LYS A 18 14.99 -0.29 7.84
CA LYS A 18 16.19 0.41 7.46
C LYS A 18 15.82 1.76 6.90
N LYS A 19 14.51 2.00 6.68
CA LYS A 19 14.05 3.26 6.14
C LYS A 19 14.68 3.47 4.80
N ASN A 20 14.69 2.42 3.96
CA ASN A 20 15.30 2.54 2.65
C ASN A 20 14.22 3.04 1.72
N ALA A 21 14.24 4.36 1.43
CA ALA A 21 13.24 4.96 0.57
C ALA A 21 13.39 4.41 -0.83
N ALA A 22 14.65 4.24 -1.30
CA ALA A 22 14.87 3.74 -2.64
C ALA A 22 14.33 2.34 -2.74
N GLY A 23 14.55 1.52 -1.68
CA GLY A 23 14.08 0.15 -1.68
C GLY A 23 12.58 0.15 -1.73
N ALA A 24 11.94 1.08 -0.99
CA ALA A 24 10.50 1.14 -0.95
C ALA A 24 9.97 1.45 -2.33
N LEU A 25 10.64 2.37 -3.05
CA LEU A 25 10.20 2.73 -4.38
C LEU A 25 10.31 1.52 -5.28
N ASP A 26 11.43 0.78 -5.17
CA ASP A 26 11.63 -0.39 -5.99
C ASP A 26 10.55 -1.42 -5.69
N LEU A 27 10.20 -1.57 -4.40
CA LEU A 27 9.19 -2.53 -4.00
C LEU A 27 7.87 -2.15 -4.61
N LEU A 28 7.54 -0.84 -4.63
CA LEU A 28 6.28 -0.39 -5.17
C LEU A 28 6.24 -0.70 -6.65
N LYS A 29 7.39 -0.51 -7.35
CA LYS A 29 7.45 -0.77 -8.77
C LYS A 29 7.19 -2.23 -9.01
N GLU A 30 7.78 -3.10 -8.16
CA GLU A 30 7.60 -4.53 -8.32
C GLU A 30 6.15 -4.89 -8.11
N LEU A 31 5.48 -4.25 -7.13
CA LEU A 31 4.08 -4.54 -6.87
C LEU A 31 3.26 -4.17 -8.08
N LYS A 32 3.62 -3.05 -8.72
CA LYS A 32 2.88 -2.60 -9.89
C LYS A 32 3.01 -3.60 -11.01
N ASN A 33 4.19 -4.26 -11.14
CA ASN A 33 4.39 -5.19 -12.24
C ASN A 33 3.89 -6.57 -11.87
N ILE A 34 3.62 -6.83 -10.57
CA ILE A 34 3.15 -8.15 -10.18
C ILE A 34 1.69 -8.02 -9.86
N PRO A 35 0.85 -8.71 -10.61
CA PRO A 35 -0.59 -8.67 -10.37
C PRO A 35 -1.00 -9.46 -9.17
N MET A 36 -1.97 -8.92 -8.41
CA MET A 36 -2.44 -9.59 -7.23
C MET A 36 -3.93 -9.40 -7.18
N THR A 37 -4.65 -10.36 -6.59
CA THR A 37 -6.09 -10.24 -6.50
C THR A 37 -6.39 -9.56 -5.19
N LEU A 38 -7.64 -9.07 -5.05
CA LEU A 38 -8.03 -8.39 -3.83
C LEU A 38 -8.01 -9.38 -2.69
N GLU A 39 -8.34 -10.66 -2.99
CA GLU A 39 -8.36 -11.67 -1.95
C GLU A 39 -6.96 -11.87 -1.42
N LEU A 40 -5.95 -11.86 -2.33
CA LEU A 40 -4.58 -12.04 -1.91
C LEU A 40 -4.16 -10.84 -1.11
N LEU A 41 -4.61 -9.63 -1.53
CA LEU A 41 -4.25 -8.42 -0.84
C LEU A 41 -4.73 -8.48 0.59
N GLN A 42 -6.02 -8.86 0.79
CA GLN A 42 -6.57 -8.92 2.12
C GLN A 42 -5.97 -10.07 2.89
N SER A 43 -5.77 -11.23 2.23
CA SER A 43 -5.24 -12.40 2.91
C SER A 43 -3.82 -12.18 3.36
N THR A 44 -2.98 -11.50 2.54
CA THR A 44 -1.60 -11.31 2.92
C THR A 44 -1.48 -10.09 3.80
N ARG A 45 -2.44 -9.15 3.70
CA ARG A 45 -2.40 -7.94 4.50
C ARG A 45 -1.15 -7.18 4.16
N ILE A 46 -0.69 -7.28 2.90
CA ILE A 46 0.50 -6.58 2.47
C ILE A 46 0.19 -5.11 2.39
N GLY A 47 -1.12 -4.77 2.36
CA GLY A 47 -1.54 -3.39 2.29
C GLY A 47 -1.06 -2.68 3.52
N MET A 48 -1.10 -3.37 4.68
CA MET A 48 -0.66 -2.77 5.92
C MET A 48 0.82 -2.49 5.83
N SER A 49 1.59 -3.41 5.21
CA SER A 49 3.04 -3.25 5.12
C SER A 49 3.36 -2.02 4.30
N VAL A 50 2.68 -1.81 3.15
CA VAL A 50 2.99 -0.66 2.33
C VAL A 50 2.49 0.58 3.02
N ASN A 51 1.34 0.48 3.74
CA ASN A 51 0.81 1.63 4.44
C ASN A 51 1.81 2.05 5.49
N ALA A 52 2.43 1.06 6.19
CA ALA A 52 3.41 1.37 7.21
C ALA A 52 4.58 2.07 6.58
N ILE A 53 5.01 1.58 5.38
CA ILE A 53 6.14 2.20 4.70
C ILE A 53 5.77 3.61 4.33
N ARG A 54 4.54 3.83 3.84
CA ARG A 54 4.11 5.16 3.45
C ARG A 54 4.14 6.07 4.65
N LYS A 55 3.68 5.56 5.82
CA LYS A 55 3.65 6.35 7.02
C LYS A 55 5.05 6.76 7.41
N GLN A 56 6.04 5.85 7.23
CA GLN A 56 7.40 6.17 7.61
C GLN A 56 8.13 6.78 6.45
N SER A 57 7.42 7.10 5.34
CA SER A 57 8.07 7.68 4.19
C SER A 57 7.75 9.15 4.19
N THR A 58 8.80 9.98 4.00
CA THR A 58 8.61 11.41 3.97
C THR A 58 8.80 11.88 2.55
N ASP A 59 8.91 10.92 1.61
CA ASP A 59 9.10 11.29 0.22
C ASP A 59 7.74 11.49 -0.39
N GLU A 60 7.54 12.66 -1.03
CA GLU A 60 6.28 12.97 -1.65
C GLU A 60 6.01 12.02 -2.78
N GLU A 61 7.05 11.68 -3.57
CA GLU A 61 6.86 10.80 -4.70
C GLU A 61 6.44 9.43 -4.23
N VAL A 62 7.09 8.91 -3.17
CA VAL A 62 6.76 7.59 -2.67
C VAL A 62 5.37 7.58 -2.12
N THR A 63 5.00 8.61 -1.32
CA THR A 63 3.67 8.65 -0.73
C THR A 63 2.64 8.85 -1.81
N SER A 64 2.95 9.64 -2.86
CA SER A 64 1.99 9.88 -3.92
C SER A 64 1.73 8.60 -4.66
N LEU A 65 2.80 7.80 -4.92
CA LEU A 65 2.62 6.56 -5.66
C LEU A 65 1.82 5.60 -4.83
N ALA A 66 2.11 5.53 -3.51
CA ALA A 66 1.41 4.63 -2.63
C ALA A 66 -0.05 5.00 -2.60
N LYS A 67 -0.36 6.31 -2.58
CA LYS A 67 -1.73 6.77 -2.54
C LYS A 67 -2.43 6.29 -3.78
N SER A 68 -1.74 6.38 -4.94
CA SER A 68 -2.33 5.95 -6.19
C SER A 68 -2.60 4.47 -6.13
N LEU A 69 -1.69 3.70 -5.50
CA LEU A 69 -1.85 2.27 -5.40
C LEU A 69 -3.11 1.95 -4.64
N ILE A 70 -3.32 2.62 -3.47
CA ILE A 70 -4.51 2.35 -2.68
C ILE A 70 -5.74 2.76 -3.46
N LYS A 71 -5.66 3.89 -4.18
CA LYS A 71 -6.80 4.35 -4.96
C LYS A 71 -7.13 3.31 -6.01
N SER A 72 -6.08 2.71 -6.63
CA SER A 72 -6.29 1.71 -7.64
C SER A 72 -6.99 0.52 -7.04
N TRP A 73 -6.59 0.12 -5.81
CA TRP A 73 -7.20 -1.01 -5.16
C TRP A 73 -8.64 -0.68 -4.85
N LYS A 74 -8.88 0.58 -4.45
CA LYS A 74 -10.20 1.04 -4.10
C LYS A 74 -11.09 0.93 -5.31
N LYS A 75 -10.56 1.31 -6.49
CA LYS A 75 -11.33 1.24 -7.71
C LYS A 75 -11.68 -0.20 -8.01
N LEU A 76 -10.69 -1.12 -7.82
CA LEU A 76 -10.93 -2.53 -8.09
C LEU A 76 -11.98 -3.07 -7.15
N LEU A 77 -11.95 -2.65 -5.88
CA LEU A 77 -12.92 -3.13 -4.92
C LEU A 77 -14.28 -2.63 -5.31
N ASP A 78 -14.35 -1.37 -5.79
CA ASP A 78 -15.61 -0.77 -6.18
C ASP A 78 -16.51 -0.73 -4.98
N GLY A 79 -15.92 -0.41 -3.80
CA GLY A 79 -16.70 -0.33 -2.60
C GLY A 79 -16.00 0.62 -1.66
N PRO A 80 -16.03 1.88 -2.02
CA PRO A 80 -15.41 2.92 -1.22
C PRO A 80 -16.14 3.18 0.07
N SER A 81 -15.39 3.59 1.11
CA SER A 81 -16.02 3.86 2.38
C SER A 81 -15.06 4.70 3.17
N THR A 82 -14.00 4.05 3.73
CA THR A 82 -13.04 4.77 4.51
C THR A 82 -12.17 5.60 3.60
N GLU A 83 -11.92 5.10 2.37
CA GLU A 83 -11.09 5.83 1.44
C GLU A 83 -11.82 7.09 1.04
N LYS A 84 -13.15 6.97 0.81
CA LYS A 84 -13.94 8.11 0.42
C LYS A 84 -13.95 9.11 1.53
N ASP A 85 -14.08 8.63 2.79
CA ASP A 85 -14.11 9.52 3.93
C ASP A 85 -12.77 10.22 4.03
N LEU A 86 -11.67 9.48 3.81
CA LEU A 86 -10.36 10.09 3.90
C LEU A 86 -9.96 10.54 2.53
N ASP A 87 -10.56 11.65 2.06
CA ASP A 87 -10.24 12.15 0.76
C ASP A 87 -10.62 13.60 0.77
N GLU A 88 -10.23 14.35 -0.28
CA GLU A 88 -10.56 15.75 -0.34
C GLU A 88 -11.98 15.87 -0.83
N LYS A 89 -12.94 15.79 0.12
CA LYS A 89 -14.33 15.89 -0.23
C LYS A 89 -14.88 17.08 0.50
N LYS A 90 -15.80 17.81 -0.16
CA LYS A 90 -16.40 18.97 0.45
C LYS A 90 -17.88 18.83 0.31
N LYS A 91 -18.64 19.35 1.29
CA LYS A 91 -20.07 19.27 1.25
C LYS A 91 -20.57 20.51 0.58
N GLU A 92 -21.35 20.35 -0.51
CA GLU A 92 -21.89 21.48 -1.21
C GLU A 92 -23.02 22.03 -0.39
N PRO A 93 -23.24 23.33 -0.46
CA PRO A 93 -24.31 23.97 0.30
C PRO A 93 -25.66 23.42 -0.04
N ALA A 94 -26.51 23.23 1.00
CA ALA A 94 -27.85 22.71 0.79
C ALA A 94 -28.61 23.71 -0.02
N ILE A 95 -28.43 25.01 0.27
CA ILE A 95 -29.13 26.05 -0.44
C ILE A 95 -28.09 26.81 -1.21
N THR A 96 -28.25 26.85 -2.55
CA THR A 96 -27.30 27.57 -3.37
C THR A 96 -28.00 28.83 -3.92
N MET A 1 -0.11 -16.30 -4.48
CA MET A 1 0.02 -17.03 -3.19
C MET A 1 -0.08 -16.09 -2.02
N GLU A 2 -0.91 -16.46 -1.03
CA GLU A 2 -1.09 -15.62 0.14
C GLU A 2 0.22 -15.51 0.88
N ASP A 3 0.97 -16.65 0.96
CA ASP A 3 2.23 -16.65 1.67
C ASP A 3 3.19 -15.69 0.99
N GLU A 4 3.16 -15.65 -0.36
CA GLU A 4 4.05 -14.77 -1.10
C GLU A 4 3.73 -13.34 -0.77
N VAL A 5 2.42 -13.00 -0.68
CA VAL A 5 2.01 -11.65 -0.39
C VAL A 5 2.49 -11.29 1.00
N VAL A 6 2.34 -12.23 1.96
CA VAL A 6 2.75 -11.99 3.32
C VAL A 6 4.24 -11.78 3.36
N ARG A 7 4.99 -12.58 2.57
CA ARG A 7 6.44 -12.47 2.55
C ARG A 7 6.83 -11.08 2.10
N PHE A 8 6.16 -10.54 1.06
CA PHE A 8 6.50 -9.21 0.60
C PHE A 8 6.19 -8.21 1.67
N ALA A 9 5.05 -8.38 2.37
CA ALA A 9 4.67 -7.45 3.43
C ALA A 9 5.71 -7.49 4.51
N LYS A 10 6.19 -8.72 4.85
CA LYS A 10 7.19 -8.86 5.89
C LYS A 10 8.46 -8.17 5.45
N LYS A 11 8.83 -8.33 4.16
CA LYS A 11 10.04 -7.72 3.65
C LYS A 11 9.90 -6.21 3.70
N MET A 12 8.68 -5.69 3.39
CA MET A 12 8.47 -4.26 3.42
C MET A 12 8.66 -3.76 4.82
N ASP A 13 8.22 -4.55 5.83
CA ASP A 13 8.36 -4.14 7.21
C ASP A 13 9.83 -3.99 7.53
N LYS A 14 10.67 -4.92 7.02
CA LYS A 14 12.09 -4.82 7.29
C LYS A 14 12.65 -3.60 6.61
N MET A 15 12.20 -3.31 5.36
CA MET A 15 12.72 -2.18 4.63
C MET A 15 12.34 -0.89 5.30
N VAL A 16 11.09 -0.76 5.80
CA VAL A 16 10.69 0.48 6.43
C VAL A 16 11.39 0.61 7.77
N GLN A 17 11.69 -0.54 8.42
CA GLN A 17 12.35 -0.52 9.70
C GLN A 17 13.75 0.04 9.52
N LYS A 18 14.42 -0.33 8.41
CA LYS A 18 15.77 0.16 8.19
C LYS A 18 15.69 1.48 7.47
N LYS A 19 14.47 1.91 7.11
CA LYS A 19 14.27 3.17 6.42
C LYS A 19 15.00 3.11 5.11
N ASN A 20 14.94 1.95 4.42
CA ASN A 20 15.62 1.81 3.15
C ASN A 20 14.61 2.20 2.09
N ALA A 21 14.62 3.49 1.69
CA ALA A 21 13.70 3.97 0.70
C ALA A 21 13.98 3.33 -0.62
N ALA A 22 15.28 3.15 -0.98
CA ALA A 22 15.62 2.57 -2.26
C ALA A 22 15.14 1.13 -2.33
N GLY A 23 15.33 0.37 -1.23
CA GLY A 23 14.92 -1.02 -1.21
C GLY A 23 13.43 -1.10 -1.32
N ALA A 24 12.71 -0.21 -0.62
CA ALA A 24 11.27 -0.21 -0.65
C ALA A 24 10.79 0.08 -2.05
N LEU A 25 11.46 1.02 -2.74
CA LEU A 25 11.07 1.38 -4.08
C LEU A 25 11.22 0.20 -5.00
N ASP A 26 12.35 -0.54 -4.88
CA ASP A 26 12.57 -1.69 -5.73
C ASP A 26 11.51 -2.72 -5.50
N LEU A 27 11.13 -2.97 -4.23
CA LEU A 27 10.12 -3.95 -3.92
C LEU A 27 8.79 -3.52 -4.46
N LEU A 28 8.48 -2.21 -4.39
CA LEU A 28 7.22 -1.69 -4.86
C LEU A 28 7.14 -1.89 -6.36
N LYS A 29 8.25 -1.62 -7.08
CA LYS A 29 8.27 -1.78 -8.52
C LYS A 29 8.02 -3.23 -8.85
N GLU A 30 8.64 -4.16 -8.09
CA GLU A 30 8.46 -5.56 -8.34
C GLU A 30 7.01 -5.93 -8.12
N LEU A 31 6.39 -5.36 -7.07
CA LEU A 31 5.01 -5.64 -6.76
C LEU A 31 4.15 -5.18 -7.91
N LYS A 32 4.49 -4.00 -8.48
CA LYS A 32 3.73 -3.46 -9.59
C LYS A 32 3.81 -4.40 -10.77
N ASN A 33 4.95 -5.11 -10.95
CA ASN A 33 5.09 -5.98 -12.09
C ASN A 33 4.50 -7.33 -11.79
N ILE A 34 4.21 -7.64 -10.50
CA ILE A 34 3.61 -8.92 -10.18
C ILE A 34 2.14 -8.67 -9.97
N PRO A 35 1.31 -9.28 -10.78
CA PRO A 35 -0.13 -9.10 -10.65
C PRO A 35 -0.72 -9.80 -9.47
N MET A 36 -1.58 -9.09 -8.73
CA MET A 36 -2.22 -9.66 -7.57
C MET A 36 -3.65 -9.22 -7.62
N THR A 37 -4.55 -9.97 -6.94
CA THR A 37 -5.94 -9.60 -6.96
C THR A 37 -6.17 -8.57 -5.89
N LEU A 38 -7.30 -7.84 -6.02
CA LEU A 38 -7.62 -6.81 -5.05
C LEU A 38 -7.95 -7.46 -3.72
N GLU A 39 -8.47 -8.71 -3.76
CA GLU A 39 -8.82 -9.39 -2.53
C GLU A 39 -7.58 -9.62 -1.69
N LEU A 40 -6.45 -9.98 -2.33
CA LEU A 40 -5.24 -10.22 -1.57
C LEU A 40 -4.78 -8.93 -0.96
N LEU A 41 -4.88 -7.82 -1.72
CA LEU A 41 -4.45 -6.53 -1.22
C LEU A 41 -5.39 -6.09 -0.13
N GLN A 42 -6.70 -6.37 -0.27
CA GLN A 42 -7.65 -5.98 0.74
C GLN A 42 -7.39 -6.77 2.00
N SER A 43 -7.12 -8.09 1.86
CA SER A 43 -6.88 -8.94 3.02
C SER A 43 -5.56 -8.57 3.64
N THR A 44 -4.54 -8.30 2.82
CA THR A 44 -3.25 -7.96 3.36
C THR A 44 -3.11 -6.47 3.28
N ARG A 45 -3.19 -5.80 4.45
CA ARG A 45 -3.10 -4.36 4.48
C ARG A 45 -1.66 -3.95 4.34
N ILE A 46 -1.07 -4.20 3.15
CA ILE A 46 0.30 -3.83 2.89
C ILE A 46 0.34 -2.34 2.63
N GLY A 47 -0.86 -1.75 2.37
CA GLY A 47 -0.95 -0.34 2.08
C GLY A 47 -0.46 0.46 3.26
N MET A 48 -0.74 0.01 4.49
CA MET A 48 -0.31 0.74 5.67
C MET A 48 1.19 0.79 5.68
N SER A 49 1.85 -0.34 5.33
CA SER A 49 3.30 -0.38 5.34
C SER A 49 3.81 0.57 4.30
N VAL A 50 3.17 0.58 3.11
CA VAL A 50 3.60 1.45 2.03
C VAL A 50 3.42 2.89 2.46
N ASN A 51 2.29 3.19 3.12
CA ASN A 51 2.03 4.55 3.56
C ASN A 51 3.11 4.97 4.54
N ALA A 52 3.53 4.05 5.44
CA ALA A 52 4.56 4.37 6.40
C ALA A 52 5.84 4.68 5.66
N ILE A 53 6.12 3.92 4.58
CA ILE A 53 7.32 4.14 3.80
C ILE A 53 7.25 5.49 3.16
N ARG A 54 6.05 5.90 2.68
CA ARG A 54 5.90 7.19 2.03
C ARG A 54 6.25 8.28 3.01
N LYS A 55 5.84 8.12 4.28
CA LYS A 55 6.12 9.13 5.29
C LYS A 55 7.62 9.25 5.48
N GLN A 56 8.35 8.12 5.40
CA GLN A 56 9.78 8.15 5.62
C GLN A 56 10.48 8.34 4.29
N SER A 57 9.73 8.65 3.21
CA SER A 57 10.36 8.83 1.92
C SER A 57 10.15 10.26 1.51
N THR A 58 11.24 10.92 1.07
CA THR A 58 11.16 12.29 0.64
C THR A 58 11.31 12.32 -0.86
N ASP A 59 11.29 11.13 -1.50
CA ASP A 59 11.44 11.09 -2.93
C ASP A 59 10.07 11.20 -3.54
N GLU A 60 9.91 12.20 -4.44
CA GLU A 60 8.63 12.43 -5.09
C GLU A 60 8.28 11.24 -5.96
N GLU A 61 9.29 10.66 -6.64
CA GLU A 61 9.03 9.53 -7.51
C GLU A 61 8.50 8.36 -6.71
N VAL A 62 9.10 8.10 -5.53
CA VAL A 62 8.68 6.98 -4.71
C VAL A 62 7.26 7.19 -4.26
N THR A 63 6.95 8.41 -3.75
CA THR A 63 5.61 8.68 -3.26
C THR A 63 4.63 8.68 -4.41
N SER A 64 5.05 9.18 -5.59
CA SER A 64 4.16 9.22 -6.74
C SER A 64 3.78 7.82 -7.14
N LEU A 65 4.76 6.89 -7.17
CA LEU A 65 4.49 5.53 -7.57
C LEU A 65 3.58 4.88 -6.55
N ALA A 66 3.87 5.10 -5.25
CA ALA A 66 3.08 4.48 -4.19
C ALA A 66 1.65 4.95 -4.24
N LYS A 67 1.41 6.28 -4.44
CA LYS A 67 0.06 6.77 -4.47
C LYS A 67 -0.64 6.26 -5.69
N SER A 68 0.11 6.03 -6.80
CA SER A 68 -0.49 5.51 -8.01
C SER A 68 -1.03 4.14 -7.73
N LEU A 69 -0.25 3.32 -7.00
CA LEU A 69 -0.67 1.96 -6.68
C LEU A 69 -1.91 2.01 -5.83
N ILE A 70 -1.93 2.90 -4.81
CA ILE A 70 -3.08 2.99 -3.93
C ILE A 70 -4.31 3.38 -4.72
N LYS A 71 -4.16 4.38 -5.62
CA LYS A 71 -5.29 4.83 -6.41
C LYS A 71 -5.77 3.70 -7.29
N SER A 72 -4.82 2.90 -7.84
CA SER A 72 -5.20 1.80 -8.71
C SER A 72 -6.04 0.83 -7.93
N TRP A 73 -5.65 0.54 -6.67
CA TRP A 73 -6.42 -0.39 -5.86
C TRP A 73 -7.81 0.17 -5.64
N LYS A 74 -7.90 1.49 -5.35
CA LYS A 74 -9.18 2.11 -5.12
C LYS A 74 -10.05 1.96 -6.35
N LYS A 75 -9.46 2.19 -7.55
CA LYS A 75 -10.22 2.08 -8.78
C LYS A 75 -10.68 0.66 -8.95
N LEU A 76 -9.82 -0.33 -8.64
CA LEU A 76 -10.19 -1.73 -8.79
C LEU A 76 -11.30 -2.05 -7.82
N LEU A 77 -11.24 -1.48 -6.61
CA LEU A 77 -12.25 -1.75 -5.60
C LEU A 77 -13.57 -1.21 -6.05
N ASP A 78 -13.58 0.01 -6.66
CA ASP A 78 -14.82 0.61 -7.09
C ASP A 78 -15.68 0.78 -5.86
N GLY A 79 -15.04 1.11 -4.73
CA GLY A 79 -15.77 1.26 -3.49
C GLY A 79 -16.36 2.62 -3.45
N PRO A 80 -17.13 2.82 -2.42
CA PRO A 80 -17.82 4.06 -2.17
C PRO A 80 -17.03 5.02 -1.36
N SER A 81 -15.74 5.23 -1.75
CA SER A 81 -14.86 6.13 -1.03
C SER A 81 -14.75 5.67 0.40
N THR A 82 -14.83 4.34 0.61
CA THR A 82 -14.76 3.79 1.95
C THR A 82 -13.34 3.88 2.42
N GLU A 83 -12.38 3.98 1.49
CA GLU A 83 -10.99 4.05 1.86
C GLU A 83 -10.71 5.36 2.56
N LYS A 84 -11.25 6.49 2.04
CA LYS A 84 -10.98 7.77 2.67
C LYS A 84 -11.89 7.93 3.86
N ASP A 85 -13.07 7.24 3.85
CA ASP A 85 -13.98 7.38 4.96
C ASP A 85 -13.47 6.53 6.10
N LEU A 86 -12.51 5.62 5.79
CA LEU A 86 -11.93 4.75 6.78
C LEU A 86 -12.96 3.74 7.20
N ASP A 87 -13.86 4.14 8.12
CA ASP A 87 -14.89 3.24 8.57
C ASP A 87 -15.82 4.06 9.40
N GLU A 88 -15.89 5.39 9.11
CA GLU A 88 -16.76 6.27 9.86
C GLU A 88 -18.08 6.28 9.15
N LYS A 89 -18.12 5.67 7.95
CA LYS A 89 -19.34 5.64 7.18
C LYS A 89 -19.65 4.20 6.92
N LYS A 90 -20.85 3.75 7.30
CA LYS A 90 -21.23 2.38 7.08
C LYS A 90 -21.77 2.26 5.69
N LYS A 91 -21.50 1.11 5.03
CA LYS A 91 -21.97 0.91 3.69
C LYS A 91 -23.34 0.29 3.78
N GLU A 92 -24.35 0.95 3.18
CA GLU A 92 -25.69 0.43 3.21
C GLU A 92 -25.76 -0.60 2.11
N PRO A 93 -26.58 -1.61 2.29
CA PRO A 93 -26.74 -2.66 1.30
C PRO A 93 -27.15 -2.15 -0.05
N ALA A 94 -26.47 -2.63 -1.11
CA ALA A 94 -26.79 -2.20 -2.44
C ALA A 94 -27.67 -3.23 -3.06
N ILE A 95 -27.94 -4.33 -2.32
CA ILE A 95 -28.77 -5.39 -2.84
C ILE A 95 -30.04 -5.36 -2.05
N THR A 96 -31.19 -5.20 -2.75
CA THR A 96 -32.48 -5.17 -2.09
C THR A 96 -32.51 -3.94 -1.16
N MET A 1 -0.16 -15.78 -4.49
CA MET A 1 -0.08 -16.56 -3.22
C MET A 1 -0.20 -15.65 -2.02
N GLU A 2 -1.04 -16.04 -1.05
CA GLU A 2 -1.23 -15.25 0.14
C GLU A 2 0.06 -15.18 0.91
N ASP A 3 0.81 -16.30 0.97
CA ASP A 3 2.04 -16.33 1.71
C ASP A 3 3.03 -15.34 1.11
N GLU A 4 3.06 -15.24 -0.24
CA GLU A 4 3.97 -14.34 -0.89
C GLU A 4 3.60 -12.92 -0.57
N VAL A 5 2.27 -12.62 -0.54
CA VAL A 5 1.82 -11.27 -0.25
C VAL A 5 2.24 -10.92 1.15
N VAL A 6 2.07 -11.85 2.10
CA VAL A 6 2.42 -11.61 3.48
C VAL A 6 3.92 -11.40 3.56
N ARG A 7 4.69 -12.22 2.82
CA ARG A 7 6.13 -12.11 2.84
C ARG A 7 6.54 -10.75 2.35
N PHE A 8 5.90 -10.24 1.28
CA PHE A 8 6.25 -8.94 0.75
C PHE A 8 5.93 -7.89 1.78
N ALA A 9 4.79 -8.03 2.49
CA ALA A 9 4.42 -7.06 3.50
C ALA A 9 5.44 -7.08 4.60
N LYS A 10 5.89 -8.30 5.00
CA LYS A 10 6.88 -8.42 6.06
C LYS A 10 8.16 -7.77 5.60
N LYS A 11 8.56 -8.03 4.34
CA LYS A 11 9.78 -7.46 3.82
C LYS A 11 9.67 -5.97 3.80
N MET A 12 8.50 -5.44 3.39
CA MET A 12 8.30 -4.00 3.33
C MET A 12 8.38 -3.44 4.73
N ASP A 13 7.81 -4.16 5.72
CA ASP A 13 7.84 -3.69 7.09
C ASP A 13 9.28 -3.56 7.54
N LYS A 14 10.14 -4.54 7.15
CA LYS A 14 11.53 -4.49 7.52
C LYS A 14 12.17 -3.29 6.88
N MET A 15 11.79 -3.00 5.62
CA MET A 15 12.36 -1.87 4.91
C MET A 15 11.93 -0.60 5.60
N VAL A 16 10.67 -0.56 6.11
CA VAL A 16 10.19 0.62 6.80
C VAL A 16 11.04 0.85 8.02
N GLN A 17 11.33 -0.24 8.77
CA GLN A 17 12.12 -0.13 9.98
C GLN A 17 13.52 0.32 9.65
N LYS A 18 14.11 -0.18 8.54
CA LYS A 18 15.47 0.20 8.21
C LYS A 18 15.48 1.52 7.50
N LYS A 19 14.29 2.04 7.11
CA LYS A 19 14.20 3.31 6.42
C LYS A 19 14.94 3.21 5.12
N ASN A 20 14.74 2.10 4.38
CA ASN A 20 15.42 1.92 3.13
C ASN A 20 14.52 2.45 2.04
N ALA A 21 14.77 3.71 1.61
CA ALA A 21 13.96 4.33 0.58
C ALA A 21 14.16 3.59 -0.72
N ALA A 22 15.41 3.19 -1.03
CA ALA A 22 15.68 2.49 -2.27
C ALA A 22 14.94 1.19 -2.27
N GLY A 23 14.92 0.50 -1.11
CA GLY A 23 14.24 -0.77 -1.01
C GLY A 23 12.78 -0.56 -1.25
N ALA A 24 12.23 0.55 -0.72
CA ALA A 24 10.82 0.83 -0.89
C ALA A 24 10.51 0.99 -2.36
N LEU A 25 11.39 1.70 -3.10
CA LEU A 25 11.16 1.92 -4.50
C LEU A 25 11.20 0.60 -5.22
N ASP A 26 12.19 -0.26 -4.89
CA ASP A 26 12.33 -1.54 -5.55
C ASP A 26 11.10 -2.38 -5.28
N LEU A 27 10.59 -2.35 -4.03
CA LEU A 27 9.43 -3.16 -3.69
C LEU A 27 8.23 -2.67 -4.45
N LEU A 28 8.07 -1.34 -4.60
CA LEU A 28 6.93 -0.81 -5.30
C LEU A 28 6.98 -1.25 -6.75
N LYS A 29 8.18 -1.23 -7.35
CA LYS A 29 8.32 -1.61 -8.73
C LYS A 29 7.96 -3.07 -8.90
N GLU A 30 8.43 -3.94 -7.97
CA GLU A 30 8.16 -5.35 -8.08
C GLU A 30 6.67 -5.60 -7.93
N LEU A 31 6.03 -4.91 -6.95
CA LEU A 31 4.60 -5.10 -6.73
C LEU A 31 3.85 -4.64 -7.95
N LYS A 32 4.31 -3.55 -8.59
CA LYS A 32 3.64 -3.04 -9.75
C LYS A 32 3.68 -4.06 -10.87
N ASN A 33 4.79 -4.84 -10.97
CA ASN A 33 4.90 -5.80 -12.05
C ASN A 33 4.25 -7.11 -11.67
N ILE A 34 3.94 -7.34 -10.37
CA ILE A 34 3.31 -8.59 -10.00
C ILE A 34 1.86 -8.29 -9.66
N PRO A 35 0.94 -8.87 -10.41
CA PRO A 35 -0.47 -8.65 -10.16
C PRO A 35 -0.97 -9.36 -8.94
N MET A 36 -1.97 -8.76 -8.26
CA MET A 36 -2.53 -9.36 -7.08
C MET A 36 -4.01 -9.29 -7.24
N THR A 37 -4.75 -10.21 -6.58
CA THR A 37 -6.19 -10.20 -6.67
C THR A 37 -6.72 -9.26 -5.63
N LEU A 38 -7.99 -8.85 -5.78
CA LEU A 38 -8.60 -7.93 -4.84
C LEU A 38 -8.73 -8.62 -3.50
N GLU A 39 -8.93 -9.95 -3.51
CA GLU A 39 -9.09 -10.69 -2.27
C GLU A 39 -7.81 -10.60 -1.47
N LEU A 40 -6.64 -10.68 -2.15
CA LEU A 40 -5.38 -10.62 -1.46
C LEU A 40 -5.19 -9.24 -0.89
N LEU A 41 -5.59 -8.19 -1.62
CA LEU A 41 -5.42 -6.84 -1.15
C LEU A 41 -6.36 -6.59 0.01
N GLN A 42 -7.60 -7.09 -0.07
CA GLN A 42 -8.54 -6.87 1.00
C GLN A 42 -8.11 -7.65 2.22
N SER A 43 -7.64 -8.91 2.03
CA SER A 43 -7.24 -9.74 3.15
C SER A 43 -5.96 -9.20 3.74
N THR A 44 -5.01 -8.78 2.88
CA THR A 44 -3.76 -8.27 3.38
C THR A 44 -3.70 -6.83 3.01
N ARG A 45 -3.87 -5.95 4.02
CA ARG A 45 -3.82 -4.53 3.77
C ARG A 45 -2.38 -4.11 3.68
N ILE A 46 -1.75 -4.39 2.52
CA ILE A 46 -0.37 -4.02 2.31
C ILE A 46 -0.31 -2.53 2.12
N GLY A 47 -1.48 -1.91 1.83
CA GLY A 47 -1.56 -0.48 1.63
C GLY A 47 -1.14 0.21 2.89
N MET A 48 -1.47 -0.38 4.07
CA MET A 48 -1.11 0.22 5.34
C MET A 48 0.40 0.32 5.42
N SER A 49 1.11 -0.76 5.03
CA SER A 49 2.56 -0.76 5.09
C SER A 49 3.09 0.29 4.13
N VAL A 50 2.46 0.40 2.93
CA VAL A 50 2.89 1.35 1.94
C VAL A 50 2.70 2.74 2.50
N ASN A 51 1.54 2.97 3.16
CA ASN A 51 1.25 4.27 3.72
C ASN A 51 2.28 4.59 4.79
N ALA A 52 2.67 3.60 5.61
CA ALA A 52 3.63 3.84 6.66
C ALA A 52 4.96 4.25 6.08
N ILE A 53 5.43 3.56 5.02
CA ILE A 53 6.71 3.90 4.45
C ILE A 53 6.60 5.21 3.70
N ARG A 54 5.39 5.50 3.17
CA ARG A 54 5.17 6.73 2.42
C ARG A 54 5.33 7.91 3.33
N LYS A 55 4.86 7.82 4.59
CA LYS A 55 4.94 8.93 5.50
C LYS A 55 6.38 9.32 5.75
N GLN A 56 7.29 8.32 5.85
CA GLN A 56 8.67 8.63 6.13
C GLN A 56 9.43 8.80 4.82
N SER A 57 8.72 8.75 3.67
CA SER A 57 9.40 8.91 2.41
C SER A 57 9.40 10.37 2.08
N THR A 58 10.60 10.90 1.73
CA THR A 58 10.70 12.31 1.39
C THR A 58 10.87 12.42 -0.09
N ASP A 59 10.84 11.29 -0.81
CA ASP A 59 11.00 11.33 -2.25
C ASP A 59 9.64 11.51 -2.84
N GLU A 60 9.50 12.57 -3.68
CA GLU A 60 8.24 12.88 -4.31
C GLU A 60 7.85 11.76 -5.24
N GLU A 61 8.83 11.18 -5.95
CA GLU A 61 8.54 10.12 -6.89
C GLU A 61 7.98 8.93 -6.15
N VAL A 62 8.58 8.59 -4.99
CA VAL A 62 8.13 7.44 -4.22
C VAL A 62 6.73 7.67 -3.73
N THR A 63 6.44 8.88 -3.18
CA THR A 63 5.11 9.14 -2.67
C THR A 63 4.12 9.21 -3.80
N SER A 64 4.52 9.79 -4.95
CA SER A 64 3.60 9.90 -6.06
C SER A 64 3.28 8.53 -6.60
N LEU A 65 4.30 7.66 -6.69
CA LEU A 65 4.09 6.32 -7.22
C LEU A 65 3.20 5.56 -6.27
N ALA A 66 3.43 5.72 -4.95
CA ALA A 66 2.64 5.02 -3.96
C ALA A 66 1.20 5.43 -4.08
N LYS A 67 0.94 6.74 -4.30
CA LYS A 67 -0.42 7.22 -4.41
C LYS A 67 -1.09 6.56 -5.60
N SER A 68 -0.36 6.48 -6.73
CA SER A 68 -0.91 5.88 -7.93
C SER A 68 -1.21 4.42 -7.67
N LEU A 69 -0.31 3.73 -6.93
CA LEU A 69 -0.49 2.32 -6.64
C LEU A 69 -1.77 2.12 -5.84
N ILE A 70 -1.99 2.95 -4.81
CA ILE A 70 -3.18 2.81 -3.98
C ILE A 70 -4.40 3.04 -4.84
N LYS A 71 -4.36 4.08 -5.69
CA LYS A 71 -5.49 4.39 -6.55
C LYS A 71 -5.72 3.24 -7.50
N SER A 72 -4.62 2.61 -7.98
CA SER A 72 -4.74 1.50 -8.91
C SER A 72 -5.48 0.37 -8.23
N TRP A 73 -5.19 0.09 -6.94
CA TRP A 73 -5.86 -1.00 -6.26
C TRP A 73 -7.30 -0.61 -6.04
N LYS A 74 -7.57 0.71 -5.88
CA LYS A 74 -8.93 1.18 -5.68
C LYS A 74 -9.74 0.81 -6.88
N LYS A 75 -9.16 1.00 -8.09
CA LYS A 75 -9.86 0.66 -9.32
C LYS A 75 -10.08 -0.82 -9.36
N LEU A 76 -9.08 -1.60 -8.88
CA LEU A 76 -9.19 -3.05 -8.88
C LEU A 76 -10.36 -3.46 -8.02
N LEU A 77 -10.51 -2.80 -6.85
CA LEU A 77 -11.61 -3.14 -5.95
C LEU A 77 -12.90 -2.79 -6.63
N ASP A 78 -12.90 -1.67 -7.39
CA ASP A 78 -14.07 -1.22 -8.09
C ASP A 78 -15.08 -0.81 -7.06
N GLY A 79 -14.60 -0.21 -5.96
CA GLY A 79 -15.48 0.25 -4.92
C GLY A 79 -14.84 1.45 -4.29
N PRO A 80 -14.79 2.52 -5.05
CA PRO A 80 -14.19 3.77 -4.59
C PRO A 80 -14.97 4.42 -3.49
N SER A 81 -16.28 4.14 -3.43
CA SER A 81 -17.14 4.72 -2.42
C SER A 81 -16.71 4.27 -1.05
N THR A 82 -16.34 2.97 -0.92
CA THR A 82 -15.97 2.47 0.40
C THR A 82 -14.61 2.98 0.78
N GLU A 83 -13.67 3.12 -0.18
CA GLU A 83 -12.35 3.60 0.14
C GLU A 83 -12.42 5.07 0.48
N LYS A 84 -13.22 5.84 -0.29
CA LYS A 84 -13.35 7.26 -0.06
C LYS A 84 -13.99 7.49 1.28
N ASP A 85 -14.99 6.67 1.65
CA ASP A 85 -15.69 6.85 2.91
C ASP A 85 -14.94 6.14 4.00
N LEU A 86 -13.74 5.59 3.70
CA LEU A 86 -12.99 4.91 4.73
C LEU A 86 -12.27 5.96 5.52
N ASP A 87 -12.91 6.43 6.61
CA ASP A 87 -12.31 7.44 7.45
C ASP A 87 -12.43 6.97 8.87
N GLU A 88 -12.78 5.69 9.06
CA GLU A 88 -12.92 5.13 10.39
C GLU A 88 -11.62 4.47 10.74
N LYS A 89 -10.60 4.63 9.86
CA LYS A 89 -9.32 4.03 10.11
C LYS A 89 -8.66 4.79 11.22
N LYS A 90 -7.86 4.07 12.05
CA LYS A 90 -7.19 4.72 13.15
C LYS A 90 -5.80 5.05 12.68
N LYS A 91 -5.42 6.34 12.83
CA LYS A 91 -4.11 6.76 12.40
C LYS A 91 -3.17 6.54 13.54
N GLU A 92 -2.12 5.72 13.32
CA GLU A 92 -1.16 5.46 14.35
C GLU A 92 -0.19 6.61 14.36
N PRO A 93 0.35 6.92 15.52
CA PRO A 93 1.31 8.02 15.64
C PRO A 93 2.52 7.85 14.78
N ALA A 94 2.98 8.96 14.17
CA ALA A 94 4.14 8.89 13.32
C ALA A 94 4.76 10.25 13.33
N ILE A 95 6.10 10.31 13.22
CA ILE A 95 6.79 11.57 13.21
C ILE A 95 7.40 11.74 11.86
N THR A 96 7.06 12.85 11.17
CA THR A 96 7.61 13.08 9.86
C THR A 96 7.43 14.57 9.54
N MET A 1 0.93 -17.82 -5.12
CA MET A 1 1.43 -18.32 -3.81
C MET A 1 1.19 -17.30 -2.73
N GLU A 2 0.30 -17.63 -1.77
CA GLU A 2 -0.02 -16.72 -0.69
C GLU A 2 1.20 -16.55 0.18
N ASP A 3 2.01 -17.61 0.33
CA ASP A 3 3.19 -17.54 1.16
C ASP A 3 4.14 -16.51 0.60
N GLU A 4 4.26 -16.44 -0.75
CA GLU A 4 5.15 -15.49 -1.37
C GLU A 4 4.69 -14.09 -1.06
N VAL A 5 3.36 -13.87 -1.09
CA VAL A 5 2.80 -12.55 -0.81
C VAL A 5 3.14 -12.18 0.61
N VAL A 6 3.02 -13.15 1.54
CA VAL A 6 3.31 -12.90 2.94
C VAL A 6 4.77 -12.52 3.07
N ARG A 7 5.67 -13.22 2.34
CA ARG A 7 7.08 -12.92 2.42
C ARG A 7 7.33 -11.51 1.95
N PHE A 8 6.62 -11.06 0.89
CA PHE A 8 6.82 -9.71 0.41
C PHE A 8 6.38 -8.74 1.48
N ALA A 9 5.25 -9.04 2.17
CA ALA A 9 4.78 -8.17 3.22
C ALA A 9 5.80 -8.11 4.31
N LYS A 10 6.40 -9.26 4.67
CA LYS A 10 7.39 -9.30 5.72
C LYS A 10 8.58 -8.46 5.32
N LYS A 11 9.03 -8.61 4.05
CA LYS A 11 10.17 -7.85 3.56
C LYS A 11 9.81 -6.39 3.56
N MET A 12 8.56 -6.07 3.15
CA MET A 12 8.13 -4.69 3.08
C MET A 12 8.17 -4.10 4.48
N ASP A 13 7.74 -4.89 5.49
CA ASP A 13 7.74 -4.42 6.86
C ASP A 13 9.16 -4.12 7.28
N LYS A 14 10.13 -4.95 6.85
CA LYS A 14 11.51 -4.73 7.23
C LYS A 14 11.96 -3.42 6.64
N MET A 15 11.54 -3.13 5.38
CA MET A 15 11.94 -1.89 4.74
C MET A 15 11.35 -0.73 5.50
N VAL A 16 10.10 -0.88 5.99
CA VAL A 16 9.46 0.19 6.74
C VAL A 16 10.25 0.43 8.00
N GLN A 17 10.66 -0.66 8.69
CA GLN A 17 11.39 -0.54 9.93
C GLN A 17 12.72 0.14 9.70
N LYS A 18 13.41 -0.19 8.58
CA LYS A 18 14.70 0.41 8.32
C LYS A 18 14.50 1.77 7.70
N LYS A 19 13.24 2.11 7.36
CA LYS A 19 12.94 3.40 6.76
C LYS A 19 13.71 3.52 5.47
N ASN A 20 13.77 2.42 4.70
CA ASN A 20 14.49 2.45 3.44
C ASN A 20 13.49 2.84 2.39
N ALA A 21 13.45 4.15 2.06
CA ALA A 21 12.52 4.65 1.08
C ALA A 21 12.86 4.08 -0.28
N ALA A 22 14.17 3.99 -0.62
CA ALA A 22 14.56 3.48 -1.91
C ALA A 22 14.16 2.03 -2.04
N GLY A 23 14.38 1.24 -0.96
CA GLY A 23 14.04 -0.17 -1.01
C GLY A 23 12.56 -0.32 -1.17
N ALA A 24 11.77 0.50 -0.46
CA ALA A 24 10.33 0.41 -0.54
C ALA A 24 9.88 0.74 -1.93
N LEU A 25 10.51 1.76 -2.56
CA LEU A 25 10.13 2.15 -3.90
C LEU A 25 10.39 1.01 -4.85
N ASP A 26 11.54 0.32 -4.69
CA ASP A 26 11.87 -0.77 -5.57
C ASP A 26 10.85 -1.87 -5.42
N LEU A 27 10.41 -2.13 -4.17
CA LEU A 27 9.44 -3.19 -3.94
C LEU A 27 8.13 -2.81 -4.59
N LEU A 28 7.74 -1.52 -4.54
CA LEU A 28 6.49 -1.10 -5.13
C LEU A 28 6.57 -1.27 -6.62
N LYS A 29 7.75 -1.00 -7.22
CA LYS A 29 7.92 -1.15 -8.65
C LYS A 29 7.73 -2.59 -9.02
N GLU A 30 8.26 -3.51 -8.18
CA GLU A 30 8.14 -4.93 -8.44
C GLU A 30 6.68 -5.32 -8.37
N LEU A 31 5.95 -4.76 -7.38
CA LEU A 31 4.55 -5.08 -7.23
C LEU A 31 3.79 -4.60 -8.43
N LYS A 32 4.20 -3.44 -8.99
CA LYS A 32 3.51 -2.89 -10.14
C LYS A 32 3.66 -3.84 -11.32
N ASN A 33 4.81 -4.53 -11.44
CA ASN A 33 5.01 -5.40 -12.58
C ASN A 33 4.49 -6.80 -12.27
N ILE A 34 4.21 -7.11 -10.99
CA ILE A 34 3.71 -8.44 -10.66
C ILE A 34 2.27 -8.29 -10.25
N PRO A 35 1.37 -8.91 -11.00
CA PRO A 35 -0.05 -8.83 -10.70
C PRO A 35 -0.43 -9.61 -9.47
N MET A 36 -1.43 -9.10 -8.74
CA MET A 36 -1.89 -9.77 -7.54
C MET A 36 -3.38 -9.78 -7.61
N THR A 37 -4.01 -10.82 -7.03
CA THR A 37 -5.45 -10.90 -7.04
C THR A 37 -5.97 -10.13 -5.86
N LEU A 38 -7.27 -9.80 -5.90
CA LEU A 38 -7.88 -9.05 -4.82
C LEU A 38 -7.90 -9.92 -3.59
N GLU A 39 -8.01 -11.25 -3.76
CA GLU A 39 -8.07 -12.15 -2.63
C GLU A 39 -6.77 -12.06 -1.86
N LEU A 40 -5.63 -11.95 -2.58
CA LEU A 40 -4.35 -11.86 -1.92
C LEU A 40 -4.29 -10.58 -1.14
N LEU A 41 -4.83 -9.48 -1.73
CA LEU A 41 -4.80 -8.20 -1.06
C LEU A 41 -5.70 -8.23 0.16
N GLN A 42 -6.87 -8.89 0.05
CA GLN A 42 -7.78 -8.95 1.16
C GLN A 42 -7.20 -9.79 2.27
N SER A 43 -6.58 -10.94 1.92
CA SER A 43 -6.02 -11.81 2.95
C SER A 43 -4.77 -11.18 3.52
N THR A 44 -3.95 -10.54 2.66
CA THR A 44 -2.75 -9.92 3.13
C THR A 44 -2.85 -8.47 2.79
N ARG A 45 -3.19 -7.64 3.80
CA ARG A 45 -3.33 -6.22 3.55
C ARG A 45 -1.99 -5.59 3.69
N ILE A 46 -1.30 -5.36 2.55
CA ILE A 46 -0.01 -4.72 2.58
C ILE A 46 -0.21 -3.25 2.42
N GLY A 47 -1.48 -2.82 2.25
CA GLY A 47 -1.79 -1.41 2.08
C GLY A 47 -1.38 -0.65 3.30
N MET A 48 -1.56 -1.26 4.50
CA MET A 48 -1.20 -0.60 5.73
C MET A 48 0.30 -0.36 5.74
N SER A 49 1.07 -1.35 5.26
CA SER A 49 2.52 -1.22 5.23
C SER A 49 2.88 -0.10 4.30
N VAL A 50 2.18 -0.01 3.14
CA VAL A 50 2.47 1.02 2.17
C VAL A 50 2.14 2.36 2.79
N ASN A 51 1.01 2.45 3.53
CA ASN A 51 0.62 3.69 4.16
C ASN A 51 1.70 4.12 5.12
N ALA A 52 2.26 3.15 5.90
CA ALA A 52 3.30 3.47 6.85
C ALA A 52 4.49 4.03 6.12
N ILE A 53 4.81 3.44 4.93
CA ILE A 53 5.93 3.91 4.15
C ILE A 53 5.64 5.33 3.69
N ARG A 54 4.37 5.59 3.32
CA ARG A 54 3.97 6.91 2.85
C ARG A 54 4.22 7.91 3.95
N LYS A 55 3.96 7.54 5.21
CA LYS A 55 4.14 8.44 6.32
C LYS A 55 5.60 8.83 6.42
N GLN A 56 6.51 7.89 6.13
CA GLN A 56 7.92 8.17 6.23
C GLN A 56 8.43 8.63 4.89
N SER A 57 7.54 8.85 3.90
CA SER A 57 7.99 9.28 2.59
C SER A 57 7.82 10.76 2.50
N THR A 58 8.90 11.46 2.08
CA THR A 58 8.86 12.89 1.96
C THR A 58 9.09 13.23 0.51
N ASP A 59 8.99 12.22 -0.39
CA ASP A 59 9.21 12.45 -1.79
C ASP A 59 7.89 12.36 -2.46
N GLU A 60 7.48 13.43 -3.17
CA GLU A 60 6.19 13.43 -3.83
C GLU A 60 6.17 12.38 -4.92
N GLU A 61 7.34 12.05 -5.51
CA GLU A 61 7.37 11.05 -6.56
C GLU A 61 7.01 9.71 -5.98
N VAL A 62 7.61 9.37 -4.81
CA VAL A 62 7.34 8.08 -4.19
C VAL A 62 5.94 8.09 -3.64
N THR A 63 5.55 9.21 -2.99
CA THR A 63 4.23 9.31 -2.39
C THR A 63 3.16 9.21 -3.44
N SER A 64 3.31 9.92 -4.58
CA SER A 64 2.29 9.88 -5.61
C SER A 64 2.25 8.50 -6.23
N LEU A 65 3.41 7.82 -6.33
CA LEU A 65 3.44 6.50 -6.90
C LEU A 65 2.66 5.57 -6.01
N ALA A 66 2.82 5.70 -4.67
CA ALA A 66 2.12 4.85 -3.74
C ALA A 66 0.64 5.09 -3.87
N LYS A 67 0.23 6.38 -4.02
CA LYS A 67 -1.18 6.68 -4.13
C LYS A 67 -1.73 6.05 -5.38
N SER A 68 -0.95 6.06 -6.48
CA SER A 68 -1.39 5.47 -7.72
C SER A 68 -1.58 3.98 -7.54
N LEU A 69 -0.66 3.34 -6.79
CA LEU A 69 -0.75 1.90 -6.58
C LEU A 69 -2.02 1.56 -5.84
N ILE A 70 -2.34 2.30 -4.76
CA ILE A 70 -3.54 2.01 -4.00
C ILE A 70 -4.75 2.26 -4.87
N LYS A 71 -4.74 3.35 -5.67
CA LYS A 71 -5.88 3.65 -6.53
C LYS A 71 -6.04 2.53 -7.54
N SER A 72 -4.92 1.99 -8.05
CA SER A 72 -5.00 0.91 -9.03
C SER A 72 -5.68 -0.28 -8.40
N TRP A 73 -5.33 -0.59 -7.14
CA TRP A 73 -5.94 -1.73 -6.46
C TRP A 73 -7.41 -1.46 -6.26
N LYS A 74 -7.77 -0.21 -5.95
CA LYS A 74 -9.15 0.15 -5.72
C LYS A 74 -9.92 -0.05 -7.00
N LYS A 75 -9.30 0.30 -8.15
CA LYS A 75 -9.97 0.14 -9.43
C LYS A 75 -10.29 -1.31 -9.63
N LEU A 76 -9.34 -2.20 -9.24
CA LEU A 76 -9.56 -3.62 -9.41
C LEU A 76 -10.71 -4.05 -8.55
N LEU A 77 -10.84 -3.49 -7.32
CA LEU A 77 -11.93 -3.89 -6.44
C LEU A 77 -13.24 -3.47 -7.06
N ASP A 78 -13.27 -2.24 -7.64
CA ASP A 78 -14.46 -1.70 -8.26
C ASP A 78 -14.31 -0.21 -8.20
N GLY A 79 -14.34 0.33 -6.96
CA GLY A 79 -14.19 1.75 -6.78
C GLY A 79 -14.88 2.11 -5.50
N PRO A 80 -14.27 1.70 -4.40
CA PRO A 80 -14.80 1.96 -3.08
C PRO A 80 -14.45 3.33 -2.58
N SER A 81 -15.20 3.81 -1.57
CA SER A 81 -14.95 5.12 -1.01
C SER A 81 -14.37 4.90 0.35
N THR A 82 -13.65 3.78 0.53
CA THR A 82 -13.05 3.47 1.83
C THR A 82 -11.93 4.43 2.10
N GLU A 83 -11.14 4.79 1.06
CA GLU A 83 -10.03 5.69 1.24
C GLU A 83 -10.56 7.05 1.60
N LYS A 84 -11.65 7.48 0.94
CA LYS A 84 -12.21 8.79 1.21
C LYS A 84 -12.72 8.82 2.63
N ASP A 85 -13.39 7.73 3.07
CA ASP A 85 -13.92 7.68 4.42
C ASP A 85 -12.78 7.73 5.41
N LEU A 86 -11.67 7.03 5.11
CA LEU A 86 -10.54 7.01 6.02
C LEU A 86 -9.67 8.18 5.66
N ASP A 87 -10.13 9.40 5.95
CA ASP A 87 -9.35 10.58 5.65
C ASP A 87 -9.86 11.67 6.54
N GLU A 88 -9.01 12.70 6.75
CA GLU A 88 -9.36 13.84 7.59
C GLU A 88 -9.29 13.41 9.03
N LYS A 89 -10.33 12.74 9.54
CA LYS A 89 -10.32 12.31 10.91
C LYS A 89 -11.32 11.19 11.04
N LYS A 90 -11.15 10.36 12.08
CA LYS A 90 -12.06 9.27 12.30
C LYS A 90 -12.22 9.13 13.79
N LYS A 91 -13.43 8.73 14.22
CA LYS A 91 -13.69 8.56 15.63
C LYS A 91 -13.92 7.10 15.85
N GLU A 92 -13.14 6.51 16.78
CA GLU A 92 -13.30 5.09 17.06
C GLU A 92 -14.52 4.94 17.92
N PRO A 93 -15.13 3.76 17.85
CA PRO A 93 -16.33 3.48 18.62
C PRO A 93 -16.02 3.04 20.02
N ALA A 94 -15.47 3.98 20.82
CA ALA A 94 -15.13 3.68 22.20
C ALA A 94 -16.40 3.35 22.94
N ILE A 95 -17.48 4.10 22.66
CA ILE A 95 -18.74 3.87 23.31
C ILE A 95 -19.70 3.39 22.27
N THR A 96 -20.27 2.19 22.48
CA THR A 96 -21.21 1.64 21.52
C THR A 96 -22.50 1.31 22.27
N MET A 1 -0.79 -16.70 -4.23
CA MET A 1 -0.11 -17.28 -3.04
C MET A 1 -0.04 -16.27 -1.93
N GLU A 2 -0.83 -16.50 -0.86
CA GLU A 2 -0.86 -15.59 0.26
C GLU A 2 0.49 -15.56 0.94
N ASP A 3 1.19 -16.71 1.01
CA ASP A 3 2.47 -16.75 1.66
C ASP A 3 3.44 -15.84 0.94
N GLU A 4 3.39 -15.81 -0.41
CA GLU A 4 4.30 -14.99 -1.17
C GLU A 4 4.01 -13.53 -0.92
N VAL A 5 2.70 -13.16 -0.88
CA VAL A 5 2.34 -11.77 -0.67
C VAL A 5 2.75 -11.36 0.71
N VAL A 6 2.56 -12.26 1.71
CA VAL A 6 2.91 -11.96 3.08
C VAL A 6 4.40 -11.73 3.16
N ARG A 7 5.19 -12.55 2.43
CA ARG A 7 6.63 -12.42 2.45
C ARG A 7 7.01 -11.05 1.96
N PHE A 8 6.35 -10.55 0.89
CA PHE A 8 6.68 -9.24 0.37
C PHE A 8 6.32 -8.20 1.41
N ALA A 9 5.17 -8.38 2.10
CA ALA A 9 4.75 -7.43 3.10
C ALA A 9 5.77 -7.39 4.20
N LYS A 10 6.29 -8.58 4.60
CA LYS A 10 7.29 -8.64 5.64
C LYS A 10 8.53 -7.92 5.18
N LYS A 11 8.92 -8.12 3.91
CA LYS A 11 10.10 -7.48 3.38
C LYS A 11 9.89 -5.98 3.40
N MET A 12 8.67 -5.52 3.01
CA MET A 12 8.39 -4.10 3.00
C MET A 12 8.45 -3.57 4.42
N ASP A 13 7.97 -4.37 5.39
CA ASP A 13 7.99 -3.93 6.78
C ASP A 13 9.42 -3.74 7.20
N LYS A 14 10.34 -4.61 6.76
CA LYS A 14 11.73 -4.47 7.13
C LYS A 14 12.27 -3.21 6.50
N MET A 15 11.85 -2.91 5.25
CA MET A 15 12.33 -1.73 4.56
C MET A 15 11.87 -0.48 5.26
N VAL A 16 10.60 -0.44 5.77
CA VAL A 16 10.12 0.76 6.41
C VAL A 16 10.82 0.93 7.74
N GLN A 17 11.18 -0.20 8.41
CA GLN A 17 11.85 -0.11 9.69
C GLN A 17 13.23 0.47 9.49
N LYS A 18 13.91 0.08 8.38
CA LYS A 18 15.24 0.59 8.13
C LYS A 18 15.13 1.93 7.45
N LYS A 19 13.89 2.32 7.08
CA LYS A 19 13.67 3.60 6.42
C LYS A 19 14.44 3.63 5.13
N ASN A 20 14.43 2.50 4.39
CA ASN A 20 15.15 2.44 3.14
C ASN A 20 14.17 2.87 2.07
N ALA A 21 14.23 4.16 1.69
CA ALA A 21 13.33 4.68 0.68
C ALA A 21 13.60 4.02 -0.65
N ALA A 22 14.89 3.81 -0.99
CA ALA A 22 15.23 3.20 -2.27
C ALA A 22 14.70 1.79 -2.32
N GLY A 23 14.86 1.03 -1.21
CA GLY A 23 14.41 -0.34 -1.17
C GLY A 23 12.91 -0.38 -1.32
N ALA A 24 12.21 0.55 -0.64
CA ALA A 24 10.77 0.59 -0.71
C ALA A 24 10.33 0.87 -2.12
N LEU A 25 11.05 1.78 -2.82
CA LEU A 25 10.68 2.13 -4.17
C LEU A 25 10.85 0.92 -5.07
N ASP A 26 11.94 0.15 -4.88
CA ASP A 26 12.18 -1.01 -5.71
C ASP A 26 11.05 -2.00 -5.51
N LEU A 27 10.60 -2.17 -4.25
CA LEU A 27 9.52 -3.10 -3.97
C LEU A 27 8.26 -2.62 -4.62
N LEU A 28 8.01 -1.29 -4.62
CA LEU A 28 6.82 -0.74 -5.22
C LEU A 28 6.82 -1.06 -6.70
N LYS A 29 7.99 -0.92 -7.35
CA LYS A 29 8.09 -1.18 -8.77
C LYS A 29 7.79 -2.63 -9.03
N GLU A 30 8.29 -3.53 -8.15
CA GLU A 30 8.07 -4.95 -8.34
C GLU A 30 6.60 -5.24 -8.22
N LEU A 31 5.91 -4.60 -7.25
CA LEU A 31 4.50 -4.84 -7.06
C LEU A 31 3.75 -4.37 -8.28
N LYS A 32 4.21 -3.26 -8.90
CA LYS A 32 3.54 -2.74 -10.07
C LYS A 32 3.64 -3.73 -11.20
N ASN A 33 4.76 -4.48 -11.30
CA ASN A 33 4.91 -5.41 -12.40
C ASN A 33 4.34 -6.76 -12.06
N ILE A 34 4.02 -7.02 -10.76
CA ILE A 34 3.46 -8.31 -10.41
C ILE A 34 2.01 -8.09 -10.05
N PRO A 35 1.11 -8.68 -10.80
CA PRO A 35 -0.31 -8.54 -10.56
C PRO A 35 -0.78 -9.31 -9.36
N MET A 36 -1.77 -8.76 -8.63
CA MET A 36 -2.30 -9.42 -7.47
C MET A 36 -3.79 -9.28 -7.54
N THR A 37 -4.52 -10.27 -6.98
CA THR A 37 -5.96 -10.21 -7.02
C THR A 37 -6.41 -9.40 -5.84
N LEU A 38 -7.67 -8.91 -5.88
CA LEU A 38 -8.20 -8.11 -4.82
C LEU A 38 -8.35 -8.98 -3.58
N GLU A 39 -8.63 -10.29 -3.77
CA GLU A 39 -8.81 -11.17 -2.64
C GLU A 39 -7.50 -11.28 -1.89
N LEU A 40 -6.37 -11.36 -2.62
CA LEU A 40 -5.08 -11.46 -1.97
C LEU A 40 -4.77 -10.16 -1.28
N LEU A 41 -5.14 -9.03 -1.92
CA LEU A 41 -4.87 -7.72 -1.37
C LEU A 41 -5.57 -7.54 -0.05
N GLN A 42 -6.89 -7.87 0.01
CA GLN A 42 -7.61 -7.69 1.24
C GLN A 42 -7.25 -8.74 2.25
N SER A 43 -6.69 -9.89 1.81
CA SER A 43 -6.36 -10.95 2.75
C SER A 43 -5.03 -10.64 3.40
N THR A 44 -4.25 -9.67 2.86
CA THR A 44 -2.97 -9.39 3.45
C THR A 44 -2.94 -7.97 3.97
N ARG A 45 -3.76 -7.07 3.38
CA ARG A 45 -3.79 -5.68 3.82
C ARG A 45 -2.41 -5.09 3.66
N ILE A 46 -1.73 -5.42 2.53
CA ILE A 46 -0.40 -4.90 2.29
C ILE A 46 -0.49 -3.42 2.04
N GLY A 47 -1.72 -2.94 1.72
CA GLY A 47 -1.93 -1.52 1.45
C GLY A 47 -1.59 -0.74 2.69
N MET A 48 -1.89 -1.29 3.88
CA MET A 48 -1.61 -0.59 5.11
C MET A 48 -0.11 -0.41 5.25
N SER A 49 0.68 -1.44 4.86
CA SER A 49 2.12 -1.35 4.96
C SER A 49 2.60 -0.29 4.01
N VAL A 50 1.99 -0.23 2.80
CA VAL A 50 2.38 0.76 1.81
C VAL A 50 2.09 2.13 2.35
N ASN A 51 0.91 2.31 2.97
CA ASN A 51 0.53 3.59 3.51
C ASN A 51 1.49 3.96 4.63
N ALA A 52 1.91 2.97 5.44
CA ALA A 52 2.83 3.25 6.54
C ALA A 52 4.12 3.78 5.96
N ILE A 53 4.59 3.20 4.83
CA ILE A 53 5.81 3.66 4.21
C ILE A 53 5.62 5.08 3.75
N ARG A 54 4.42 5.40 3.20
CA ARG A 54 4.15 6.74 2.71
C ARG A 54 4.28 7.72 3.84
N LYS A 55 3.83 7.35 5.07
CA LYS A 55 3.91 8.26 6.20
C LYS A 55 5.36 8.59 6.49
N GLN A 56 6.27 7.60 6.37
CA GLN A 56 7.66 7.83 6.69
C GLN A 56 8.42 8.15 5.43
N SER A 57 7.72 8.39 4.31
CA SER A 57 8.42 8.68 3.07
C SER A 57 8.38 10.16 2.86
N THR A 58 9.58 10.76 2.70
CA THR A 58 9.67 12.18 2.46
C THR A 58 9.90 12.38 0.99
N ASP A 59 9.98 11.25 0.24
CA ASP A 59 10.20 11.33 -1.18
C ASP A 59 8.84 11.44 -1.83
N GLU A 60 8.59 12.60 -2.47
CA GLU A 60 7.31 12.84 -3.11
C GLU A 60 7.08 11.83 -4.21
N GLU A 61 8.15 11.46 -4.96
CA GLU A 61 7.99 10.52 -6.05
C GLU A 61 7.51 9.19 -5.51
N VAL A 62 8.08 8.74 -4.37
CA VAL A 62 7.69 7.47 -3.80
C VAL A 62 6.25 7.54 -3.37
N THR A 63 5.84 8.64 -2.71
CA THR A 63 4.46 8.76 -2.26
C THR A 63 3.54 8.86 -3.44
N SER A 64 3.96 9.56 -4.51
CA SER A 64 3.11 9.72 -5.68
C SER A 64 2.89 8.39 -6.35
N LEU A 65 3.97 7.57 -6.47
CA LEU A 65 3.83 6.29 -7.12
C LEU A 65 2.98 5.38 -6.28
N ALA A 66 3.19 5.41 -4.95
CA ALA A 66 2.44 4.55 -4.05
C ALA A 66 0.99 4.92 -4.12
N LYS A 67 0.67 6.23 -4.22
CA LYS A 67 -0.70 6.67 -4.28
C LYS A 67 -1.35 6.12 -5.51
N SER A 68 -0.64 6.15 -6.66
CA SER A 68 -1.19 5.66 -7.90
C SER A 68 -1.46 4.17 -7.77
N LEU A 69 -0.51 3.43 -7.16
CA LEU A 69 -0.66 2.00 -7.02
C LEU A 69 -1.89 1.68 -6.19
N ILE A 70 -2.07 2.39 -5.05
CA ILE A 70 -3.19 2.15 -4.19
C ILE A 70 -4.48 2.46 -4.93
N LYS A 71 -4.50 3.59 -5.66
CA LYS A 71 -5.70 3.98 -6.39
C LYS A 71 -6.00 2.95 -7.44
N SER A 72 -4.95 2.41 -8.10
CA SER A 72 -5.16 1.40 -9.13
C SER A 72 -5.84 0.20 -8.51
N TRP A 73 -5.41 -0.21 -7.30
CA TRP A 73 -6.01 -1.35 -6.64
C TRP A 73 -7.43 -1.03 -6.28
N LYS A 74 -7.69 0.24 -5.87
CA LYS A 74 -9.03 0.66 -5.51
C LYS A 74 -9.92 0.58 -6.71
N LYS A 75 -9.38 0.91 -7.91
CA LYS A 75 -10.17 0.88 -9.12
C LYS A 75 -10.69 -0.52 -9.32
N LEU A 76 -9.86 -1.54 -8.99
CA LEU A 76 -10.28 -2.92 -9.15
C LEU A 76 -11.45 -3.19 -8.23
N LEU A 77 -11.44 -2.59 -7.02
CA LEU A 77 -12.53 -2.82 -6.08
C LEU A 77 -13.69 -1.93 -6.43
N ASP A 78 -13.48 -0.99 -7.39
CA ASP A 78 -14.52 -0.09 -7.84
C ASP A 78 -14.55 1.11 -6.94
N GLY A 79 -15.01 0.92 -5.68
CA GLY A 79 -15.06 2.04 -4.77
C GLY A 79 -15.08 1.51 -3.37
N PRO A 80 -13.92 1.12 -2.91
CA PRO A 80 -13.76 0.59 -1.57
C PRO A 80 -13.70 1.65 -0.52
N SER A 81 -14.01 1.28 0.74
CA SER A 81 -13.98 2.23 1.82
C SER A 81 -12.66 2.10 2.52
N THR A 82 -11.74 1.31 1.92
CA THR A 82 -10.43 1.08 2.52
C THR A 82 -9.69 2.38 2.68
N GLU A 83 -9.64 3.21 1.61
CA GLU A 83 -8.92 4.46 1.70
C GLU A 83 -9.91 5.58 1.81
N LYS A 84 -11.14 5.38 1.27
CA LYS A 84 -12.15 6.42 1.31
C LYS A 84 -12.49 6.71 2.76
N ASP A 85 -12.61 5.67 3.61
CA ASP A 85 -12.96 5.89 5.00
C ASP A 85 -11.85 6.67 5.66
N LEU A 86 -10.57 6.32 5.35
CA LEU A 86 -9.45 7.01 5.95
C LEU A 86 -9.45 8.44 5.51
N ASP A 87 -9.78 8.69 4.22
CA ASP A 87 -9.80 10.04 3.70
C ASP A 87 -10.88 10.82 4.40
N GLU A 88 -12.06 10.18 4.59
CA GLU A 88 -13.16 10.85 5.26
C GLU A 88 -12.76 11.14 6.68
N LYS A 89 -12.07 10.17 7.32
CA LYS A 89 -11.61 10.33 8.69
C LYS A 89 -12.80 10.23 9.59
N LYS A 90 -13.69 9.24 9.33
CA LYS A 90 -14.86 9.06 10.14
C LYS A 90 -14.42 8.72 11.54
N LYS A 91 -13.44 7.82 11.66
CA LYS A 91 -12.95 7.43 12.95
C LYS A 91 -11.54 6.95 12.74
N GLU A 92 -10.60 7.38 13.61
CA GLU A 92 -9.24 6.95 13.48
C GLU A 92 -9.15 5.59 14.12
N PRO A 93 -8.68 4.61 13.38
CA PRO A 93 -8.53 3.26 13.92
C PRO A 93 -7.61 3.18 15.09
N ALA A 94 -8.00 2.39 16.12
CA ALA A 94 -7.18 2.25 17.29
C ALA A 94 -6.28 1.07 17.07
N ILE A 95 -6.52 0.32 15.97
CA ILE A 95 -5.71 -0.85 15.68
C ILE A 95 -4.95 -0.54 14.42
N THR A 96 -3.61 -0.63 14.48
CA THR A 96 -2.80 -0.35 13.32
C THR A 96 -2.56 -1.67 12.58
N MET A 1 1.16 -18.40 -3.90
CA MET A 1 1.69 -17.02 -4.16
C MET A 1 1.33 -16.09 -3.04
N GLU A 2 0.31 -16.46 -2.23
CA GLU A 2 -0.11 -15.61 -1.13
C GLU A 2 1.00 -15.55 -0.12
N ASP A 3 1.76 -16.65 0.04
CA ASP A 3 2.84 -16.69 1.00
C ASP A 3 3.89 -15.69 0.60
N GLU A 4 4.15 -15.57 -0.73
CA GLU A 4 5.15 -14.63 -1.20
C GLU A 4 4.70 -13.23 -0.89
N VAL A 5 3.39 -12.95 -1.05
CA VAL A 5 2.88 -11.62 -0.78
C VAL A 5 3.08 -11.31 0.68
N VAL A 6 2.80 -12.29 1.56
CA VAL A 6 2.97 -12.09 2.99
C VAL A 6 4.43 -11.82 3.29
N ARG A 7 5.34 -12.59 2.65
CA ARG A 7 6.75 -12.41 2.89
C ARG A 7 7.18 -11.03 2.47
N PHE A 8 6.65 -10.53 1.32
CA PHE A 8 7.02 -9.22 0.85
C PHE A 8 6.55 -8.19 1.85
N ALA A 9 5.33 -8.38 2.39
CA ALA A 9 4.78 -7.45 3.35
C ALA A 9 5.65 -7.44 4.59
N LYS A 10 6.09 -8.65 5.03
CA LYS A 10 6.91 -8.74 6.22
C LYS A 10 8.21 -8.03 5.98
N LYS A 11 8.82 -8.25 4.79
CA LYS A 11 10.08 -7.63 4.46
C LYS A 11 9.88 -6.13 4.41
N MET A 12 8.74 -5.69 3.82
CA MET A 12 8.45 -4.28 3.70
C MET A 12 8.32 -3.68 5.09
N ASP A 13 7.68 -4.43 6.01
CA ASP A 13 7.50 -3.93 7.36
C ASP A 13 8.86 -3.71 8.00
N LYS A 14 9.82 -4.62 7.73
CA LYS A 14 11.14 -4.47 8.28
C LYS A 14 11.80 -3.25 7.68
N MET A 15 11.60 -3.02 6.37
CA MET A 15 12.22 -1.90 5.70
C MET A 15 11.70 -0.59 6.24
N VAL A 16 10.38 -0.48 6.53
CA VAL A 16 9.86 0.78 7.05
C VAL A 16 10.33 0.97 8.46
N GLN A 17 10.60 -0.15 9.18
CA GLN A 17 11.05 -0.06 10.54
C GLN A 17 12.43 0.55 10.55
N LYS A 18 13.28 0.20 9.56
CA LYS A 18 14.63 0.73 9.51
C LYS A 18 14.62 2.00 8.71
N LYS A 19 13.46 2.37 8.13
CA LYS A 19 13.35 3.58 7.34
C LYS A 19 14.30 3.50 6.17
N ASN A 20 14.32 2.33 5.48
CA ASN A 20 15.21 2.18 4.35
C ASN A 20 14.44 2.63 3.14
N ALA A 21 14.69 3.90 2.71
CA ALA A 21 14.00 4.44 1.56
C ALA A 21 14.40 3.71 0.31
N ALA A 22 15.71 3.37 0.17
CA ALA A 22 16.17 2.69 -1.02
C ALA A 22 15.51 1.33 -1.11
N GLY A 23 15.41 0.62 0.02
CA GLY A 23 14.79 -0.68 0.04
C GLY A 23 13.34 -0.55 -0.33
N ALA A 24 12.68 0.52 0.18
CA ALA A 24 11.28 0.73 -0.09
C ALA A 24 11.07 0.90 -1.57
N LEU A 25 11.94 1.66 -2.25
CA LEU A 25 11.78 1.89 -3.68
C LEU A 25 11.92 0.58 -4.40
N ASP A 26 12.93 -0.23 -4.02
CA ASP A 26 13.15 -1.50 -4.70
C ASP A 26 11.95 -2.40 -4.50
N LEU A 27 11.37 -2.40 -3.27
CA LEU A 27 10.23 -3.25 -3.00
C LEU A 27 9.06 -2.81 -3.83
N LEU A 28 8.86 -1.49 -4.00
CA LEU A 28 7.74 -1.01 -4.78
C LEU A 28 7.88 -1.46 -6.20
N LYS A 29 9.11 -1.41 -6.75
CA LYS A 29 9.32 -1.83 -8.12
C LYS A 29 9.00 -3.30 -8.25
N GLU A 30 9.40 -4.11 -7.24
CA GLU A 30 9.14 -5.53 -7.31
C GLU A 30 7.65 -5.77 -7.29
N LEU A 31 6.92 -5.01 -6.45
CA LEU A 31 5.49 -5.16 -6.36
C LEU A 31 4.88 -4.76 -7.67
N LYS A 32 5.42 -3.71 -8.31
CA LYS A 32 4.90 -3.25 -9.57
C LYS A 32 5.13 -4.30 -10.64
N ASN A 33 6.27 -5.03 -10.55
CA ASN A 33 6.57 -6.00 -11.59
C ASN A 33 5.89 -7.32 -11.30
N ILE A 34 5.36 -7.55 -10.08
CA ILE A 34 4.69 -8.81 -9.82
C ILE A 34 3.19 -8.57 -9.84
N PRO A 35 2.45 -9.53 -10.32
CA PRO A 35 1.01 -9.42 -10.40
C PRO A 35 0.32 -9.50 -9.07
N MET A 36 -0.84 -8.81 -8.96
CA MET A 36 -1.58 -8.82 -7.73
C MET A 36 -3.02 -9.04 -8.09
N THR A 37 -3.81 -9.55 -7.13
CA THR A 37 -5.21 -9.78 -7.37
C THR A 37 -5.96 -9.13 -6.25
N LEU A 38 -7.26 -8.87 -6.47
CA LEU A 38 -8.08 -8.23 -5.46
C LEU A 38 -8.16 -9.11 -4.24
N GLU A 39 -8.34 -10.43 -4.44
CA GLU A 39 -8.46 -11.35 -3.31
C GLU A 39 -7.20 -11.30 -2.48
N LEU A 40 -6.01 -11.25 -3.11
CA LEU A 40 -4.78 -11.22 -2.36
C LEU A 40 -4.70 -9.94 -1.58
N LEU A 41 -5.13 -8.81 -2.18
CA LEU A 41 -5.08 -7.54 -1.50
C LEU A 41 -6.03 -7.55 -0.33
N GLN A 42 -7.21 -8.16 -0.47
CA GLN A 42 -8.16 -8.19 0.61
C GLN A 42 -7.63 -9.08 1.72
N SER A 43 -7.04 -10.24 1.35
CA SER A 43 -6.53 -11.15 2.36
C SER A 43 -5.30 -10.57 3.00
N THR A 44 -4.42 -9.96 2.20
CA THR A 44 -3.21 -9.39 2.76
C THR A 44 -3.32 -7.90 2.61
N ARG A 45 -3.51 -7.21 3.75
CA ARG A 45 -3.62 -5.77 3.73
C ARG A 45 -2.24 -5.18 3.57
N ILE A 46 -1.64 -5.36 2.37
CA ILE A 46 -0.33 -4.83 2.10
C ILE A 46 -0.47 -3.35 1.87
N GLY A 47 -1.71 -2.88 1.63
CA GLY A 47 -1.96 -1.47 1.38
C GLY A 47 -1.54 -0.67 2.57
N MET A 48 -1.77 -1.20 3.80
CA MET A 48 -1.40 -0.48 4.99
C MET A 48 0.10 -0.29 5.02
N SER A 49 0.86 -1.33 4.61
CA SER A 49 2.30 -1.24 4.60
C SER A 49 2.72 -0.20 3.59
N VAL A 50 2.02 -0.16 2.43
CA VAL A 50 2.34 0.80 1.39
C VAL A 50 2.08 2.19 1.92
N ASN A 51 0.99 2.35 2.69
CA ASN A 51 0.66 3.65 3.25
C ASN A 51 1.80 4.11 4.14
N ALA A 52 2.37 3.18 4.94
CA ALA A 52 3.47 3.53 5.81
C ALA A 52 4.64 3.96 4.98
N ILE A 53 4.88 3.25 3.85
CA ILE A 53 5.97 3.57 2.96
C ILE A 53 5.77 4.97 2.42
N ARG A 54 4.52 5.29 2.02
CA ARG A 54 4.22 6.59 1.46
C ARG A 54 4.48 7.67 2.48
N LYS A 55 4.08 7.43 3.76
CA LYS A 55 4.28 8.43 4.80
C LYS A 55 5.75 8.68 5.01
N GLN A 56 6.59 7.64 4.93
CA GLN A 56 8.01 7.82 5.18
C GLN A 56 8.72 8.20 3.91
N SER A 57 7.97 8.38 2.79
CA SER A 57 8.62 8.73 1.54
C SER A 57 8.26 10.14 1.21
N THR A 58 9.30 10.97 0.92
CA THR A 58 9.07 12.34 0.57
C THR A 58 9.26 12.49 -0.91
N ASP A 59 9.51 11.35 -1.60
CA ASP A 59 9.72 11.37 -3.02
C ASP A 59 8.35 11.42 -3.66
N GLU A 60 8.13 12.48 -4.49
CA GLU A 60 6.86 12.66 -5.15
C GLU A 60 6.58 11.50 -6.08
N GLU A 61 7.63 10.99 -6.75
CA GLU A 61 7.44 9.89 -7.68
C GLU A 61 6.95 8.68 -6.92
N VAL A 62 7.53 8.41 -5.74
CA VAL A 62 7.15 7.26 -4.95
C VAL A 62 5.73 7.43 -4.46
N THR A 63 5.38 8.63 -3.95
CA THR A 63 4.04 8.84 -3.43
C THR A 63 3.05 8.78 -4.56
N SER A 64 3.42 9.29 -5.75
CA SER A 64 2.51 9.26 -6.88
C SER A 64 2.28 7.84 -7.29
N LEU A 65 3.34 7.00 -7.26
CA LEU A 65 3.20 5.61 -7.65
C LEU A 65 2.27 4.91 -6.69
N ALA A 66 2.43 5.15 -5.37
CA ALA A 66 1.58 4.50 -4.40
C ALA A 66 0.14 4.92 -4.59
N LYS A 67 -0.08 6.24 -4.83
CA LYS A 67 -1.43 6.73 -5.02
C LYS A 67 -2.04 6.12 -6.24
N SER A 68 -1.24 5.96 -7.31
CA SER A 68 -1.75 5.39 -8.54
C SER A 68 -2.15 3.95 -8.33
N LEU A 69 -1.34 3.19 -7.57
CA LEU A 69 -1.63 1.78 -7.35
C LEU A 69 -2.91 1.63 -6.56
N ILE A 70 -3.06 2.38 -5.45
CA ILE A 70 -4.24 2.25 -4.63
C ILE A 70 -5.44 2.75 -5.38
N LYS A 71 -5.30 3.87 -6.11
CA LYS A 71 -6.42 4.43 -6.85
C LYS A 71 -6.83 3.47 -7.94
N SER A 72 -5.86 2.81 -8.61
CA SER A 72 -6.17 1.90 -9.69
C SER A 72 -6.99 0.75 -9.16
N TRP A 73 -6.59 0.15 -8.00
CA TRP A 73 -7.33 -0.96 -7.46
C TRP A 73 -8.64 -0.47 -6.91
N LYS A 74 -8.66 0.78 -6.41
CA LYS A 74 -9.86 1.38 -5.86
C LYS A 74 -10.87 1.49 -6.98
N LYS A 75 -10.41 1.88 -8.19
CA LYS A 75 -11.29 2.02 -9.33
C LYS A 75 -11.90 0.68 -9.65
N LEU A 76 -11.11 -0.41 -9.51
CA LEU A 76 -11.59 -1.74 -9.81
C LEU A 76 -12.76 -2.05 -8.90
N LEU A 77 -12.66 -1.68 -7.59
CA LEU A 77 -13.74 -1.95 -6.67
C LEU A 77 -14.93 -1.13 -7.07
N ASP A 78 -14.67 0.13 -7.49
CA ASP A 78 -15.73 1.01 -7.92
C ASP A 78 -16.70 1.22 -6.79
N GLY A 79 -16.19 1.42 -5.57
CA GLY A 79 -17.06 1.64 -4.45
C GLY A 79 -16.23 1.65 -3.20
N PRO A 80 -15.46 2.72 -3.05
CA PRO A 80 -14.60 2.88 -1.89
C PRO A 80 -15.35 3.33 -0.67
N SER A 81 -14.78 3.01 0.51
CA SER A 81 -15.41 3.41 1.74
C SER A 81 -14.34 3.47 2.78
N THR A 82 -13.53 2.39 2.88
CA THR A 82 -12.48 2.34 3.86
C THR A 82 -11.34 3.23 3.44
N GLU A 83 -11.29 3.62 2.14
CA GLU A 83 -10.21 4.47 1.68
C GLU A 83 -10.76 5.85 1.46
N LYS A 84 -11.99 5.94 0.92
CA LYS A 84 -12.60 7.24 0.64
C LYS A 84 -12.85 7.97 1.93
N ASP A 85 -13.28 7.25 2.99
CA ASP A 85 -13.58 7.90 4.24
C ASP A 85 -12.40 7.80 5.15
N LEU A 86 -11.21 7.45 4.59
CA LEU A 86 -10.04 7.34 5.41
C LEU A 86 -9.54 8.74 5.65
N ASP A 87 -9.86 9.28 6.84
CA ASP A 87 -9.44 10.61 7.17
C ASP A 87 -9.73 10.82 8.62
N GLU A 88 -11.03 11.03 8.96
CA GLU A 88 -11.41 11.23 10.34
C GLU A 88 -11.77 9.90 10.92
N LYS A 89 -11.91 8.87 10.04
CA LYS A 89 -12.26 7.55 10.50
C LYS A 89 -10.98 6.80 10.68
N LYS A 90 -10.81 6.20 11.88
CA LYS A 90 -9.62 5.45 12.16
C LYS A 90 -10.03 4.03 12.40
N LYS A 91 -9.14 3.07 12.09
CA LYS A 91 -9.46 1.69 12.28
C LYS A 91 -8.18 0.98 12.61
N GLU A 92 -8.29 -0.23 13.19
CA GLU A 92 -7.12 -0.99 13.54
C GLU A 92 -6.60 -1.62 12.28
N PRO A 93 -5.30 -1.50 12.04
CA PRO A 93 -4.66 -2.06 10.85
C PRO A 93 -4.91 -3.54 10.69
N ALA A 94 -4.92 -4.26 11.82
CA ALA A 94 -5.15 -5.68 11.77
C ALA A 94 -5.74 -6.07 13.09
N ILE A 95 -6.55 -7.15 13.09
CA ILE A 95 -7.17 -7.59 14.32
C ILE A 95 -6.57 -8.94 14.64
N THR A 96 -6.00 -9.06 15.85
CA THR A 96 -5.40 -10.31 16.25
C THR A 96 -6.45 -11.12 17.01
N MET A 1 1.74 -18.92 -4.34
CA MET A 1 2.49 -17.65 -4.42
C MET A 1 2.26 -16.79 -3.19
N GLU A 2 1.30 -17.20 -2.34
CA GLU A 2 1.00 -16.46 -1.14
C GLU A 2 2.20 -16.46 -0.23
N ASP A 3 2.94 -17.58 -0.15
CA ASP A 3 4.09 -17.65 0.71
C ASP A 3 5.11 -16.64 0.24
N GLU A 4 5.28 -16.53 -1.10
CA GLU A 4 6.25 -15.60 -1.65
C GLU A 4 5.83 -14.18 -1.37
N VAL A 5 4.51 -13.90 -1.52
CA VAL A 5 3.99 -12.56 -1.29
C VAL A 5 4.20 -12.19 0.15
N VAL A 6 3.96 -13.15 1.08
CA VAL A 6 4.11 -12.89 2.49
C VAL A 6 5.55 -12.53 2.78
N ARG A 7 6.51 -13.25 2.15
CA ARG A 7 7.91 -12.97 2.37
C ARG A 7 8.23 -11.57 1.94
N PHE A 8 7.64 -11.11 0.80
CA PHE A 8 7.90 -9.77 0.33
C PHE A 8 7.35 -8.78 1.33
N ALA A 9 6.17 -9.09 1.92
CA ALA A 9 5.57 -8.20 2.89
C ALA A 9 6.47 -8.10 4.09
N LYS A 10 7.05 -9.23 4.53
CA LYS A 10 7.94 -9.21 5.68
C LYS A 10 9.16 -8.39 5.35
N LYS A 11 9.70 -8.55 4.13
CA LYS A 11 10.87 -7.81 3.73
C LYS A 11 10.53 -6.34 3.69
N MET A 12 9.33 -6.01 3.17
CA MET A 12 8.90 -4.63 3.08
C MET A 12 8.79 -4.07 4.47
N ASP A 13 8.27 -4.88 5.43
CA ASP A 13 8.12 -4.42 6.79
C ASP A 13 9.48 -4.06 7.34
N LYS A 14 10.51 -4.89 7.03
CA LYS A 14 11.84 -4.60 7.51
C LYS A 14 12.32 -3.32 6.89
N MET A 15 12.00 -3.10 5.59
CA MET A 15 12.42 -1.89 4.90
C MET A 15 11.74 -0.71 5.54
N VAL A 16 10.46 -0.87 5.96
CA VAL A 16 9.73 0.22 6.58
C VAL A 16 10.42 0.59 7.87
N GLN A 17 10.83 -0.44 8.65
CA GLN A 17 11.49 -0.21 9.92
C GLN A 17 12.80 0.51 9.71
N LYS A 18 13.55 0.13 8.64
CA LYS A 18 14.83 0.75 8.40
C LYS A 18 14.62 2.07 7.69
N LYS A 19 13.37 2.35 7.26
CA LYS A 19 13.05 3.59 6.57
C LYS A 19 13.89 3.66 5.32
N ASN A 20 14.01 2.53 4.59
CA ASN A 20 14.80 2.52 3.38
C ASN A 20 13.85 2.86 2.26
N ALA A 21 13.85 4.15 1.86
CA ALA A 21 12.98 4.60 0.79
C ALA A 21 13.38 3.95 -0.51
N ALA A 22 14.69 3.83 -0.77
CA ALA A 22 15.15 3.24 -2.02
C ALA A 22 14.71 1.80 -2.09
N GLY A 23 14.85 1.07 -0.96
CA GLY A 23 14.48 -0.33 -0.93
C GLY A 23 13.01 -0.46 -1.15
N ALA A 24 12.22 0.45 -0.55
CA ALA A 24 10.78 0.41 -0.69
C ALA A 24 10.40 0.60 -2.14
N LEU A 25 11.07 1.54 -2.84
CA LEU A 25 10.74 1.79 -4.23
C LEU A 25 11.05 0.58 -5.05
N ASP A 26 12.18 -0.11 -4.76
CA ASP A 26 12.54 -1.29 -5.53
C ASP A 26 11.48 -2.36 -5.36
N LEU A 27 10.97 -2.52 -4.11
CA LEU A 27 9.97 -3.53 -3.85
C LEU A 27 8.70 -3.18 -4.58
N LEU A 28 8.33 -1.87 -4.61
CA LEU A 28 7.11 -1.46 -5.26
C LEU A 28 7.23 -1.71 -6.75
N LYS A 29 8.43 -1.46 -7.32
CA LYS A 29 8.62 -1.67 -8.74
C LYS A 29 8.43 -3.12 -9.05
N GLU A 30 8.94 -4.02 -8.18
CA GLU A 30 8.80 -5.44 -8.40
C GLU A 30 7.34 -5.81 -8.34
N LEU A 31 6.60 -5.23 -7.37
CA LEU A 31 5.20 -5.54 -7.21
C LEU A 31 4.45 -5.08 -8.43
N LYS A 32 4.86 -3.94 -9.02
CA LYS A 32 4.19 -3.42 -10.19
C LYS A 32 4.32 -4.40 -11.34
N ASN A 33 5.47 -5.11 -11.44
CA ASN A 33 5.65 -6.03 -12.53
C ASN A 33 5.09 -7.39 -12.18
N ILE A 34 4.79 -7.64 -10.90
CA ILE A 34 4.23 -8.92 -10.52
C ILE A 34 2.74 -8.75 -10.39
N PRO A 35 1.97 -9.48 -11.18
CA PRO A 35 0.52 -9.38 -11.13
C PRO A 35 -0.04 -9.94 -9.86
N MET A 36 -1.11 -9.30 -9.34
CA MET A 36 -1.71 -9.76 -8.11
C MET A 36 -3.19 -9.74 -8.32
N THR A 37 -3.91 -10.68 -7.66
CA THR A 37 -5.34 -10.74 -7.78
C THR A 37 -5.94 -9.94 -6.67
N LEU A 38 -7.25 -9.61 -6.78
CA LEU A 38 -7.90 -8.83 -5.76
C LEU A 38 -7.97 -9.64 -4.49
N GLU A 39 -8.09 -10.99 -4.62
CA GLU A 39 -8.16 -11.84 -3.46
C GLU A 39 -6.85 -11.77 -2.72
N LEU A 40 -5.73 -11.71 -3.47
CA LEU A 40 -4.43 -11.64 -2.85
C LEU A 40 -4.32 -10.34 -2.09
N LEU A 41 -4.82 -9.24 -2.68
CA LEU A 41 -4.74 -7.96 -2.01
C LEU A 41 -5.62 -7.97 -0.78
N GLN A 42 -6.81 -8.60 -0.86
CA GLN A 42 -7.70 -8.62 0.29
C GLN A 42 -7.08 -9.45 1.39
N SER A 43 -6.49 -10.62 1.03
CA SER A 43 -5.91 -11.47 2.05
C SER A 43 -4.63 -10.88 2.57
N THR A 44 -3.82 -10.27 1.66
CA THR A 44 -2.58 -9.69 2.09
C THR A 44 -2.67 -8.21 1.79
N ARG A 45 -2.94 -7.41 2.84
CA ARG A 45 -3.05 -5.98 2.65
C ARG A 45 -1.67 -5.39 2.70
N ILE A 46 -0.91 -5.56 1.60
CA ILE A 46 0.43 -5.01 1.53
C ILE A 46 0.31 -3.52 1.36
N GLY A 47 -0.89 -3.04 0.98
CA GLY A 47 -1.13 -1.62 0.79
C GLY A 47 -0.88 -0.90 2.09
N MET A 48 -1.24 -1.53 3.23
CA MET A 48 -1.04 -0.90 4.51
C MET A 48 0.43 -0.66 4.72
N SER A 49 1.28 -1.63 4.33
CA SER A 49 2.71 -1.49 4.50
C SER A 49 3.19 -0.36 3.64
N VAL A 50 2.67 -0.27 2.39
CA VAL A 50 3.07 0.79 1.49
C VAL A 50 2.68 2.12 2.08
N ASN A 51 1.45 2.20 2.63
CA ASN A 51 0.97 3.44 3.22
C ASN A 51 1.84 3.78 4.40
N ALA A 52 2.28 2.74 5.16
CA ALA A 52 3.13 2.97 6.32
C ALA A 52 4.41 3.62 5.86
N ILE A 53 4.94 3.19 4.70
CA ILE A 53 6.18 3.76 4.20
C ILE A 53 5.96 5.22 3.92
N ARG A 54 4.78 5.57 3.37
CA ARG A 54 4.47 6.94 3.03
C ARG A 54 4.51 7.82 4.26
N LYS A 55 3.89 7.38 5.37
CA LYS A 55 3.88 8.21 6.57
C LYS A 55 5.25 8.24 7.20
N GLN A 56 6.09 7.20 6.95
CA GLN A 56 7.41 7.16 7.55
C GLN A 56 8.36 8.04 6.76
N SER A 57 8.14 8.19 5.44
CA SER A 57 9.03 9.00 4.65
C SER A 57 8.20 9.85 3.75
N THR A 58 8.37 11.18 3.85
CA THR A 58 7.60 12.07 3.02
C THR A 58 8.36 12.26 1.75
N ASP A 59 8.12 11.34 0.79
CA ASP A 59 8.77 11.42 -0.49
C ASP A 59 7.66 11.56 -1.49
N GLU A 60 7.76 12.58 -2.38
CA GLU A 60 6.72 12.83 -3.36
C GLU A 60 6.60 11.64 -4.29
N GLU A 61 7.74 11.03 -4.68
CA GLU A 61 7.69 9.90 -5.58
C GLU A 61 6.99 8.74 -4.91
N VAL A 62 7.33 8.47 -3.63
CA VAL A 62 6.72 7.37 -2.92
C VAL A 62 5.27 7.67 -2.69
N THR A 63 4.96 8.93 -2.31
CA THR A 63 3.59 9.32 -2.04
C THR A 63 2.75 9.18 -3.28
N SER A 64 3.28 9.61 -4.44
CA SER A 64 2.52 9.54 -5.68
C SER A 64 2.24 8.10 -6.03
N LEU A 65 3.23 7.21 -5.83
CA LEU A 65 3.04 5.81 -6.16
C LEU A 65 2.02 5.20 -5.22
N ALA A 66 2.10 5.56 -3.92
CA ALA A 66 1.19 5.03 -2.93
C ALA A 66 -0.23 5.42 -3.27
N LYS A 67 -0.43 6.67 -3.73
CA LYS A 67 -1.76 7.14 -4.07
C LYS A 67 -2.30 6.29 -5.18
N SER A 68 -1.46 5.98 -6.19
CA SER A 68 -1.90 5.19 -7.33
C SER A 68 -2.26 3.80 -6.85
N LEU A 69 -1.46 3.25 -5.91
CA LEU A 69 -1.69 1.91 -5.41
C LEU A 69 -3.03 1.86 -4.71
N ILE A 70 -3.33 2.86 -3.87
CA ILE A 70 -4.60 2.88 -3.16
C ILE A 70 -5.73 3.01 -4.14
N LYS A 71 -5.56 3.87 -5.18
CA LYS A 71 -6.61 4.05 -6.16
C LYS A 71 -6.89 2.72 -6.82
N SER A 72 -5.84 1.97 -7.16
CA SER A 72 -6.00 0.68 -7.80
C SER A 72 -6.71 -0.25 -6.85
N TRP A 73 -6.37 -0.18 -5.55
CA TRP A 73 -6.96 -1.04 -4.54
C TRP A 73 -8.45 -0.77 -4.50
N LYS A 74 -8.83 0.52 -4.53
CA LYS A 74 -10.22 0.90 -4.47
C LYS A 74 -10.95 0.32 -5.66
N LYS A 75 -10.34 0.41 -6.86
CA LYS A 75 -10.98 -0.11 -8.05
C LYS A 75 -11.13 -1.62 -7.94
N LEU A 76 -10.09 -2.30 -7.41
CA LEU A 76 -10.15 -3.74 -7.28
C LEU A 76 -11.20 -4.13 -6.28
N LEU A 77 -11.31 -3.35 -5.18
CA LEU A 77 -12.27 -3.65 -4.14
C LEU A 77 -13.67 -3.47 -4.69
N ASP A 78 -13.86 -2.43 -5.52
CA ASP A 78 -15.16 -2.14 -6.07
C ASP A 78 -16.02 -1.63 -4.95
N GLY A 79 -15.40 -0.87 -4.01
CA GLY A 79 -16.13 -0.33 -2.90
C GLY A 79 -15.76 1.12 -2.73
N PRO A 80 -16.19 1.92 -3.69
CA PRO A 80 -15.94 3.36 -3.67
C PRO A 80 -16.88 4.10 -2.78
N SER A 81 -16.59 5.40 -2.55
CA SER A 81 -17.43 6.26 -1.72
C SER A 81 -17.10 6.00 -0.28
N THR A 82 -17.14 4.72 0.16
CA THR A 82 -16.85 4.42 1.55
C THR A 82 -15.39 4.65 1.79
N GLU A 83 -14.53 4.39 0.78
CA GLU A 83 -13.12 4.60 0.95
C GLU A 83 -12.79 6.02 0.56
N LYS A 84 -13.68 6.65 -0.25
CA LYS A 84 -13.45 8.01 -0.67
C LYS A 84 -13.57 8.92 0.52
N ASP A 85 -14.55 8.63 1.41
CA ASP A 85 -14.76 9.47 2.56
C ASP A 85 -13.89 8.97 3.69
N LEU A 86 -13.11 7.89 3.44
CA LEU A 86 -12.27 7.37 4.48
C LEU A 86 -10.96 8.10 4.39
N ASP A 87 -10.78 9.11 5.25
CA ASP A 87 -9.56 9.87 5.25
C ASP A 87 -9.45 10.49 6.61
N GLU A 88 -8.24 11.01 6.94
CA GLU A 88 -8.05 11.62 8.23
C GLU A 88 -8.52 13.04 8.12
N LYS A 89 -9.84 13.24 8.32
CA LYS A 89 -10.40 14.57 8.24
C LYS A 89 -10.37 15.13 9.62
N LYS A 90 -9.73 16.30 9.79
CA LYS A 90 -9.65 16.93 11.08
C LYS A 90 -10.12 18.34 10.92
N LYS A 91 -10.76 18.90 11.97
CA LYS A 91 -11.25 20.25 11.90
C LYS A 91 -10.32 21.09 12.72
N GLU A 92 -9.74 22.15 12.10
CA GLU A 92 -8.84 23.01 12.82
C GLU A 92 -9.68 23.91 13.70
N PRO A 93 -9.09 24.38 14.77
CA PRO A 93 -9.79 25.26 15.70
C PRO A 93 -10.29 26.52 15.05
N ALA A 94 -11.54 26.93 15.39
CA ALA A 94 -12.11 28.12 14.82
C ALA A 94 -12.19 29.15 15.92
N ILE A 95 -11.61 28.82 17.09
CA ILE A 95 -11.66 29.75 18.20
C ILE A 95 -10.27 30.27 18.39
N THR A 96 -10.12 31.61 18.31
CA THR A 96 -8.81 32.21 18.47
C THR A 96 -8.64 32.58 19.94
N MET A 1 1.48 -19.31 -3.81
CA MET A 1 1.85 -17.88 -4.02
C MET A 1 1.44 -17.03 -2.84
N GLU A 2 0.47 -17.52 -2.04
CA GLU A 2 0.01 -16.78 -0.89
C GLU A 2 1.16 -16.64 0.08
N ASP A 3 1.96 -17.72 0.23
CA ASP A 3 3.08 -17.69 1.15
C ASP A 3 4.07 -16.66 0.68
N GLU A 4 4.29 -16.56 -0.65
CA GLU A 4 5.23 -15.61 -1.18
C GLU A 4 4.75 -14.21 -0.90
N VAL A 5 3.43 -13.97 -1.03
CA VAL A 5 2.88 -12.66 -0.79
C VAL A 5 3.07 -12.31 0.68
N VAL A 6 2.82 -13.28 1.58
CA VAL A 6 2.97 -13.04 3.00
C VAL A 6 4.42 -12.72 3.30
N ARG A 7 5.36 -13.50 2.70
CA ARG A 7 6.77 -13.29 2.92
C ARG A 7 7.14 -11.90 2.41
N PHE A 8 6.57 -11.51 1.26
CA PHE A 8 6.85 -10.22 0.67
C PHE A 8 6.42 -9.15 1.63
N ALA A 9 5.26 -9.33 2.30
CA ALA A 9 4.76 -8.34 3.23
C ALA A 9 5.75 -8.18 4.36
N LYS A 10 6.35 -9.30 4.83
CA LYS A 10 7.31 -9.21 5.92
C LYS A 10 8.51 -8.42 5.45
N LYS A 11 8.94 -8.64 4.19
CA LYS A 11 10.08 -7.93 3.66
C LYS A 11 9.74 -6.46 3.61
N MET A 12 8.51 -6.12 3.20
CA MET A 12 8.08 -4.74 3.10
C MET A 12 8.11 -4.15 4.49
N ASP A 13 7.67 -4.93 5.50
CA ASP A 13 7.63 -4.45 6.87
C ASP A 13 9.04 -4.15 7.32
N LYS A 14 10.02 -5.00 6.92
CA LYS A 14 11.40 -4.79 7.32
C LYS A 14 11.88 -3.48 6.75
N MET A 15 11.48 -3.16 5.50
CA MET A 15 11.91 -1.92 4.88
C MET A 15 11.36 -0.76 5.66
N VAL A 16 10.10 -0.89 6.13
CA VAL A 16 9.48 0.18 6.91
C VAL A 16 10.27 0.37 8.18
N GLN A 17 10.63 -0.75 8.84
CA GLN A 17 11.36 -0.69 10.09
C GLN A 17 12.72 -0.06 9.89
N LYS A 18 13.40 -0.39 8.76
CA LYS A 18 14.72 0.15 8.52
C LYS A 18 14.60 1.53 7.94
N LYS A 19 13.35 1.95 7.57
CA LYS A 19 13.12 3.25 7.00
C LYS A 19 13.94 3.37 5.73
N ASN A 20 13.98 2.29 4.93
CA ASN A 20 14.72 2.31 3.70
C ASN A 20 13.78 2.77 2.63
N ALA A 21 13.81 4.09 2.33
CA ALA A 21 12.95 4.64 1.32
C ALA A 21 13.31 4.10 -0.04
N ALA A 22 14.61 3.97 -0.33
CA ALA A 22 15.04 3.48 -1.62
C ALA A 22 14.59 2.05 -1.81
N GLY A 23 14.74 1.21 -0.77
CA GLY A 23 14.35 -0.17 -0.86
C GLY A 23 12.87 -0.27 -1.07
N ALA A 24 12.11 0.58 -0.34
CA ALA A 24 10.67 0.57 -0.44
C ALA A 24 10.25 0.94 -1.84
N LEU A 25 10.94 1.92 -2.44
CA LEU A 25 10.59 2.36 -3.78
C LEU A 25 10.79 1.22 -4.74
N ASP A 26 11.89 0.47 -4.58
CA ASP A 26 12.17 -0.65 -5.48
C ASP A 26 11.07 -1.66 -5.34
N LEU A 27 10.60 -1.92 -4.10
CA LEU A 27 9.55 -2.90 -3.88
C LEU A 27 8.27 -2.41 -4.53
N LEU A 28 7.99 -1.09 -4.46
CA LEU A 28 6.78 -0.56 -5.05
C LEU A 28 6.82 -0.79 -6.54
N LYS A 29 8.01 -0.60 -7.15
CA LYS A 29 8.15 -0.79 -8.58
C LYS A 29 7.88 -2.24 -8.90
N GLU A 30 8.38 -3.16 -8.05
CA GLU A 30 8.19 -4.58 -8.27
C GLU A 30 6.71 -4.89 -8.23
N LEU A 31 5.97 -4.28 -7.28
CA LEU A 31 4.55 -4.53 -7.17
C LEU A 31 3.86 -4.04 -8.42
N LYS A 32 4.32 -2.90 -8.97
CA LYS A 32 3.72 -2.35 -10.16
C LYS A 32 3.91 -3.29 -11.33
N ASN A 33 5.07 -3.99 -11.39
CA ASN A 33 5.32 -4.86 -12.52
C ASN A 33 4.75 -6.24 -12.29
N ILE A 34 4.36 -6.59 -11.03
CA ILE A 34 3.81 -7.90 -10.79
C ILE A 34 2.37 -7.72 -10.36
N PRO A 35 1.44 -8.24 -11.12
CA PRO A 35 0.03 -8.13 -10.79
C PRO A 35 -0.37 -8.98 -9.63
N MET A 36 -1.37 -8.50 -8.86
CA MET A 36 -1.83 -9.24 -7.70
C MET A 36 -3.32 -9.30 -7.81
N THR A 37 -3.93 -10.38 -7.26
CA THR A 37 -5.36 -10.51 -7.32
C THR A 37 -5.93 -9.75 -6.16
N LEU A 38 -7.25 -9.46 -6.23
CA LEU A 38 -7.89 -8.72 -5.17
C LEU A 38 -7.92 -9.57 -3.92
N GLU A 39 -8.00 -10.91 -4.07
CA GLU A 39 -8.05 -11.78 -2.92
C GLU A 39 -6.74 -11.68 -2.17
N LEU A 40 -5.61 -11.60 -2.89
CA LEU A 40 -4.33 -11.50 -2.24
C LEU A 40 -4.23 -10.17 -1.53
N LEU A 41 -4.76 -9.10 -2.16
CA LEU A 41 -4.70 -7.79 -1.57
C LEU A 41 -5.59 -7.75 -0.34
N GLN A 42 -6.77 -8.40 -0.38
CA GLN A 42 -7.66 -8.38 0.75
C GLN A 42 -7.07 -9.17 1.88
N SER A 43 -6.47 -10.35 1.58
CA SER A 43 -5.89 -11.16 2.64
C SER A 43 -4.63 -10.52 3.15
N THR A 44 -3.82 -9.94 2.25
CA THR A 44 -2.60 -9.31 2.66
C THR A 44 -2.73 -7.85 2.36
N ARG A 45 -2.97 -7.04 3.41
CA ARG A 45 -3.13 -5.62 3.21
C ARG A 45 -1.76 -5.00 3.08
N ILE A 46 -1.18 -5.08 1.87
CA ILE A 46 0.12 -4.50 1.63
C ILE A 46 -0.04 -3.00 1.57
N GLY A 47 -1.29 -2.53 1.34
CA GLY A 47 -1.57 -1.11 1.26
C GLY A 47 -1.24 -0.46 2.56
N MET A 48 -1.52 -1.14 3.69
CA MET A 48 -1.25 -0.55 4.99
C MET A 48 0.24 -0.34 5.14
N SER A 49 1.06 -1.30 4.67
CA SER A 49 2.50 -1.17 4.77
C SER A 49 2.94 -0.01 3.92
N VAL A 50 2.34 0.12 2.72
CA VAL A 50 2.71 1.18 1.80
C VAL A 50 2.34 2.50 2.45
N ASN A 51 1.17 2.57 3.11
CA ASN A 51 0.73 3.79 3.74
C ASN A 51 1.74 4.19 4.78
N ALA A 52 2.27 3.22 5.56
CA ALA A 52 3.24 3.53 6.58
C ALA A 52 4.49 4.08 5.93
N ILE A 53 4.89 3.47 4.79
CA ILE A 53 6.07 3.93 4.08
C ILE A 53 5.84 5.34 3.58
N ARG A 54 4.63 5.59 3.05
CA ARG A 54 4.29 6.90 2.51
C ARG A 54 4.41 7.93 3.60
N LYS A 55 3.96 7.60 4.83
CA LYS A 55 4.02 8.54 5.93
C LYS A 55 5.46 8.88 6.23
N GLN A 56 6.37 7.88 6.13
CA GLN A 56 7.77 8.12 6.44
C GLN A 56 8.50 8.57 5.20
N SER A 57 7.80 8.77 4.07
CA SER A 57 8.46 9.17 2.86
C SER A 57 8.22 10.64 2.65
N THR A 58 9.30 11.37 2.27
CA THR A 58 9.19 12.78 2.04
C THR A 58 9.40 13.02 0.56
N ASP A 59 9.55 11.93 -0.22
CA ASP A 59 9.76 12.07 -1.64
C ASP A 59 8.42 12.02 -2.30
N GLU A 60 8.11 13.05 -3.13
CA GLU A 60 6.83 13.12 -3.80
C GLU A 60 6.71 11.98 -4.78
N GLU A 61 7.85 11.44 -5.27
CA GLU A 61 7.79 10.35 -6.23
C GLU A 61 7.23 9.13 -5.54
N VAL A 62 7.68 8.87 -4.30
CA VAL A 62 7.22 7.71 -3.57
C VAL A 62 5.77 7.87 -3.23
N THR A 63 5.36 9.09 -2.78
CA THR A 63 3.97 9.30 -2.40
C THR A 63 3.09 9.22 -3.61
N SER A 64 3.55 9.74 -4.78
CA SER A 64 2.73 9.72 -5.97
C SER A 64 2.51 8.30 -6.41
N LEU A 65 3.59 7.47 -6.35
CA LEU A 65 3.48 6.09 -6.76
C LEU A 65 2.57 5.36 -5.81
N ALA A 66 2.67 5.66 -4.50
CA ALA A 66 1.85 5.00 -3.50
C ALA A 66 0.39 5.32 -3.77
N LYS A 67 0.08 6.56 -4.16
CA LYS A 67 -1.29 6.94 -4.43
C LYS A 67 -1.80 6.15 -5.60
N SER A 68 -0.96 5.94 -6.61
CA SER A 68 -1.39 5.17 -7.77
C SER A 68 -1.69 3.76 -7.36
N LEU A 69 -0.86 3.20 -6.45
CA LEU A 69 -1.04 1.83 -6.01
C LEU A 69 -2.35 1.68 -5.26
N ILE A 70 -2.67 2.61 -4.33
CA ILE A 70 -3.89 2.48 -3.57
C ILE A 70 -5.08 2.69 -4.48
N LYS A 71 -4.96 3.57 -5.50
CA LYS A 71 -6.07 3.79 -6.40
C LYS A 71 -6.33 2.51 -7.17
N SER A 72 -5.24 1.81 -7.56
CA SER A 72 -5.40 0.57 -8.30
C SER A 72 -6.13 -0.43 -7.44
N TRP A 73 -5.77 -0.49 -6.14
CA TRP A 73 -6.41 -1.42 -5.23
C TRP A 73 -7.87 -1.08 -5.13
N LYS A 74 -8.19 0.23 -5.02
CA LYS A 74 -9.56 0.67 -4.91
C LYS A 74 -10.32 0.31 -6.15
N LYS A 75 -9.67 0.44 -7.34
CA LYS A 75 -10.32 0.10 -8.58
C LYS A 75 -10.67 -1.37 -8.55
N LEU A 76 -9.73 -2.21 -8.08
CA LEU A 76 -9.96 -3.63 -8.00
C LEU A 76 -11.04 -3.92 -7.01
N LEU A 77 -11.09 -3.14 -5.89
CA LEU A 77 -12.09 -3.37 -4.88
C LEU A 77 -13.45 -3.07 -5.47
N ASP A 78 -13.53 -2.03 -6.30
CA ASP A 78 -14.78 -1.64 -6.93
C ASP A 78 -15.70 -1.09 -5.87
N GLY A 79 -15.11 -0.33 -4.91
CA GLY A 79 -15.91 0.25 -3.86
C GLY A 79 -15.08 1.31 -3.19
N PRO A 80 -14.77 2.35 -3.93
CA PRO A 80 -13.97 3.45 -3.42
C PRO A 80 -14.72 4.37 -2.51
N SER A 81 -16.07 4.27 -2.53
CA SER A 81 -16.90 5.13 -1.72
C SER A 81 -16.67 4.85 -0.25
N THR A 82 -16.40 3.58 0.12
CA THR A 82 -16.21 3.26 1.51
C THR A 82 -14.84 3.73 1.95
N GLU A 83 -13.84 3.67 1.04
CA GLU A 83 -12.50 4.10 1.42
C GLU A 83 -12.50 5.60 1.56
N LYS A 84 -13.21 6.31 0.66
CA LYS A 84 -13.25 7.75 0.73
C LYS A 84 -13.97 8.17 1.99
N ASP A 85 -15.08 7.47 2.32
CA ASP A 85 -15.84 7.82 3.49
C ASP A 85 -15.03 7.58 4.74
N LEU A 86 -14.26 6.46 4.79
CA LEU A 86 -13.47 6.18 5.95
C LEU A 86 -12.04 6.05 5.53
N ASP A 87 -11.24 7.09 5.85
CA ASP A 87 -9.84 7.07 5.49
C ASP A 87 -9.09 7.74 6.61
N GLU A 88 -7.74 7.83 6.47
CA GLU A 88 -6.95 8.45 7.48
C GLU A 88 -6.91 9.91 7.17
N LYS A 89 -7.92 10.66 7.68
CA LYS A 89 -7.96 12.08 7.45
C LYS A 89 -7.63 12.75 8.75
N LYS A 90 -6.56 13.57 8.76
CA LYS A 90 -6.18 14.26 9.96
C LYS A 90 -5.90 15.68 9.57
N LYS A 91 -6.15 16.62 10.50
CA LYS A 91 -5.92 18.01 10.23
C LYS A 91 -4.73 18.42 11.03
N GLU A 92 -3.72 19.03 10.36
CA GLU A 92 -2.54 19.47 11.06
C GLU A 92 -2.89 20.79 11.69
N PRO A 93 -2.68 20.91 12.99
CA PRO A 93 -2.98 22.16 13.70
C PRO A 93 -2.25 23.35 13.15
N ALA A 94 -2.97 24.48 13.00
CA ALA A 94 -2.37 25.69 12.50
C ALA A 94 -1.35 26.16 13.50
N ILE A 95 -1.67 26.02 14.80
CA ILE A 95 -0.77 26.44 15.83
C ILE A 95 -0.23 25.20 16.47
N THR A 96 1.11 25.03 16.42
CA THR A 96 1.73 23.86 17.00
C THR A 96 2.54 24.32 18.22
N MET A 1 2.03 -18.44 -4.23
CA MET A 1 2.23 -16.97 -4.37
C MET A 1 2.07 -16.28 -3.04
N GLU A 2 1.33 -16.92 -2.11
CA GLU A 2 1.11 -16.33 -0.80
C GLU A 2 2.44 -16.20 -0.11
N ASP A 3 3.31 -17.23 -0.25
CA ASP A 3 4.60 -17.20 0.39
C ASP A 3 5.41 -16.05 -0.16
N GLU A 4 5.31 -15.79 -1.48
CA GLU A 4 6.07 -14.71 -2.08
C GLU A 4 5.59 -13.39 -1.52
N VAL A 5 4.25 -13.25 -1.35
CA VAL A 5 3.70 -12.01 -0.82
C VAL A 5 4.21 -11.80 0.58
N VAL A 6 4.23 -12.89 1.39
CA VAL A 6 4.69 -12.80 2.75
C VAL A 6 6.14 -12.38 2.75
N ARG A 7 6.94 -12.98 1.84
CA ARG A 7 8.35 -12.66 1.76
C ARG A 7 8.53 -11.20 1.46
N PHE A 8 7.72 -10.65 0.52
CA PHE A 8 7.83 -9.24 0.19
C PHE A 8 7.48 -8.41 1.39
N ALA A 9 6.45 -8.82 2.15
CA ALA A 9 6.05 -8.06 3.33
C ALA A 9 7.18 -8.05 4.33
N LYS A 10 7.85 -9.22 4.50
CA LYS A 10 8.94 -9.30 5.45
C LYS A 10 10.06 -8.41 4.97
N LYS A 11 10.31 -8.40 3.64
CA LYS A 11 11.37 -7.60 3.08
C LYS A 11 11.05 -6.14 3.33
N MET A 12 9.77 -5.74 3.14
CA MET A 12 9.37 -4.37 3.33
C MET A 12 9.58 -4.00 4.78
N ASP A 13 9.30 -4.94 5.71
CA ASP A 13 9.47 -4.66 7.12
C ASP A 13 10.92 -4.34 7.38
N LYS A 14 11.85 -5.07 6.73
CA LYS A 14 13.25 -4.82 6.92
C LYS A 14 13.59 -3.47 6.33
N MET A 15 12.98 -3.13 5.17
CA MET A 15 13.29 -1.87 4.52
C MET A 15 12.84 -0.71 5.37
N VAL A 16 11.66 -0.79 6.01
CA VAL A 16 11.19 0.33 6.82
C VAL A 16 12.04 0.41 8.07
N GLN A 17 12.56 -0.74 8.55
CA GLN A 17 13.37 -0.75 9.75
C GLN A 17 14.67 -0.03 9.48
N LYS A 18 15.24 -0.23 8.27
CA LYS A 18 16.51 0.42 7.96
C LYS A 18 16.24 1.75 7.31
N LYS A 19 14.94 2.05 7.04
CA LYS A 19 14.57 3.31 6.42
C LYS A 19 15.25 3.40 5.08
N ASN A 20 15.27 2.28 4.32
CA ASN A 20 15.90 2.28 3.01
C ASN A 20 14.82 2.63 2.02
N ALA A 21 14.63 3.94 1.78
CA ALA A 21 13.62 4.39 0.86
C ALA A 21 13.96 3.95 -0.54
N ALA A 22 15.25 4.02 -0.93
CA ALA A 22 15.64 3.65 -2.28
C ALA A 22 15.35 2.19 -2.54
N GLY A 23 15.69 1.31 -1.57
CA GLY A 23 15.46 -0.11 -1.74
C GLY A 23 13.98 -0.37 -1.80
N ALA A 24 13.22 0.34 -0.95
CA ALA A 24 11.79 0.15 -0.88
C ALA A 24 11.16 0.52 -2.20
N LEU A 25 11.66 1.59 -2.86
CA LEU A 25 11.09 2.04 -4.11
C LEU A 25 11.19 0.93 -5.13
N ASP A 26 12.35 0.25 -5.19
CA ASP A 26 12.53 -0.82 -6.15
C ASP A 26 11.53 -1.92 -5.87
N LEU A 27 11.29 -2.22 -4.58
CA LEU A 27 10.36 -3.27 -4.22
C LEU A 27 8.97 -2.87 -4.64
N LEU A 28 8.61 -1.58 -4.48
CA LEU A 28 7.28 -1.12 -4.84
C LEU A 28 7.10 -1.28 -6.32
N LYS A 29 8.15 -0.99 -7.11
CA LYS A 29 8.07 -1.10 -8.55
C LYS A 29 7.81 -2.54 -8.91
N GLU A 30 8.52 -3.48 -8.24
CA GLU A 30 8.34 -4.89 -8.54
C GLU A 30 6.94 -5.30 -8.20
N LEU A 31 6.41 -4.82 -7.05
CA LEU A 31 5.06 -5.19 -6.64
C LEU A 31 4.08 -4.68 -7.66
N LYS A 32 4.33 -3.48 -8.22
CA LYS A 32 3.46 -2.91 -9.21
C LYS A 32 3.41 -3.80 -10.43
N ASN A 33 4.55 -4.46 -10.77
CA ASN A 33 4.57 -5.29 -11.96
C ASN A 33 4.06 -6.67 -11.63
N ILE A 34 3.93 -7.03 -10.33
CA ILE A 34 3.41 -8.33 -9.99
C ILE A 34 1.91 -8.19 -9.83
N PRO A 35 1.16 -8.95 -10.61
CA PRO A 35 -0.30 -8.91 -10.54
C PRO A 35 -0.84 -9.25 -9.18
N MET A 36 -1.92 -8.55 -8.78
CA MET A 36 -2.51 -8.79 -7.49
C MET A 36 -3.99 -8.91 -7.71
N THR A 37 -4.68 -9.60 -6.78
CA THR A 37 -6.11 -9.77 -6.88
C THR A 37 -6.71 -9.24 -5.62
N LEU A 38 -8.03 -8.94 -5.65
CA LEU A 38 -8.69 -8.41 -4.49
C LEU A 38 -8.70 -9.46 -3.40
N GLU A 39 -8.81 -10.76 -3.79
CA GLU A 39 -8.83 -11.82 -2.80
C GLU A 39 -7.50 -11.85 -2.10
N LEU A 40 -6.40 -11.67 -2.86
CA LEU A 40 -5.08 -11.69 -2.29
C LEU A 40 -4.94 -10.51 -1.37
N LEU A 41 -5.44 -9.34 -1.80
CA LEU A 41 -5.33 -8.13 -1.01
C LEU A 41 -6.09 -8.31 0.29
N GLN A 42 -7.32 -8.87 0.22
CA GLN A 42 -8.10 -9.04 1.43
C GLN A 42 -7.45 -10.06 2.33
N SER A 43 -6.92 -11.16 1.76
CA SER A 43 -6.30 -12.19 2.57
C SER A 43 -5.01 -11.67 3.13
N THR A 44 -4.23 -10.94 2.33
CA THR A 44 -2.98 -10.40 2.79
C THR A 44 -3.03 -8.93 2.58
N ARG A 45 -3.30 -8.17 3.65
CA ARG A 45 -3.38 -6.74 3.53
C ARG A 45 -1.99 -6.19 3.65
N ILE A 46 -1.36 -5.89 2.49
CA ILE A 46 -0.01 -5.33 2.48
C ILE A 46 -0.16 -3.84 2.51
N GLY A 47 -1.42 -3.35 2.49
CA GLY A 47 -1.69 -1.93 2.50
C GLY A 47 -1.15 -1.32 3.75
N MET A 48 -1.22 -2.06 4.88
CA MET A 48 -0.74 -1.53 6.14
C MET A 48 0.75 -1.29 6.03
N SER A 49 1.49 -2.21 5.36
CA SER A 49 2.91 -2.05 5.21
C SER A 49 3.18 -0.85 4.36
N VAL A 50 2.38 -0.66 3.29
CA VAL A 50 2.56 0.47 2.40
C VAL A 50 2.30 1.74 3.16
N ASN A 51 1.23 1.75 3.98
CA ASN A 51 0.89 2.94 4.74
C ASN A 51 2.00 3.23 5.73
N ALA A 52 2.55 2.18 6.38
CA ALA A 52 3.59 2.39 7.37
C ALA A 52 4.81 3.01 6.73
N ILE A 53 5.23 2.52 5.54
CA ILE A 53 6.41 3.08 4.91
C ILE A 53 6.09 4.44 4.38
N ARG A 54 4.82 4.69 3.98
CA ARG A 54 4.44 5.98 3.46
C ARG A 54 4.64 7.02 4.54
N LYS A 55 4.27 6.68 5.79
CA LYS A 55 4.41 7.61 6.89
C LYS A 55 5.87 7.95 7.11
N GLN A 56 6.78 6.96 6.95
CA GLN A 56 8.19 7.22 7.18
C GLN A 56 8.85 7.65 5.90
N SER A 57 8.07 7.89 4.82
CA SER A 57 8.67 8.29 3.57
C SER A 57 8.24 9.69 3.28
N THR A 58 9.22 10.56 2.95
CA THR A 58 8.92 11.94 2.65
C THR A 58 9.14 12.14 1.17
N ASP A 59 9.35 11.03 0.43
CA ASP A 59 9.58 11.14 -0.99
C ASP A 59 8.26 11.27 -1.67
N GLU A 60 8.14 12.31 -2.54
CA GLU A 60 6.90 12.55 -3.25
C GLU A 60 6.63 11.41 -4.19
N GLU A 61 7.69 10.86 -4.83
CA GLU A 61 7.51 9.78 -5.76
C GLU A 61 6.93 8.58 -5.06
N VAL A 62 7.44 8.27 -3.84
CA VAL A 62 6.96 7.12 -3.10
C VAL A 62 5.50 7.31 -2.74
N THR A 63 5.13 8.51 -2.23
CA THR A 63 3.76 8.74 -1.84
C THR A 63 2.87 8.75 -3.07
N SER A 64 3.35 9.32 -4.19
CA SER A 64 2.55 9.37 -5.40
C SER A 64 2.32 7.97 -5.90
N LEU A 65 3.36 7.12 -5.81
CA LEU A 65 3.25 5.75 -6.28
C LEU A 65 2.25 5.03 -5.40
N ALA A 66 2.28 5.30 -4.07
CA ALA A 66 1.38 4.64 -3.16
C ALA A 66 -0.04 5.01 -3.50
N LYS A 67 -0.28 6.30 -3.87
CA LYS A 67 -1.61 6.73 -4.22
C LYS A 67 -2.08 5.98 -5.44
N SER A 68 -1.17 5.78 -6.42
CA SER A 68 -1.54 5.08 -7.63
C SER A 68 -1.90 3.65 -7.29
N LEU A 69 -1.14 3.06 -6.34
CA LEU A 69 -1.37 1.68 -5.94
C LEU A 69 -2.74 1.52 -5.33
N ILE A 70 -3.13 2.45 -4.41
CA ILE A 70 -4.42 2.32 -3.75
C ILE A 70 -5.51 2.55 -4.76
N LYS A 71 -5.29 3.47 -5.74
CA LYS A 71 -6.29 3.74 -6.75
C LYS A 71 -6.46 2.51 -7.61
N SER A 72 -5.34 1.80 -7.89
CA SER A 72 -5.41 0.62 -8.72
C SER A 72 -6.20 -0.45 -8.00
N TRP A 73 -6.00 -0.59 -6.67
CA TRP A 73 -6.70 -1.62 -5.93
C TRP A 73 -8.18 -1.31 -5.83
N LYS A 74 -8.56 -0.02 -5.62
CA LYS A 74 -9.95 0.33 -5.48
C LYS A 74 -10.65 0.16 -6.82
N LYS A 75 -9.87 0.14 -7.92
CA LYS A 75 -10.45 -0.01 -9.24
C LYS A 75 -11.14 -1.34 -9.32
N LEU A 76 -10.52 -2.39 -8.72
CA LEU A 76 -11.10 -3.72 -8.75
C LEU A 76 -12.44 -3.69 -8.04
N LEU A 77 -12.53 -2.95 -6.92
CA LEU A 77 -13.77 -2.88 -6.18
C LEU A 77 -14.81 -2.19 -7.02
N ASP A 78 -14.39 -1.14 -7.77
CA ASP A 78 -15.29 -0.40 -8.63
C ASP A 78 -16.35 0.22 -7.76
N GLY A 79 -15.93 0.78 -6.61
CA GLY A 79 -16.86 1.41 -5.72
C GLY A 79 -16.14 1.65 -4.43
N PRO A 80 -15.31 2.67 -4.43
CA PRO A 80 -14.53 3.03 -3.27
C PRO A 80 -15.26 3.91 -2.32
N SER A 81 -16.44 3.48 -1.84
CA SER A 81 -17.20 4.28 -0.92
C SER A 81 -16.49 4.25 0.41
N THR A 82 -15.59 3.27 0.59
CA THR A 82 -14.87 3.12 1.83
C THR A 82 -13.88 4.26 1.97
N GLU A 83 -13.39 4.81 0.84
CA GLU A 83 -12.41 5.88 0.92
C GLU A 83 -13.04 7.15 0.45
N LYS A 84 -13.93 7.07 -0.56
CA LYS A 84 -14.56 8.26 -1.09
C LYS A 84 -15.43 8.89 -0.03
N ASP A 85 -16.13 8.07 0.79
CA ASP A 85 -16.99 8.63 1.82
C ASP A 85 -16.16 8.90 3.05
N LEU A 86 -14.86 8.56 3.02
CA LEU A 86 -14.03 8.80 4.17
C LEU A 86 -13.42 10.15 3.99
N ASP A 87 -14.08 11.19 4.55
CA ASP A 87 -13.57 12.53 4.43
C ASP A 87 -13.87 13.24 5.73
N GLU A 88 -14.11 12.46 6.80
CA GLU A 88 -14.42 13.03 8.08
C GLU A 88 -13.17 12.95 8.92
N LYS A 89 -11.99 13.07 8.28
CA LYS A 89 -10.77 13.00 9.00
C LYS A 89 -10.55 14.34 9.64
N LYS A 90 -10.29 14.34 10.97
CA LYS A 90 -10.08 15.58 11.66
C LYS A 90 -8.75 16.16 11.26
N LYS A 91 -7.80 15.28 10.86
CA LYS A 91 -6.51 15.74 10.44
C LYS A 91 -5.91 14.66 9.61
N GLU A 92 -5.25 15.04 8.50
CA GLU A 92 -4.62 14.06 7.66
C GLU A 92 -3.31 13.72 8.32
N PRO A 93 -3.07 12.45 8.57
CA PRO A 93 -1.83 12.03 9.22
C PRO A 93 -0.60 12.46 8.47
N ALA A 94 0.40 12.95 9.22
CA ALA A 94 1.62 13.38 8.61
C ALA A 94 2.69 13.31 9.66
N ILE A 95 3.95 13.09 9.23
CA ILE A 95 5.03 13.00 10.17
C ILE A 95 5.93 14.17 9.90
N THR A 96 6.17 15.01 10.93
CA THR A 96 7.02 16.16 10.76
C THR A 96 8.44 15.77 11.18
N MET A 1 1.18 -17.84 -4.53
CA MET A 1 1.26 -18.48 -3.19
C MET A 1 1.02 -17.47 -2.10
N GLU A 2 0.13 -17.82 -1.16
CA GLU A 2 -0.18 -16.92 -0.06
C GLU A 2 1.05 -16.72 0.78
N ASP A 3 1.83 -17.80 0.99
CA ASP A 3 3.02 -17.71 1.79
C ASP A 3 4.00 -16.76 1.15
N GLU A 4 4.09 -16.78 -0.20
CA GLU A 4 5.01 -15.91 -0.89
C GLU A 4 4.60 -14.48 -0.67
N VAL A 5 3.28 -14.19 -0.72
CA VAL A 5 2.79 -12.84 -0.54
C VAL A 5 3.13 -12.39 0.86
N VAL A 6 2.91 -13.27 1.86
CA VAL A 6 3.19 -12.93 3.24
C VAL A 6 4.67 -12.67 3.41
N ARG A 7 5.52 -13.54 2.81
CA ARG A 7 6.95 -13.39 2.91
C ARG A 7 7.35 -12.07 2.30
N PHE A 8 6.74 -11.72 1.16
CA PHE A 8 7.04 -10.48 0.47
C PHE A 8 6.73 -9.33 1.40
N ALA A 9 5.57 -9.39 2.08
CA ALA A 9 5.16 -8.33 2.97
C ALA A 9 6.17 -8.21 4.09
N LYS A 10 6.67 -9.36 4.60
CA LYS A 10 7.64 -9.33 5.68
C LYS A 10 8.89 -8.65 5.20
N LYS A 11 9.29 -8.92 3.94
CA LYS A 11 10.49 -8.31 3.39
C LYS A 11 10.28 -6.82 3.34
N MET A 12 9.08 -6.39 2.89
CA MET A 12 8.77 -4.98 2.80
C MET A 12 8.82 -4.37 4.17
N ASP A 13 8.29 -5.09 5.19
CA ASP A 13 8.29 -4.58 6.54
C ASP A 13 9.70 -4.35 6.98
N LYS A 14 10.63 -5.27 6.63
CA LYS A 14 12.02 -5.10 7.02
C LYS A 14 12.58 -3.87 6.37
N MET A 15 12.20 -3.62 5.09
CA MET A 15 12.72 -2.47 4.38
C MET A 15 12.25 -1.18 5.00
N VAL A 16 10.97 -1.10 5.45
CA VAL A 16 10.49 0.14 6.03
C VAL A 16 11.12 0.32 7.39
N GLN A 17 11.40 -0.79 8.12
CA GLN A 17 12.01 -0.69 9.43
C GLN A 17 13.41 -0.17 9.28
N LYS A 18 14.14 -0.60 8.23
CA LYS A 18 15.50 -0.16 8.04
C LYS A 18 15.48 1.17 7.35
N LYS A 19 14.27 1.64 6.94
CA LYS A 19 14.13 2.92 6.26
C LYS A 19 14.92 2.88 4.98
N ASN A 20 14.84 1.75 4.25
CA ASN A 20 15.55 1.63 3.00
C ASN A 20 14.61 2.12 1.94
N ALA A 21 14.73 3.42 1.59
CA ALA A 21 13.85 4.01 0.60
C ALA A 21 14.10 3.38 -0.75
N ALA A 22 15.38 3.12 -1.10
CA ALA A 22 15.69 2.55 -2.40
C ALA A 22 15.11 1.16 -2.50
N GLY A 23 15.25 0.35 -1.44
CA GLY A 23 14.75 -1.01 -1.48
C GLY A 23 13.25 -1.00 -1.57
N ALA A 24 12.60 -0.10 -0.81
CA ALA A 24 11.16 -0.02 -0.81
C ALA A 24 10.67 0.39 -2.18
N LEU A 25 11.38 1.31 -2.85
CA LEU A 25 10.97 1.78 -4.15
C LEU A 25 11.02 0.63 -5.12
N ASP A 26 12.08 -0.19 -5.05
CA ASP A 26 12.20 -1.32 -5.95
C ASP A 26 11.07 -2.29 -5.71
N LEU A 27 10.69 -2.50 -4.44
CA LEU A 27 9.61 -3.42 -4.13
C LEU A 27 8.31 -2.90 -4.68
N LEU A 28 8.07 -1.57 -4.60
CA LEU A 28 6.84 -1.01 -5.10
C LEU A 28 6.79 -1.17 -6.59
N LYS A 29 7.93 -0.99 -7.29
CA LYS A 29 7.96 -1.13 -8.72
C LYS A 29 7.60 -2.56 -9.07
N GLU A 30 8.14 -3.53 -8.30
CA GLU A 30 7.87 -4.92 -8.57
C GLU A 30 6.38 -5.18 -8.40
N LEU A 31 5.77 -4.58 -7.35
CA LEU A 31 4.35 -4.78 -7.10
C LEU A 31 3.57 -4.26 -8.27
N LYS A 32 4.03 -3.13 -8.86
CA LYS A 32 3.32 -2.55 -9.97
C LYS A 32 3.31 -3.52 -11.14
N ASN A 33 4.38 -4.33 -11.31
CA ASN A 33 4.42 -5.26 -12.42
C ASN A 33 3.76 -6.56 -12.03
N ILE A 34 3.48 -6.79 -10.74
CA ILE A 34 2.83 -8.02 -10.33
C ILE A 34 1.34 -7.74 -10.24
N PRO A 35 0.55 -8.48 -11.00
CA PRO A 35 -0.89 -8.30 -10.97
C PRO A 35 -1.52 -8.95 -9.78
N MET A 36 -1.45 -8.26 -8.62
CA MET A 36 -2.03 -8.79 -7.40
C MET A 36 -3.52 -8.68 -7.51
N THR A 37 -4.24 -9.71 -7.03
CA THR A 37 -5.68 -9.69 -7.10
C THR A 37 -6.20 -8.96 -5.89
N LEU A 38 -7.49 -8.56 -5.94
CA LEU A 38 -8.09 -7.85 -4.84
C LEU A 38 -8.18 -8.77 -3.65
N GLU A 39 -8.35 -10.09 -3.89
CA GLU A 39 -8.45 -11.03 -2.79
C GLU A 39 -7.16 -11.05 -2.03
N LEU A 40 -6.01 -11.01 -2.75
CA LEU A 40 -4.73 -11.03 -2.09
C LEU A 40 -4.55 -9.75 -1.32
N LEU A 41 -5.00 -8.62 -1.90
CA LEU A 41 -4.86 -7.34 -1.24
C LEU A 41 -5.70 -7.33 0.01
N GLN A 42 -6.94 -7.85 -0.06
CA GLN A 42 -7.80 -7.87 1.09
C GLN A 42 -7.23 -8.78 2.15
N SER A 43 -6.72 -9.96 1.73
CA SER A 43 -6.17 -10.90 2.70
C SER A 43 -4.89 -10.37 3.27
N THR A 44 -4.05 -9.74 2.43
CA THR A 44 -2.80 -9.21 2.91
C THR A 44 -2.84 -7.73 2.71
N ARG A 45 -3.05 -7.00 3.82
CA ARG A 45 -3.13 -5.55 3.74
C ARG A 45 -1.73 -5.01 3.66
N ILE A 46 -1.10 -5.17 2.47
CA ILE A 46 0.23 -4.68 2.26
C ILE A 46 0.17 -3.18 2.07
N GLY A 47 -1.06 -2.66 1.83
CA GLY A 47 -1.27 -1.24 1.63
C GLY A 47 -0.82 -0.49 2.85
N MET A 48 -1.07 -1.06 4.04
CA MET A 48 -0.68 -0.41 5.28
C MET A 48 0.81 -0.23 5.29
N SER A 49 1.56 -1.28 4.87
CA SER A 49 3.01 -1.20 4.86
C SER A 49 3.45 -0.15 3.88
N VAL A 50 2.77 -0.08 2.71
CA VAL A 50 3.12 0.90 1.70
C VAL A 50 2.88 2.29 2.25
N ASN A 51 1.75 2.47 2.98
CA ASN A 51 1.43 3.76 3.55
C ASN A 51 2.52 4.16 4.51
N ALA A 52 3.01 3.21 5.33
CA ALA A 52 4.06 3.52 6.29
C ALA A 52 5.29 3.97 5.54
N ILE A 53 5.61 3.29 4.42
CA ILE A 53 6.77 3.63 3.64
C ILE A 53 6.60 5.02 3.09
N ARG A 54 5.38 5.35 2.60
CA ARG A 54 5.14 6.66 2.02
C ARG A 54 5.39 7.71 3.08
N LYS A 55 4.96 7.44 4.33
CA LYS A 55 5.14 8.39 5.40
C LYS A 55 6.61 8.62 5.66
N GLN A 56 7.43 7.55 5.55
CA GLN A 56 8.86 7.68 5.82
C GLN A 56 9.58 8.05 4.54
N SER A 57 8.85 8.31 3.44
CA SER A 57 9.50 8.66 2.20
C SER A 57 9.53 10.14 2.09
N THR A 58 10.74 10.71 1.86
CA THR A 58 10.88 12.14 1.74
C THR A 58 11.02 12.47 0.27
N ASP A 59 11.10 11.45 -0.60
CA ASP A 59 11.24 11.70 -2.01
C ASP A 59 9.86 11.85 -2.59
N GLU A 60 9.65 12.97 -3.32
CA GLU A 60 8.36 13.24 -3.91
C GLU A 60 8.03 12.19 -4.94
N GLU A 61 9.05 11.75 -5.73
CA GLU A 61 8.82 10.75 -6.75
C GLU A 61 8.35 9.46 -6.12
N VAL A 62 8.99 9.07 -4.99
CA VAL A 62 8.63 7.83 -4.33
C VAL A 62 7.21 7.94 -3.81
N THR A 63 6.86 9.09 -3.19
CA THR A 63 5.53 9.26 -2.64
C THR A 63 4.52 9.30 -3.76
N SER A 64 4.89 9.89 -4.92
CA SER A 64 3.98 9.97 -6.04
C SER A 64 3.68 8.57 -6.54
N LEU A 65 4.72 7.70 -6.60
CA LEU A 65 4.53 6.35 -7.08
C LEU A 65 3.63 5.61 -6.13
N ALA A 66 3.87 5.78 -4.80
CA ALA A 66 3.07 5.09 -3.81
C ALA A 66 1.63 5.53 -3.91
N LYS A 67 1.40 6.83 -4.15
CA LYS A 67 0.06 7.37 -4.24
C LYS A 67 -0.67 6.70 -5.39
N SER A 68 0.00 6.60 -6.55
CA SER A 68 -0.62 6.01 -7.73
C SER A 68 -0.90 4.54 -7.47
N LEU A 69 0.05 3.86 -6.79
CA LEU A 69 -0.10 2.44 -6.53
C LEU A 69 -1.30 2.20 -5.66
N ILE A 70 -1.47 3.01 -4.59
CA ILE A 70 -2.60 2.84 -3.69
C ILE A 70 -3.89 3.05 -4.45
N LYS A 71 -3.97 4.14 -5.26
CA LYS A 71 -5.18 4.40 -6.00
C LYS A 71 -5.44 3.30 -6.99
N SER A 72 -4.38 2.76 -7.63
CA SER A 72 -4.56 1.71 -8.60
C SER A 72 -5.17 0.51 -7.92
N TRP A 73 -4.73 0.21 -6.68
CA TRP A 73 -5.26 -0.92 -5.96
C TRP A 73 -6.70 -0.65 -5.59
N LYS A 74 -7.03 0.60 -5.24
CA LYS A 74 -8.39 0.94 -4.87
C LYS A 74 -9.30 0.71 -6.04
N LYS A 75 -8.81 1.03 -7.27
CA LYS A 75 -9.62 0.83 -8.45
C LYS A 75 -9.90 -0.63 -8.61
N LEU A 76 -8.91 -1.49 -8.31
CA LEU A 76 -9.09 -2.93 -8.43
C LEU A 76 -10.14 -3.37 -7.45
N LEU A 77 -10.14 -2.79 -6.23
CA LEU A 77 -11.12 -3.18 -5.23
C LEU A 77 -12.48 -2.79 -5.72
N ASP A 78 -12.58 -1.62 -6.39
CA ASP A 78 -13.84 -1.14 -6.92
C ASP A 78 -14.77 -0.88 -5.75
N GLY A 79 -14.23 -0.28 -4.67
CA GLY A 79 -15.03 0.03 -3.52
C GLY A 79 -14.18 -0.20 -2.31
N PRO A 80 -13.25 0.72 -2.09
CA PRO A 80 -12.34 0.62 -0.96
C PRO A 80 -13.01 0.93 0.35
N SER A 81 -14.15 1.66 0.29
CA SER A 81 -14.90 2.04 1.47
C SER A 81 -14.17 3.17 2.16
N THR A 82 -12.89 2.96 2.50
CA THR A 82 -12.12 3.99 3.15
C THR A 82 -11.63 4.94 2.09
N GLU A 83 -11.50 6.23 2.47
CA GLU A 83 -11.04 7.25 1.54
C GLU A 83 -12.03 7.37 0.42
N LYS A 84 -13.30 7.07 0.70
CA LYS A 84 -14.34 7.18 -0.29
C LYS A 84 -15.58 7.58 0.44
N ASP A 85 -15.93 6.83 1.50
CA ASP A 85 -17.10 7.13 2.28
C ASP A 85 -16.61 7.84 3.52
N LEU A 86 -15.31 8.19 3.55
CA LEU A 86 -14.75 8.86 4.69
C LEU A 86 -15.02 10.33 4.51
N ASP A 87 -16.02 10.85 5.25
CA ASP A 87 -16.35 12.24 5.15
C ASP A 87 -17.32 12.53 6.26
N GLU A 88 -18.49 11.86 6.24
CA GLU A 88 -19.47 12.08 7.27
C GLU A 88 -19.36 10.95 8.24
N LYS A 89 -18.62 11.18 9.35
CA LYS A 89 -18.47 10.15 10.35
C LYS A 89 -18.86 10.76 11.66
N LYS A 90 -19.41 9.93 12.56
CA LYS A 90 -19.83 10.41 13.85
C LYS A 90 -19.21 9.52 14.88
N LYS A 91 -18.88 10.08 16.06
CA LYS A 91 -18.28 9.30 17.10
C LYS A 91 -19.40 8.80 17.98
N GLU A 92 -19.47 7.46 18.15
CA GLU A 92 -20.51 6.89 18.97
C GLU A 92 -20.13 7.12 20.40
N PRO A 93 -21.12 7.28 21.25
CA PRO A 93 -20.90 7.52 22.66
C PRO A 93 -20.62 6.25 23.43
N ALA A 94 -19.46 5.62 23.14
CA ALA A 94 -19.08 4.41 23.81
C ALA A 94 -18.91 4.70 25.28
N ILE A 95 -18.31 5.88 25.59
CA ILE A 95 -18.10 6.25 26.97
C ILE A 95 -18.96 7.45 27.21
N THR A 96 -19.87 7.35 28.21
CA THR A 96 -20.74 8.46 28.52
C THR A 96 -20.19 9.16 29.77
N MET A 1 2.40 -17.36 -5.09
CA MET A 1 2.24 -17.98 -3.75
C MET A 1 1.86 -16.92 -2.73
N GLU A 2 0.75 -17.18 -2.00
CA GLU A 2 0.28 -16.25 -1.00
C GLU A 2 1.32 -16.13 0.09
N ASP A 3 1.94 -17.27 0.47
CA ASP A 3 2.93 -17.26 1.52
C ASP A 3 4.09 -16.38 1.12
N GLU A 4 4.49 -16.43 -0.17
CA GLU A 4 5.61 -15.63 -0.63
C GLU A 4 5.27 -14.17 -0.51
N VAL A 5 4.00 -13.80 -0.84
CA VAL A 5 3.58 -12.42 -0.75
C VAL A 5 3.65 -11.99 0.69
N VAL A 6 3.23 -12.88 1.62
CA VAL A 6 3.23 -12.56 3.03
C VAL A 6 4.65 -12.30 3.48
N ARG A 7 5.61 -13.12 2.99
CA ARG A 7 7.00 -12.95 3.38
C ARG A 7 7.48 -11.59 2.93
N PHE A 8 7.06 -11.15 1.72
CA PHE A 8 7.48 -9.87 1.22
C PHE A 8 6.90 -8.79 2.08
N ALA A 9 5.65 -8.99 2.57
CA ALA A 9 5.01 -7.98 3.41
C ALA A 9 5.81 -7.82 4.68
N LYS A 10 6.29 -8.94 5.27
CA LYS A 10 7.06 -8.85 6.49
C LYS A 10 8.35 -8.12 6.21
N LYS A 11 8.99 -8.43 5.06
CA LYS A 11 10.24 -7.79 4.71
C LYS A 11 9.98 -6.31 4.50
N MET A 12 8.85 -5.98 3.84
CA MET A 12 8.50 -4.60 3.58
C MET A 12 8.33 -3.89 4.89
N ASP A 13 7.69 -4.54 5.88
CA ASP A 13 7.46 -3.93 7.17
C ASP A 13 8.80 -3.61 7.80
N LYS A 14 9.78 -4.55 7.69
CA LYS A 14 11.08 -4.33 8.27
C LYS A 14 11.73 -3.15 7.58
N MET A 15 11.56 -3.06 6.24
CA MET A 15 12.15 -1.98 5.49
C MET A 15 11.53 -0.67 5.91
N VAL A 16 10.21 -0.67 6.21
CA VAL A 16 9.54 0.54 6.62
C VAL A 16 10.18 1.02 7.91
N GLN A 17 10.42 0.07 8.85
CA GLN A 17 11.00 0.42 10.14
C GLN A 17 12.40 0.95 9.95
N LYS A 18 13.17 0.37 9.00
CA LYS A 18 14.53 0.81 8.79
C LYS A 18 14.54 2.03 7.92
N LYS A 19 13.34 2.40 7.37
CA LYS A 19 13.24 3.57 6.53
C LYS A 19 14.13 3.39 5.33
N ASN A 20 14.11 2.17 4.73
CA ASN A 20 14.93 1.92 3.57
C ASN A 20 14.13 2.32 2.37
N ALA A 21 14.35 3.57 1.91
CA ALA A 21 13.62 4.09 0.76
C ALA A 21 14.00 3.31 -0.48
N ALA A 22 15.30 2.98 -0.63
CA ALA A 22 15.73 2.26 -1.82
C ALA A 22 15.08 0.90 -1.85
N GLY A 23 15.04 0.21 -0.69
CA GLY A 23 14.45 -1.11 -0.63
C GLY A 23 12.99 -1.02 -0.97
N ALA A 24 12.31 0.01 -0.44
CA ALA A 24 10.89 0.18 -0.68
C ALA A 24 10.65 0.38 -2.15
N LEU A 25 11.52 1.16 -2.82
CA LEU A 25 11.36 1.43 -4.23
C LEU A 25 11.48 0.14 -5.00
N ASP A 26 12.45 -0.73 -4.62
CA ASP A 26 12.64 -1.98 -5.32
C ASP A 26 11.40 -2.83 -5.17
N LEU A 27 10.81 -2.85 -3.96
CA LEU A 27 9.63 -3.65 -3.72
C LEU A 27 8.49 -3.13 -4.56
N LEU A 28 8.37 -1.79 -4.69
CA LEU A 28 7.30 -1.21 -5.46
C LEU A 28 7.46 -1.62 -6.91
N LYS A 29 8.71 -1.66 -7.40
CA LYS A 29 8.96 -2.04 -8.77
C LYS A 29 8.50 -3.47 -8.98
N GLU A 30 8.79 -4.36 -8.01
CA GLU A 30 8.39 -5.74 -8.13
C GLU A 30 6.87 -5.82 -8.14
N LEU A 31 6.21 -5.01 -7.29
CA LEU A 31 4.76 -5.03 -7.21
C LEU A 31 4.18 -4.59 -8.52
N LYS A 32 4.82 -3.62 -9.18
CA LYS A 32 4.32 -3.13 -10.45
C LYS A 32 4.36 -4.22 -11.48
N ASN A 33 5.38 -5.11 -11.43
CA ASN A 33 5.50 -6.15 -12.43
C ASN A 33 4.71 -7.39 -12.04
N ILE A 34 4.28 -7.53 -10.77
CA ILE A 34 3.51 -8.71 -10.40
C ILE A 34 2.11 -8.28 -10.06
N PRO A 35 1.13 -8.77 -10.80
CA PRO A 35 -0.25 -8.42 -10.56
C PRO A 35 -0.81 -9.04 -9.32
N MET A 36 -1.70 -8.31 -8.62
CA MET A 36 -2.28 -8.82 -7.41
C MET A 36 -3.75 -8.50 -7.47
N THR A 37 -4.57 -9.35 -6.82
CA THR A 37 -5.99 -9.11 -6.83
C THR A 37 -6.29 -8.16 -5.69
N LEU A 38 -7.49 -7.54 -5.73
CA LEU A 38 -7.86 -6.60 -4.71
C LEU A 38 -8.04 -7.29 -3.38
N GLU A 39 -8.50 -8.57 -3.40
CA GLU A 39 -8.72 -9.28 -2.16
C GLU A 39 -7.40 -9.65 -1.53
N LEU A 40 -6.37 -9.97 -2.35
CA LEU A 40 -5.09 -10.35 -1.80
C LEU A 40 -4.43 -9.15 -1.17
N LEU A 41 -4.60 -7.96 -1.79
CA LEU A 41 -3.98 -6.76 -1.26
C LEU A 41 -4.50 -6.46 0.12
N GLN A 42 -5.84 -6.53 0.32
CA GLN A 42 -6.39 -6.23 1.61
C GLN A 42 -6.18 -7.38 2.56
N SER A 43 -6.12 -8.63 2.05
CA SER A 43 -5.93 -9.78 2.91
C SER A 43 -4.55 -9.76 3.52
N THR A 44 -3.53 -9.37 2.72
CA THR A 44 -2.18 -9.34 3.23
C THR A 44 -1.93 -8.03 3.90
N ARG A 45 -2.82 -7.03 3.66
CA ARG A 45 -2.69 -5.71 4.25
C ARG A 45 -1.38 -5.11 3.82
N ILE A 46 -0.94 -5.45 2.57
CA ILE A 46 0.30 -4.91 2.07
C ILE A 46 0.08 -3.45 1.75
N GLY A 47 -1.19 -3.07 1.48
CA GLY A 47 -1.51 -1.70 1.17
C GLY A 47 -1.18 -0.83 2.35
N MET A 48 -1.43 -1.34 3.58
CA MET A 48 -1.17 -0.57 4.78
C MET A 48 0.31 -0.33 4.87
N SER A 49 1.13 -1.35 4.51
CA SER A 49 2.57 -1.20 4.58
C SER A 49 3.01 -0.16 3.59
N VAL A 50 2.37 -0.14 2.39
CA VAL A 50 2.72 0.82 1.37
C VAL A 50 2.39 2.20 1.88
N ASN A 51 1.22 2.34 2.54
CA ASN A 51 0.81 3.63 3.07
C ASN A 51 1.82 4.08 4.10
N ALA A 52 2.32 3.14 4.93
CA ALA A 52 3.28 3.49 5.96
C ALA A 52 4.53 4.02 5.29
N ILE A 53 4.95 3.40 4.16
CA ILE A 53 6.13 3.85 3.46
C ILE A 53 5.86 5.22 2.92
N ARG A 54 4.63 5.44 2.39
CA ARG A 54 4.26 6.73 1.82
C ARG A 54 4.37 7.80 2.87
N LYS A 55 3.89 7.51 4.10
CA LYS A 55 3.93 8.49 5.17
C LYS A 55 5.36 8.86 5.49
N GLN A 56 6.28 7.88 5.45
CA GLN A 56 7.67 8.14 5.77
C GLN A 56 8.44 8.43 4.52
N SER A 57 7.74 8.67 3.38
CA SER A 57 8.44 8.93 2.14
C SER A 57 8.35 10.40 1.87
N THR A 58 9.49 11.01 1.49
CA THR A 58 9.52 12.41 1.17
C THR A 58 9.88 12.55 -0.27
N ASP A 59 9.75 11.44 -1.04
CA ASP A 59 10.09 11.48 -2.45
C ASP A 59 8.80 11.55 -3.20
N GLU A 60 8.70 12.55 -4.11
CA GLU A 60 7.49 12.74 -4.88
C GLU A 60 7.25 11.56 -5.78
N GLU A 61 8.33 11.00 -6.38
CA GLU A 61 8.17 9.88 -7.29
C GLU A 61 7.62 8.68 -6.54
N VAL A 62 8.20 8.37 -5.35
CA VAL A 62 7.76 7.23 -4.58
C VAL A 62 6.37 7.49 -4.07
N THR A 63 6.11 8.73 -3.59
CA THR A 63 4.82 9.07 -3.05
C THR A 63 3.78 8.97 -4.12
N SER A 64 4.08 9.46 -5.33
CA SER A 64 3.12 9.42 -6.43
C SER A 64 2.82 8.00 -6.80
N LEU A 65 3.85 7.12 -6.80
CA LEU A 65 3.64 5.74 -7.17
C LEU A 65 2.75 5.08 -6.14
N ALA A 66 2.99 5.34 -4.84
CA ALA A 66 2.19 4.73 -3.81
C ALA A 66 0.76 5.19 -3.94
N LYS A 67 0.56 6.49 -4.24
CA LYS A 67 -0.77 7.03 -4.37
C LYS A 67 -1.46 6.35 -5.52
N SER A 68 -0.73 6.14 -6.63
CA SER A 68 -1.32 5.51 -7.80
C SER A 68 -1.72 4.09 -7.47
N LEU A 69 -0.89 3.38 -6.69
CA LEU A 69 -1.17 2.01 -6.33
C LEU A 69 -2.44 1.93 -5.53
N ILE A 70 -2.59 2.82 -4.53
CA ILE A 70 -3.78 2.80 -3.69
C ILE A 70 -4.99 3.14 -4.53
N LYS A 71 -4.87 4.15 -5.42
CA LYS A 71 -5.98 4.56 -6.25
C LYS A 71 -6.36 3.41 -7.15
N SER A 72 -5.36 2.69 -7.70
CA SER A 72 -5.63 1.57 -8.57
C SER A 72 -6.41 0.54 -7.82
N TRP A 73 -6.03 0.28 -6.55
CA TRP A 73 -6.71 -0.71 -5.75
C TRP A 73 -8.16 -0.29 -5.58
N LYS A 74 -8.40 1.01 -5.30
CA LYS A 74 -9.76 1.48 -5.11
C LYS A 74 -10.53 1.29 -6.38
N LYS A 75 -9.87 1.54 -7.55
CA LYS A 75 -10.55 1.38 -8.82
C LYS A 75 -10.94 -0.06 -8.99
N LEU A 76 -10.01 -0.99 -8.63
CA LEU A 76 -10.29 -2.41 -8.75
C LEU A 76 -11.41 -2.77 -7.80
N LEU A 77 -11.43 -2.15 -6.61
CA LEU A 77 -12.44 -2.42 -5.62
C LEU A 77 -13.77 -2.00 -6.19
N ASP A 78 -13.76 -0.88 -6.96
CA ASP A 78 -14.95 -0.34 -7.55
C ASP A 78 -15.68 0.39 -6.47
N GLY A 79 -14.92 1.08 -5.59
CA GLY A 79 -15.52 1.83 -4.52
C GLY A 79 -14.56 2.88 -4.08
N PRO A 80 -14.30 3.83 -4.96
CA PRO A 80 -13.40 4.92 -4.65
C PRO A 80 -13.94 5.84 -3.60
N SER A 81 -15.29 5.98 -3.57
CA SER A 81 -15.91 6.83 -2.58
C SER A 81 -16.08 6.01 -1.32
N THR A 82 -16.06 4.67 -1.47
CA THR A 82 -16.21 3.78 -0.34
C THR A 82 -15.02 3.94 0.57
N GLU A 83 -13.81 3.93 -0.02
CA GLU A 83 -12.60 4.05 0.76
C GLU A 83 -12.52 5.44 1.37
N LYS A 84 -12.92 6.47 0.59
CA LYS A 84 -12.86 7.83 1.09
C LYS A 84 -13.77 7.96 2.29
N ASP A 85 -14.99 7.38 2.22
CA ASP A 85 -15.92 7.45 3.33
C ASP A 85 -15.35 6.74 4.52
N LEU A 86 -14.68 5.59 4.28
CA LEU A 86 -14.10 4.85 5.39
C LEU A 86 -12.73 5.41 5.64
N ASP A 87 -12.69 6.60 6.27
CA ASP A 87 -11.42 7.22 6.57
C ASP A 87 -11.66 8.18 7.70
N GLU A 88 -12.76 7.96 8.45
CA GLU A 88 -13.08 8.81 9.56
C GLU A 88 -12.53 8.17 10.80
N LYS A 89 -11.98 6.94 10.64
CA LYS A 89 -11.42 6.25 11.77
C LYS A 89 -9.98 6.65 11.88
N LYS A 90 -9.51 6.89 13.13
CA LYS A 90 -8.15 7.28 13.34
C LYS A 90 -7.64 6.53 14.52
N LYS A 91 -6.47 5.89 14.37
CA LYS A 91 -5.90 5.12 15.45
C LYS A 91 -4.86 6.00 16.09
N GLU A 92 -4.97 6.17 17.44
CA GLU A 92 -4.02 7.00 18.14
C GLU A 92 -2.72 6.25 18.18
N PRO A 93 -1.62 6.97 18.19
CA PRO A 93 -0.30 6.38 18.23
C PRO A 93 0.10 5.92 19.60
N ALA A 94 -0.67 4.95 20.15
CA ALA A 94 -0.38 4.42 21.46
C ALA A 94 0.95 3.71 21.39
N ILE A 95 1.19 2.98 20.27
CA ILE A 95 2.42 2.27 20.10
C ILE A 95 3.23 3.01 19.08
N THR A 96 4.45 3.43 19.46
CA THR A 96 5.30 4.15 18.54
C THR A 96 5.86 3.15 17.53
N MET A 1 0.26 -18.00 -5.04
CA MET A 1 0.78 -16.61 -5.12
C MET A 1 0.72 -15.92 -3.78
N GLU A 2 -0.07 -16.50 -2.84
CA GLU A 2 -0.19 -15.91 -1.52
C GLU A 2 1.16 -15.95 -0.85
N ASP A 3 1.90 -17.05 -1.03
CA ASP A 3 3.20 -17.18 -0.40
C ASP A 3 4.12 -16.12 -0.97
N GLU A 4 4.02 -15.85 -2.29
CA GLU A 4 4.87 -14.86 -2.92
C GLU A 4 4.57 -13.51 -2.32
N VAL A 5 3.28 -13.21 -2.12
CA VAL A 5 2.89 -11.92 -1.57
C VAL A 5 3.45 -11.80 -0.18
N VAL A 6 3.38 -12.89 0.61
CA VAL A 6 3.87 -12.87 1.96
C VAL A 6 5.36 -12.62 1.95
N ARG A 7 6.10 -13.29 1.05
CA ARG A 7 7.54 -13.12 1.00
C ARG A 7 7.88 -11.69 0.64
N PHE A 8 7.11 -11.07 -0.28
CA PHE A 8 7.38 -9.70 -0.65
C PHE A 8 7.14 -8.81 0.54
N ALA A 9 6.07 -9.09 1.32
CA ALA A 9 5.77 -8.28 2.48
C ALA A 9 6.89 -8.40 3.48
N LYS A 10 7.42 -9.63 3.68
CA LYS A 10 8.50 -9.83 4.62
C LYS A 10 9.72 -9.09 4.14
N LYS A 11 9.99 -9.14 2.82
CA LYS A 11 11.15 -8.47 2.28
C LYS A 11 10.99 -6.99 2.48
N MET A 12 9.75 -6.47 2.26
CA MET A 12 9.48 -5.07 2.42
C MET A 12 9.69 -4.69 3.87
N ASP A 13 9.27 -5.57 4.80
CA ASP A 13 9.41 -5.28 6.21
C ASP A 13 10.88 -5.13 6.54
N LYS A 14 11.75 -5.97 5.92
CA LYS A 14 13.16 -5.87 6.18
C LYS A 14 13.66 -4.52 5.70
N MET A 15 13.15 -4.05 4.54
CA MET A 15 13.56 -2.78 4.00
C MET A 15 13.13 -1.69 4.95
N VAL A 16 11.91 -1.82 5.53
CA VAL A 16 11.40 -0.84 6.46
C VAL A 16 12.32 -0.77 7.65
N GLN A 17 12.73 -1.95 8.17
CA GLN A 17 13.58 -2.02 9.33
C GLN A 17 14.92 -1.41 9.03
N LYS A 18 15.47 -1.64 7.82
CA LYS A 18 16.78 -1.11 7.48
C LYS A 18 16.63 0.32 7.03
N LYS A 19 15.37 0.80 6.86
CA LYS A 19 15.13 2.16 6.43
C LYS A 19 15.78 2.37 5.08
N ASN A 20 15.66 1.35 4.19
CA ASN A 20 16.26 1.47 2.89
C ASN A 20 15.19 2.02 1.98
N ALA A 21 15.22 3.35 1.76
CA ALA A 21 14.24 4.00 0.92
C ALA A 21 14.39 3.53 -0.51
N ALA A 22 15.65 3.38 -0.99
CA ALA A 22 15.87 2.97 -2.36
C ALA A 22 15.35 1.57 -2.57
N GLY A 23 15.60 0.67 -1.59
CA GLY A 23 15.15 -0.70 -1.72
C GLY A 23 13.65 -0.73 -1.72
N ALA A 24 13.02 0.09 -0.86
CA ALA A 24 11.58 0.13 -0.78
C ALA A 24 11.01 0.59 -2.09
N LEU A 25 11.65 1.59 -2.73
CA LEU A 25 11.16 2.11 -3.99
C LEU A 25 11.20 1.02 -5.03
N ASP A 26 12.30 0.25 -5.06
CA ASP A 26 12.43 -0.81 -6.05
C ASP A 26 11.34 -1.83 -5.85
N LEU A 27 11.02 -2.17 -4.58
CA LEU A 27 10.00 -3.15 -4.31
C LEU A 27 8.66 -2.62 -4.76
N LEU A 28 8.39 -1.31 -4.54
CA LEU A 28 7.13 -0.74 -4.93
C LEU A 28 6.98 -0.80 -6.42
N LYS A 29 8.07 -0.54 -7.18
CA LYS A 29 8.01 -0.57 -8.62
C LYS A 29 7.70 -1.97 -9.07
N GLU A 30 8.29 -2.99 -8.39
CA GLU A 30 8.05 -4.36 -8.78
C GLU A 30 6.59 -4.69 -8.52
N LEU A 31 6.04 -4.19 -7.39
CA LEU A 31 4.66 -4.46 -7.06
C LEU A 31 3.76 -3.84 -8.09
N LYS A 32 4.13 -2.64 -8.58
CA LYS A 32 3.31 -1.96 -9.57
C LYS A 32 3.27 -2.76 -10.85
N ASN A 33 4.39 -3.43 -11.22
CA ASN A 33 4.41 -4.15 -12.48
C ASN A 33 3.89 -5.57 -12.31
N ILE A 34 3.76 -6.09 -11.07
CA ILE A 34 3.26 -7.43 -10.90
C ILE A 34 1.80 -7.33 -10.52
N PRO A 35 0.94 -7.98 -11.28
CA PRO A 35 -0.49 -7.94 -10.99
C PRO A 35 -0.85 -8.71 -9.76
N MET A 36 -1.94 -8.30 -9.09
CA MET A 36 -2.36 -8.96 -7.88
C MET A 36 -3.83 -8.74 -7.75
N THR A 37 -4.48 -9.53 -6.86
CA THR A 37 -5.90 -9.41 -6.66
C THR A 37 -6.14 -8.66 -5.39
N LEU A 38 -7.39 -8.16 -5.22
CA LEU A 38 -7.75 -7.41 -4.03
C LEU A 38 -7.72 -8.32 -2.83
N GLU A 39 -8.02 -9.62 -3.03
CA GLU A 39 -8.04 -10.56 -1.92
C GLU A 39 -6.65 -10.67 -1.34
N LEU A 40 -5.60 -10.65 -2.19
CA LEU A 40 -4.26 -10.75 -1.69
C LEU A 40 -3.96 -9.55 -0.84
N LEU A 41 -4.41 -8.36 -1.29
CA LEU A 41 -4.16 -7.14 -0.54
C LEU A 41 -4.96 -7.15 0.73
N GLN A 42 -6.20 -7.68 0.69
CA GLN A 42 -7.03 -7.70 1.87
C GLN A 42 -6.43 -8.65 2.89
N SER A 43 -5.96 -9.83 2.44
CA SER A 43 -5.40 -10.80 3.36
C SER A 43 -4.04 -10.33 3.83
N THR A 44 -3.24 -9.74 2.92
CA THR A 44 -1.92 -9.28 3.30
C THR A 44 -1.97 -7.79 3.29
N ARG A 45 -1.96 -7.18 4.50
CA ARG A 45 -2.01 -5.74 4.61
C ARG A 45 -0.63 -5.20 4.35
N ILE A 46 -0.19 -5.26 3.07
CA ILE A 46 1.11 -4.75 2.70
C ILE A 46 1.04 -3.24 2.72
N GLY A 47 -0.20 -2.69 2.68
CA GLY A 47 -0.39 -1.25 2.69
C GLY A 47 0.17 -0.68 3.96
N MET A 48 0.04 -1.43 5.08
CA MET A 48 0.54 -0.96 6.35
C MET A 48 2.04 -0.80 6.26
N SER A 49 2.72 -1.78 5.62
CA SER A 49 4.16 -1.72 5.49
C SER A 49 4.52 -0.52 4.65
N VAL A 50 3.74 -0.26 3.57
CA VAL A 50 4.01 0.86 2.70
C VAL A 50 3.84 2.13 3.50
N ASN A 51 2.79 2.18 4.35
CA ASN A 51 2.52 3.35 5.16
C ASN A 51 3.71 3.60 6.06
N ALA A 52 4.30 2.51 6.61
CA ALA A 52 5.44 2.66 7.49
C ALA A 52 6.59 3.26 6.71
N ILE A 53 6.78 2.82 5.45
CA ILE A 53 7.86 3.34 4.63
C ILE A 53 7.60 4.81 4.39
N ARG A 54 6.34 5.15 4.06
CA ARG A 54 5.98 6.54 3.79
C ARG A 54 6.25 7.37 5.02
N LYS A 55 5.92 6.83 6.21
CA LYS A 55 6.13 7.54 7.43
C LYS A 55 7.60 7.80 7.63
N GLN A 56 8.47 6.83 7.27
CA GLN A 56 9.88 6.99 7.47
C GLN A 56 10.46 7.89 6.40
N SER A 57 9.90 7.89 5.18
CA SER A 57 10.44 8.71 4.13
C SER A 57 9.30 9.41 3.45
N THR A 58 9.28 10.76 3.57
CA THR A 58 8.22 11.53 2.96
C THR A 58 8.71 11.93 1.59
N ASP A 59 8.66 10.98 0.64
CA ASP A 59 9.08 11.25 -0.71
C ASP A 59 7.83 11.40 -1.52
N GLU A 60 7.80 12.41 -2.42
CA GLU A 60 6.62 12.65 -3.22
C GLU A 60 6.37 11.46 -4.12
N GLU A 61 7.45 10.89 -4.70
CA GLU A 61 7.28 9.78 -5.61
C GLU A 61 6.75 8.58 -4.86
N VAL A 62 7.31 8.30 -3.66
CA VAL A 62 6.88 7.15 -2.89
C VAL A 62 5.48 7.38 -2.39
N THR A 63 5.19 8.60 -1.92
CA THR A 63 3.88 8.91 -1.39
C THR A 63 2.85 8.81 -2.48
N SER A 64 3.17 9.32 -3.68
CA SER A 64 2.23 9.28 -4.79
C SER A 64 1.95 7.86 -5.17
N LEU A 65 3.00 7.00 -5.17
CA LEU A 65 2.82 5.61 -5.55
C LEU A 65 1.94 4.93 -4.53
N ALA A 66 2.14 5.23 -3.23
CA ALA A 66 1.34 4.60 -2.19
C ALA A 66 -0.10 5.01 -2.35
N LYS A 67 -0.35 6.29 -2.69
CA LYS A 67 -1.70 6.77 -2.85
C LYS A 67 -2.35 6.04 -4.00
N SER A 68 -1.61 5.84 -5.10
CA SER A 68 -2.16 5.16 -6.25
C SER A 68 -2.46 3.73 -5.91
N LEU A 69 -1.59 3.08 -5.13
CA LEU A 69 -1.76 1.69 -4.76
C LEU A 69 -3.01 1.51 -3.95
N ILE A 70 -3.22 2.38 -2.92
CA ILE A 70 -4.39 2.23 -2.08
C ILE A 70 -5.62 2.60 -2.87
N LYS A 71 -5.50 3.55 -3.82
CA LYS A 71 -6.63 3.94 -4.62
C LYS A 71 -7.01 2.78 -5.50
N SER A 72 -6.02 2.06 -6.04
CA SER A 72 -6.28 0.93 -6.90
C SER A 72 -7.03 -0.12 -6.11
N TRP A 73 -6.61 -0.35 -4.85
CA TRP A 73 -7.27 -1.33 -4.01
C TRP A 73 -8.69 -0.87 -3.78
N LYS A 74 -8.86 0.43 -3.53
CA LYS A 74 -10.15 1.01 -3.28
C LYS A 74 -11.03 0.81 -4.48
N LYS A 75 -10.49 1.06 -5.70
CA LYS A 75 -11.27 0.90 -6.91
C LYS A 75 -11.68 -0.54 -7.08
N LEU A 76 -10.73 -1.48 -6.86
CA LEU A 76 -11.02 -2.89 -7.04
C LEU A 76 -12.04 -3.33 -6.02
N LEU A 77 -11.92 -2.82 -4.76
CA LEU A 77 -12.83 -3.21 -3.71
C LEU A 77 -14.21 -2.69 -4.04
N ASP A 78 -14.25 -1.47 -4.64
CA ASP A 78 -15.49 -0.81 -5.01
C ASP A 78 -15.84 0.15 -3.91
N GLY A 79 -14.81 0.57 -3.13
CA GLY A 79 -15.05 1.51 -2.06
C GLY A 79 -15.35 0.75 -0.79
N PRO A 80 -14.53 0.95 0.22
CA PRO A 80 -14.74 0.30 1.50
C PRO A 80 -15.75 1.03 2.33
N SER A 81 -15.34 2.14 2.96
CA SER A 81 -16.24 2.92 3.79
C SER A 81 -15.41 3.95 4.50
N THR A 82 -14.22 3.54 4.98
CA THR A 82 -13.36 4.45 5.72
C THR A 82 -12.81 5.51 4.81
N GLU A 83 -11.91 5.14 3.86
CA GLU A 83 -11.32 6.11 2.98
C GLU A 83 -12.36 6.71 2.08
N LYS A 84 -13.38 5.92 1.68
CA LYS A 84 -14.41 6.43 0.82
C LYS A 84 -15.13 7.57 1.51
N ASP A 85 -15.45 7.43 2.82
CA ASP A 85 -16.13 8.49 3.54
C ASP A 85 -15.17 9.63 3.73
N LEU A 86 -13.85 9.35 3.71
CA LEU A 86 -12.86 10.38 3.90
C LEU A 86 -12.46 10.89 2.53
N ASP A 87 -13.45 11.12 1.64
CA ASP A 87 -13.15 11.59 0.33
C ASP A 87 -14.39 12.26 -0.18
N GLU A 88 -14.30 12.92 -1.36
CA GLU A 88 -15.45 13.59 -1.90
C GLU A 88 -16.31 12.54 -2.55
N LYS A 89 -17.27 12.01 -1.77
CA LYS A 89 -18.17 11.01 -2.28
C LYS A 89 -19.35 11.72 -2.85
N LYS A 90 -19.67 11.44 -4.14
CA LYS A 90 -20.79 12.08 -4.77
C LYS A 90 -21.29 11.14 -5.82
N LYS A 91 -22.55 11.36 -6.26
CA LYS A 91 -23.13 10.51 -7.27
C LYS A 91 -23.48 11.39 -8.43
N GLU A 92 -23.12 10.96 -9.66
CA GLU A 92 -23.43 11.73 -10.82
C GLU A 92 -24.91 11.60 -11.06
N PRO A 93 -25.50 12.60 -11.67
CA PRO A 93 -26.94 12.60 -11.95
C PRO A 93 -27.39 11.41 -12.74
N ALA A 94 -28.58 10.86 -12.39
CA ALA A 94 -29.09 9.72 -13.10
C ALA A 94 -29.44 10.15 -14.49
N ILE A 95 -29.17 9.28 -15.48
CA ILE A 95 -29.47 9.63 -16.85
C ILE A 95 -30.57 8.72 -17.30
N THR A 96 -31.68 9.30 -17.77
CA THR A 96 -32.80 8.50 -18.22
C THR A 96 -32.45 7.96 -19.61
N MET A 1 3.17 -17.76 -6.31
CA MET A 1 2.01 -16.83 -6.25
C MET A 1 1.91 -16.18 -4.90
N GLU A 2 1.13 -16.80 -3.98
CA GLU A 2 0.98 -16.24 -2.64
C GLU A 2 2.32 -16.29 -1.96
N ASP A 3 3.08 -17.39 -2.16
CA ASP A 3 4.37 -17.53 -1.53
C ASP A 3 5.27 -16.43 -2.01
N GLU A 4 5.20 -16.10 -3.32
CA GLU A 4 6.05 -15.06 -3.88
C GLU A 4 5.69 -13.73 -3.25
N VAL A 5 4.38 -13.49 -3.05
CA VAL A 5 3.93 -12.23 -2.48
C VAL A 5 4.47 -12.13 -1.08
N VAL A 6 4.41 -13.24 -0.31
CA VAL A 6 4.90 -13.25 1.05
C VAL A 6 6.39 -12.99 1.04
N ARG A 7 7.12 -13.63 0.10
CA ARG A 7 8.55 -13.46 0.01
C ARG A 7 8.89 -12.01 -0.24
N PHE A 8 8.14 -11.35 -1.16
CA PHE A 8 8.40 -9.95 -1.46
C PHE A 8 8.14 -9.12 -0.23
N ALA A 9 7.08 -9.46 0.53
CA ALA A 9 6.76 -8.70 1.72
C ALA A 9 7.88 -8.83 2.72
N LYS A 10 8.45 -10.05 2.86
CA LYS A 10 9.53 -10.26 3.79
C LYS A 10 10.73 -9.47 3.34
N LYS A 11 10.98 -9.46 2.00
CA LYS A 11 12.12 -8.72 1.47
C LYS A 11 11.92 -7.25 1.74
N MET A 12 10.67 -6.78 1.57
CA MET A 12 10.36 -5.38 1.78
C MET A 12 10.59 -5.06 3.24
N ASP A 13 10.22 -5.98 4.15
CA ASP A 13 10.42 -5.74 5.57
C ASP A 13 11.88 -5.57 5.84
N LYS A 14 12.75 -6.37 5.17
CA LYS A 14 14.18 -6.25 5.38
C LYS A 14 14.63 -4.89 4.93
N MET A 15 14.07 -4.39 3.80
CA MET A 15 14.44 -3.10 3.28
C MET A 15 14.03 -2.04 4.27
N VAL A 16 12.85 -2.23 4.92
CA VAL A 16 12.37 -1.26 5.89
C VAL A 16 13.35 -1.19 7.04
N GLN A 17 13.82 -2.37 7.51
CA GLN A 17 14.74 -2.42 8.62
C GLN A 17 16.05 -1.76 8.27
N LYS A 18 16.53 -1.94 7.02
CA LYS A 18 17.79 -1.34 6.63
C LYS A 18 17.55 0.09 6.24
N LYS A 19 16.28 0.51 6.15
CA LYS A 19 15.94 1.88 5.80
C LYS A 19 16.50 2.17 4.44
N ASN A 20 16.38 1.19 3.50
CA ASN A 20 16.88 1.38 2.17
C ASN A 20 15.75 1.96 1.37
N ALA A 21 15.75 3.30 1.21
CA ALA A 21 14.71 3.97 0.48
C ALA A 21 14.74 3.57 -0.98
N ALA A 22 15.95 3.44 -1.57
CA ALA A 22 16.05 3.07 -2.96
C ALA A 22 15.53 1.68 -3.17
N GLY A 23 15.88 0.74 -2.26
CA GLY A 23 15.43 -0.62 -2.39
C GLY A 23 13.93 -0.68 -2.27
N ALA A 24 13.37 0.09 -1.33
CA ALA A 24 11.95 0.10 -1.11
C ALA A 24 11.25 0.61 -2.35
N LEU A 25 11.82 1.65 -2.98
CA LEU A 25 11.21 2.23 -4.16
C LEU A 25 11.19 1.20 -5.26
N ASP A 26 12.31 0.46 -5.43
CA ASP A 26 12.38 -0.54 -6.49
C ASP A 26 11.35 -1.60 -6.25
N LEU A 27 11.16 -2.02 -4.98
CA LEU A 27 10.19 -3.05 -4.68
C LEU A 27 8.79 -2.55 -4.96
N LEU A 28 8.52 -1.26 -4.67
CA LEU A 28 7.19 -0.71 -4.91
C LEU A 28 6.92 -0.70 -6.39
N LYS A 29 7.94 -0.35 -7.21
CA LYS A 29 7.76 -0.30 -8.64
C LYS A 29 7.46 -1.69 -9.15
N GLU A 30 8.16 -2.70 -8.58
CA GLU A 30 7.96 -4.08 -9.00
C GLU A 30 6.56 -4.50 -8.63
N LEU A 31 6.08 -4.08 -7.45
CA LEU A 31 4.75 -4.46 -6.99
C LEU A 31 3.74 -3.91 -7.96
N LYS A 32 3.99 -2.69 -8.48
CA LYS A 32 3.06 -2.08 -9.40
C LYS A 32 2.97 -2.93 -10.65
N ASN A 33 4.07 -3.59 -11.06
CA ASN A 33 4.04 -4.39 -12.27
C ASN A 33 3.53 -5.77 -11.96
N ILE A 34 3.47 -6.17 -10.67
CA ILE A 34 2.96 -7.48 -10.32
C ILE A 34 1.52 -7.31 -9.90
N PRO A 35 0.61 -7.95 -10.61
CA PRO A 35 -0.81 -7.85 -10.29
C PRO A 35 -1.12 -8.31 -8.89
N MET A 36 -1.99 -7.54 -8.20
CA MET A 36 -2.38 -7.88 -6.86
C MET A 36 -3.87 -7.93 -6.83
N THR A 37 -4.42 -8.72 -5.89
CA THR A 37 -5.86 -8.85 -5.78
C THR A 37 -6.22 -8.51 -4.37
N LEU A 38 -7.54 -8.33 -4.13
CA LEU A 38 -8.02 -8.00 -2.81
C LEU A 38 -7.66 -9.09 -1.83
N GLU A 39 -7.86 -10.36 -2.23
CA GLU A 39 -7.57 -11.48 -1.37
C GLU A 39 -6.10 -11.51 -1.03
N LEU A 40 -5.21 -11.21 -2.01
CA LEU A 40 -3.80 -11.23 -1.74
C LEU A 40 -3.46 -10.12 -0.79
N LEU A 41 -4.10 -8.94 -0.96
CA LEU A 41 -3.83 -7.81 -0.09
C LEU A 41 -4.31 -8.13 1.31
N GLN A 42 -5.47 -8.80 1.43
CA GLN A 42 -5.99 -9.13 2.74
C GLN A 42 -5.10 -10.15 3.39
N SER A 43 -4.63 -11.15 2.62
CA SER A 43 -3.78 -12.18 3.17
C SER A 43 -2.43 -11.61 3.49
N THR A 44 -1.91 -10.74 2.61
CA THR A 44 -0.62 -10.14 2.84
C THR A 44 -0.83 -8.67 2.90
N ARG A 45 -0.82 -8.10 4.11
CA ARG A 45 -1.02 -6.69 4.27
C ARG A 45 0.29 -6.00 4.00
N ILE A 46 0.62 -5.86 2.69
CA ILE A 46 1.85 -5.20 2.30
C ILE A 46 1.70 -3.72 2.56
N GLY A 47 0.45 -3.25 2.72
CA GLY A 47 0.19 -1.85 2.97
C GLY A 47 0.87 -1.44 4.25
N MET A 48 0.87 -2.33 5.27
CA MET A 48 1.49 -2.00 6.54
C MET A 48 2.97 -1.79 6.33
N SER A 49 3.60 -2.61 5.47
CA SER A 49 5.02 -2.49 5.22
C SER A 49 5.27 -1.17 4.54
N VAL A 50 4.39 -0.79 3.58
CA VAL A 50 4.55 0.45 2.87
C VAL A 50 4.40 1.60 3.85
N ASN A 51 3.43 1.49 4.77
CA ASN A 51 3.21 2.52 5.76
C ASN A 51 4.45 2.68 6.59
N ALA A 52 5.09 1.55 6.96
CA ALA A 52 6.29 1.61 7.76
C ALA A 52 7.37 2.35 7.00
N ILE A 53 7.47 2.09 5.68
CA ILE A 53 8.47 2.76 4.87
C ILE A 53 8.18 4.23 4.85
N ARG A 54 6.88 4.61 4.74
CA ARG A 54 6.50 6.01 4.70
C ARG A 54 6.92 6.69 5.99
N LYS A 55 6.78 5.98 7.14
CA LYS A 55 7.16 6.55 8.40
C LYS A 55 8.64 6.83 8.42
N GLN A 56 9.45 5.95 7.79
CA GLN A 56 10.88 6.12 7.79
C GLN A 56 11.29 7.12 6.74
N SER A 57 10.52 7.25 5.64
CA SER A 57 10.89 8.19 4.61
C SER A 57 9.66 8.88 4.15
N THR A 58 9.65 10.23 4.25
CA THR A 58 8.49 11.00 3.86
C THR A 58 8.67 11.40 2.42
N ASP A 59 9.01 10.43 1.55
CA ASP A 59 9.19 10.72 0.16
C ASP A 59 7.81 10.91 -0.43
N GLU A 60 7.64 12.01 -1.21
CA GLU A 60 6.35 12.32 -1.79
C GLU A 60 5.90 11.24 -2.73
N GLU A 61 6.83 10.67 -3.53
CA GLU A 61 6.44 9.65 -4.47
C GLU A 61 6.00 8.41 -3.73
N VAL A 62 6.72 8.05 -2.65
CA VAL A 62 6.38 6.84 -1.90
C VAL A 62 5.02 7.01 -1.26
N THR A 63 4.75 8.17 -0.62
CA THR A 63 3.47 8.34 0.04
C THR A 63 2.37 8.41 -0.99
N SER A 64 2.63 9.01 -2.18
CA SER A 64 1.59 9.10 -3.19
C SER A 64 1.26 7.70 -3.66
N LEU A 65 2.27 6.81 -3.75
CA LEU A 65 2.03 5.45 -4.20
C LEU A 65 1.22 4.75 -3.15
N ALA A 66 1.52 5.00 -1.86
CA ALA A 66 0.82 4.36 -0.77
C ALA A 66 -0.63 4.77 -0.82
N LYS A 67 -0.91 6.05 -1.15
CA LYS A 67 -2.27 6.53 -1.22
C LYS A 67 -3.02 5.77 -2.28
N SER A 68 -2.36 5.52 -3.43
CA SER A 68 -3.02 4.79 -4.50
C SER A 68 -3.30 3.38 -4.05
N LEU A 69 -2.34 2.74 -3.35
CA LEU A 69 -2.50 1.38 -2.91
C LEU A 69 -3.67 1.25 -1.96
N ILE A 70 -3.76 2.14 -0.94
CA ILE A 70 -4.84 2.05 0.01
C ILE A 70 -6.14 2.41 -0.65
N LYS A 71 -6.10 3.30 -1.67
CA LYS A 71 -7.29 3.70 -2.37
C LYS A 71 -7.87 2.49 -3.07
N SER A 72 -7.00 1.71 -3.74
CA SER A 72 -7.44 0.54 -4.46
C SER A 72 -7.99 -0.48 -3.50
N TRP A 73 -7.29 -0.68 -2.36
CA TRP A 73 -7.74 -1.67 -1.38
C TRP A 73 -9.11 -1.29 -0.86
N LYS A 74 -9.28 0.00 -0.48
CA LYS A 74 -10.54 0.45 0.06
C LYS A 74 -11.61 0.34 -1.00
N LYS A 75 -11.28 0.70 -2.26
CA LYS A 75 -12.23 0.65 -3.33
C LYS A 75 -12.70 -0.77 -3.55
N LEU A 76 -11.75 -1.72 -3.61
CA LEU A 76 -12.09 -3.11 -3.83
C LEU A 76 -12.87 -3.68 -2.67
N LEU A 77 -12.48 -3.31 -1.42
CA LEU A 77 -13.15 -3.88 -0.27
C LEU A 77 -14.58 -3.42 -0.24
N ASP A 78 -14.82 -2.11 -0.39
CA ASP A 78 -16.16 -1.59 -0.35
C ASP A 78 -16.07 -0.10 -0.45
N GLY A 79 -15.50 0.40 -1.57
CA GLY A 79 -15.40 1.84 -1.73
C GLY A 79 -15.76 2.21 -3.13
N PRO A 80 -16.98 1.89 -3.52
CA PRO A 80 -17.47 2.21 -4.86
C PRO A 80 -17.63 3.69 -5.04
N SER A 81 -17.96 4.40 -3.95
CA SER A 81 -18.12 5.83 -4.01
C SER A 81 -17.48 6.40 -2.78
N THR A 82 -17.23 5.54 -1.77
CA THR A 82 -16.64 5.99 -0.53
C THR A 82 -15.16 5.97 -0.71
N GLU A 83 -14.49 7.08 -0.32
CA GLU A 83 -13.05 7.20 -0.42
C GLU A 83 -12.72 7.67 -1.82
N LYS A 84 -13.16 6.90 -2.84
CA LYS A 84 -12.88 7.27 -4.21
C LYS A 84 -13.54 8.59 -4.50
N ASP A 85 -14.80 8.77 -4.01
CA ASP A 85 -15.50 10.01 -4.25
C ASP A 85 -15.94 10.50 -2.90
N LEU A 86 -14.99 10.56 -1.95
CA LEU A 86 -15.31 11.03 -0.62
C LEU A 86 -15.49 12.51 -0.70
N ASP A 87 -16.69 13.00 -0.31
CA ASP A 87 -16.95 14.40 -0.35
C ASP A 87 -18.07 14.64 0.61
N GLU A 88 -18.23 15.90 1.07
CA GLU A 88 -19.28 16.23 2.00
C GLU A 88 -20.48 16.57 1.17
N LYS A 89 -21.26 15.52 0.80
CA LYS A 89 -22.46 15.72 0.01
C LYS A 89 -22.03 16.17 -1.36
N LYS A 90 -22.91 16.94 -2.05
CA LYS A 90 -22.58 17.41 -3.38
C LYS A 90 -22.91 18.87 -3.41
N LYS A 91 -21.94 19.71 -3.84
CA LYS A 91 -22.17 21.13 -3.91
C LYS A 91 -22.03 21.53 -5.34
N GLU A 92 -23.05 22.24 -5.86
CA GLU A 92 -22.99 22.70 -7.23
C GLU A 92 -22.01 23.84 -7.25
N PRO A 93 -21.02 23.76 -8.12
CA PRO A 93 -20.01 24.80 -8.21
C PRO A 93 -20.49 26.00 -8.97
N ALA A 94 -21.50 26.70 -8.42
CA ALA A 94 -22.03 27.87 -9.05
C ALA A 94 -22.62 28.73 -7.98
N ILE A 95 -22.65 30.06 -8.22
CA ILE A 95 -23.21 30.96 -7.25
C ILE A 95 -24.44 31.55 -7.87
N THR A 96 -25.59 31.41 -7.18
CA THR A 96 -26.83 31.95 -7.70
C THR A 96 -27.02 33.34 -7.11
N MET A 1 -1.11 -16.03 -3.00
CA MET A 1 -0.45 -16.60 -1.80
C MET A 1 -0.42 -15.58 -0.69
N GLU A 2 -1.19 -15.85 0.40
CA GLU A 2 -1.24 -14.95 1.52
C GLU A 2 0.12 -14.87 2.16
N ASP A 3 0.81 -16.03 2.25
CA ASP A 3 2.12 -16.08 2.87
C ASP A 3 3.08 -15.20 2.09
N GLU A 4 2.97 -15.20 0.74
CA GLU A 4 3.86 -14.40 -0.08
C GLU A 4 3.65 -12.94 0.23
N VAL A 5 2.37 -12.52 0.37
CA VAL A 5 2.07 -11.14 0.66
C VAL A 5 2.65 -10.77 2.01
N VAL A 6 2.50 -11.69 2.99
CA VAL A 6 3.01 -11.44 4.33
C VAL A 6 4.51 -11.30 4.26
N ARG A 7 5.18 -12.15 3.45
CA ARG A 7 6.62 -12.10 3.33
C ARG A 7 7.03 -10.73 2.81
N PHE A 8 6.30 -10.20 1.81
CA PHE A 8 6.64 -8.90 1.28
C PHE A 8 6.46 -7.86 2.33
N ALA A 9 5.37 -7.97 3.14
CA ALA A 9 5.12 -7.00 4.19
C ALA A 9 6.25 -7.03 5.18
N LYS A 10 6.75 -8.24 5.52
CA LYS A 10 7.83 -8.38 6.46
C LYS A 10 9.05 -7.71 5.88
N LYS A 11 9.31 -7.93 4.58
CA LYS A 11 10.47 -7.35 3.93
C LYS A 11 10.32 -5.85 3.92
N MET A 12 9.10 -5.34 3.68
CA MET A 12 8.86 -3.90 3.65
C MET A 12 9.18 -3.33 5.02
N ASP A 13 8.82 -4.06 6.09
CA ASP A 13 9.08 -3.59 7.44
C ASP A 13 10.57 -3.44 7.62
N LYS A 14 11.37 -4.39 7.07
CA LYS A 14 12.80 -4.30 7.22
C LYS A 14 13.31 -3.10 6.45
N MET A 15 12.73 -2.85 5.24
CA MET A 15 13.19 -1.75 4.43
C MET A 15 12.91 -0.44 5.09
N VAL A 16 11.73 -0.27 5.73
CA VAL A 16 11.43 1.00 6.38
C VAL A 16 12.28 1.14 7.61
N GLN A 17 12.63 0.00 8.26
CA GLN A 17 13.44 0.04 9.45
C GLN A 17 14.82 0.54 9.10
N LYS A 18 15.35 0.11 7.93
CA LYS A 18 16.67 0.52 7.52
C LYS A 18 16.57 1.81 6.77
N LYS A 19 15.33 2.28 6.50
CA LYS A 19 15.12 3.52 5.79
C LYS A 19 15.75 3.41 4.42
N ASN A 20 15.55 2.24 3.76
CA ASN A 20 16.12 2.05 2.44
C ASN A 20 15.10 2.53 1.45
N ALA A 21 15.23 3.80 1.01
CA ALA A 21 14.31 4.37 0.06
C ALA A 21 14.42 3.66 -1.26
N ALA A 22 15.65 3.32 -1.69
CA ALA A 22 15.84 2.66 -2.96
C ALA A 22 15.19 1.31 -2.93
N GLY A 23 15.34 0.57 -1.81
CA GLY A 23 14.75 -0.75 -1.69
C GLY A 23 13.26 -0.64 -1.76
N ALA A 24 12.69 0.39 -1.09
CA ALA A 24 11.26 0.58 -1.07
C ALA A 24 10.77 0.84 -2.47
N LEU A 25 11.53 1.63 -3.25
CA LEU A 25 11.13 1.98 -4.59
C LEU A 25 11.11 0.72 -5.44
N ASP A 26 12.16 -0.11 -5.31
CA ASP A 26 12.24 -1.33 -6.10
C ASP A 26 11.10 -2.25 -5.74
N LEU A 27 10.75 -2.36 -4.44
CA LEU A 27 9.67 -3.23 -4.03
C LEU A 27 8.37 -2.73 -4.57
N LEU A 28 8.15 -1.40 -4.58
CA LEU A 28 6.90 -0.86 -5.08
C LEU A 28 6.78 -1.18 -6.55
N LYS A 29 7.90 -1.09 -7.29
CA LYS A 29 7.88 -1.38 -8.71
C LYS A 29 7.50 -2.82 -8.92
N GLU A 30 8.05 -3.72 -8.08
CA GLU A 30 7.75 -5.14 -8.22
C GLU A 30 6.28 -5.37 -7.95
N LEU A 31 5.73 -4.72 -6.90
CA LEU A 31 4.33 -4.90 -6.57
C LEU A 31 3.48 -4.37 -7.68
N LYS A 32 3.93 -3.28 -8.34
CA LYS A 32 3.18 -2.70 -9.43
C LYS A 32 3.10 -3.69 -10.57
N ASN A 33 4.16 -4.51 -10.78
CA ASN A 33 4.15 -5.44 -11.89
C ASN A 33 3.47 -6.72 -11.48
N ILE A 34 3.24 -6.94 -10.17
CA ILE A 34 2.56 -8.15 -9.75
C ILE A 34 1.11 -7.81 -9.54
N PRO A 35 0.23 -8.43 -10.29
CA PRO A 35 -1.20 -8.18 -10.16
C PRO A 35 -1.77 -8.77 -8.91
N MET A 36 -2.75 -8.07 -8.31
CA MET A 36 -3.36 -8.56 -7.10
C MET A 36 -4.84 -8.35 -7.24
N THR A 37 -5.64 -9.25 -6.64
CA THR A 37 -7.08 -9.11 -6.72
C THR A 37 -7.50 -8.22 -5.58
N LEU A 38 -8.74 -7.67 -5.67
CA LEU A 38 -9.23 -6.79 -4.63
C LEU A 38 -9.44 -7.60 -3.37
N GLU A 39 -9.81 -8.89 -3.53
CA GLU A 39 -10.02 -9.74 -2.38
C GLU A 39 -8.73 -9.92 -1.65
N LEU A 40 -7.61 -10.06 -2.40
CA LEU A 40 -6.31 -10.24 -1.78
C LEU A 40 -5.98 -9.01 -0.98
N LEU A 41 -6.27 -7.81 -1.54
CA LEU A 41 -5.96 -6.57 -0.84
C LEU A 41 -6.81 -6.47 0.40
N GLN A 42 -8.08 -6.90 0.32
CA GLN A 42 -8.94 -6.84 1.48
C GLN A 42 -8.45 -7.79 2.55
N SER A 43 -8.02 -9.01 2.13
CA SER A 43 -7.54 -9.98 3.10
C SER A 43 -6.23 -9.52 3.68
N THR A 44 -5.34 -8.95 2.85
CA THR A 44 -4.07 -8.49 3.35
C THR A 44 -3.94 -7.05 2.94
N ARG A 45 -4.21 -6.14 3.89
CA ARG A 45 -4.12 -4.73 3.61
C ARG A 45 -2.67 -4.33 3.61
N ILE A 46 -1.94 -4.67 2.53
CA ILE A 46 -0.54 -4.33 2.42
C ILE A 46 -0.45 -2.85 2.14
N GLY A 47 -1.60 -2.23 1.77
CA GLY A 47 -1.62 -0.81 1.47
C GLY A 47 -1.22 -0.04 2.69
N MET A 48 -1.61 -0.53 3.89
CA MET A 48 -1.25 0.15 5.12
C MET A 48 0.25 0.16 5.25
N SER A 49 0.91 -0.96 4.90
CA SER A 49 2.35 -1.05 5.00
C SER A 49 2.95 -0.05 4.05
N VAL A 50 2.39 0.05 2.83
CA VAL A 50 2.89 0.97 1.83
C VAL A 50 2.73 2.38 2.34
N ASN A 51 1.56 2.68 2.95
CA ASN A 51 1.32 4.00 3.47
C ASN A 51 2.33 4.32 4.56
N ALA A 52 2.61 3.33 5.44
CA ALA A 52 3.53 3.56 6.54
C ALA A 52 4.91 3.88 6.02
N ILE A 53 5.41 3.13 5.01
CA ILE A 53 6.74 3.39 4.49
C ILE A 53 6.72 4.67 3.69
N ARG A 54 5.56 4.99 3.08
CA ARG A 54 5.44 6.19 2.28
C ARG A 54 5.64 7.40 3.16
N LYS A 55 5.05 7.37 4.39
CA LYS A 55 5.17 8.50 5.28
C LYS A 55 6.60 8.65 5.74
N GLN A 56 7.38 7.55 5.71
CA GLN A 56 8.76 7.62 6.17
C GLN A 56 9.65 7.85 4.98
N SER A 57 9.07 8.10 3.78
CA SER A 57 9.87 8.31 2.60
C SER A 57 9.60 9.71 2.11
N THR A 58 10.69 10.49 1.92
CA THR A 58 10.53 11.84 1.44
C THR A 58 11.06 11.87 0.03
N ASP A 59 10.60 10.92 -0.79
CA ASP A 59 11.05 10.84 -2.17
C ASP A 59 9.82 11.01 -3.01
N GLU A 60 9.86 11.99 -3.94
CA GLU A 60 8.72 12.26 -4.79
C GLU A 60 8.45 11.06 -5.67
N GLU A 61 9.52 10.40 -6.17
CA GLU A 61 9.34 9.25 -7.05
C GLU A 61 8.64 8.15 -6.28
N VAL A 62 9.09 7.89 -5.04
CA VAL A 62 8.49 6.83 -4.25
C VAL A 62 7.08 7.22 -3.89
N THR A 63 6.88 8.49 -3.50
CA THR A 63 5.56 8.96 -3.09
C THR A 63 4.59 8.87 -4.26
N SER A 64 5.00 9.36 -5.45
CA SER A 64 4.10 9.36 -6.60
C SER A 64 3.83 7.95 -7.05
N LEU A 65 4.85 7.06 -7.01
CA LEU A 65 4.64 5.69 -7.45
C LEU A 65 3.69 5.01 -6.52
N ALA A 66 3.84 5.25 -5.20
CA ALA A 66 2.98 4.61 -4.22
C ALA A 66 1.57 5.09 -4.42
N LYS A 67 1.37 6.39 -4.70
CA LYS A 67 0.03 6.92 -4.89
C LYS A 67 -0.59 6.26 -6.09
N SER A 68 0.20 6.05 -7.16
CA SER A 68 -0.33 5.44 -8.37
C SER A 68 -0.74 4.01 -8.06
N LEU A 69 0.06 3.30 -7.25
CA LEU A 69 -0.23 1.93 -6.91
C LEU A 69 -1.53 1.85 -6.15
N ILE A 70 -1.73 2.76 -5.17
CA ILE A 70 -2.94 2.76 -4.37
C ILE A 70 -4.12 3.03 -5.27
N LYS A 71 -4.01 4.03 -6.18
CA LYS A 71 -5.10 4.36 -7.06
C LYS A 71 -5.39 3.20 -7.97
N SER A 72 -4.34 2.49 -8.43
CA SER A 72 -4.54 1.36 -9.32
C SER A 72 -5.37 0.30 -8.61
N TRP A 73 -5.06 0.04 -7.32
CA TRP A 73 -5.80 -0.96 -6.57
C TRP A 73 -7.22 -0.48 -6.39
N LYS A 74 -7.41 0.83 -6.14
CA LYS A 74 -8.74 1.38 -5.95
C LYS A 74 -9.53 1.21 -7.22
N LYS A 75 -8.86 1.40 -8.39
CA LYS A 75 -9.54 1.25 -9.67
C LYS A 75 -10.02 -0.17 -9.79
N LEU A 76 -9.17 -1.14 -9.39
CA LEU A 76 -9.54 -2.54 -9.46
C LEU A 76 -10.69 -2.80 -8.53
N LEU A 77 -10.68 -2.13 -7.35
CA LEU A 77 -11.75 -2.31 -6.38
C LEU A 77 -13.04 -1.82 -6.98
N ASP A 78 -12.95 -0.70 -7.72
CA ASP A 78 -14.11 -0.10 -8.34
C ASP A 78 -14.92 0.54 -7.26
N GLY A 79 -14.22 1.16 -6.28
CA GLY A 79 -14.91 1.82 -5.20
C GLY A 79 -13.91 2.66 -4.47
N PRO A 80 -13.45 3.70 -5.13
CA PRO A 80 -12.47 4.62 -4.55
C PRO A 80 -13.04 5.43 -3.43
N SER A 81 -14.38 5.53 -3.36
CA SER A 81 -15.01 6.29 -2.32
C SER A 81 -14.85 5.56 -1.02
N THR A 82 -14.54 4.24 -1.06
CA THR A 82 -14.38 3.49 0.16
C THR A 82 -13.09 3.93 0.81
N GLU A 83 -12.06 4.21 -0.01
CA GLU A 83 -10.78 4.64 0.50
C GLU A 83 -10.92 6.05 1.02
N LYS A 84 -11.66 6.89 0.27
CA LYS A 84 -11.84 8.28 0.66
C LYS A 84 -12.55 8.37 1.98
N ASP A 85 -13.56 7.49 2.20
CA ASP A 85 -14.31 7.54 3.43
C ASP A 85 -13.84 6.43 4.30
N LEU A 86 -12.56 6.02 4.15
CA LEU A 86 -12.04 4.94 4.96
C LEU A 86 -11.83 5.49 6.34
N ASP A 87 -12.63 5.00 7.29
CA ASP A 87 -12.52 5.44 8.65
C ASP A 87 -13.08 4.35 9.50
N GLU A 88 -12.93 4.48 10.83
CA GLU A 88 -13.44 3.47 11.73
C GLU A 88 -14.92 3.70 11.85
N LYS A 89 -15.70 3.07 10.95
CA LYS A 89 -17.13 3.21 10.98
C LYS A 89 -17.70 1.82 11.09
N LYS A 90 -18.82 1.69 11.84
CA LYS A 90 -19.44 0.41 12.00
C LYS A 90 -20.90 0.58 11.71
N LYS A 91 -21.54 -0.51 11.22
CA LYS A 91 -22.94 -0.44 10.90
C LYS A 91 -23.48 -1.81 11.13
N GLU A 92 -24.83 -1.93 11.19
CA GLU A 92 -25.44 -3.22 11.41
C GLU A 92 -25.34 -3.97 10.10
N PRO A 93 -24.81 -5.18 10.16
CA PRO A 93 -24.67 -6.01 8.98
C PRO A 93 -25.98 -6.50 8.44
N ALA A 94 -27.00 -6.54 9.30
CA ALA A 94 -28.30 -7.00 8.87
C ALA A 94 -29.30 -6.36 9.79
N ILE A 95 -30.53 -6.14 9.29
CA ILE A 95 -31.56 -5.53 10.10
C ILE A 95 -32.61 -6.58 10.30
N THR A 96 -32.93 -6.87 11.58
CA THR A 96 -33.94 -7.86 11.87
C THR A 96 -35.28 -7.15 12.03
N MET A 1 1.47 -16.61 -2.97
CA MET A 1 0.18 -16.68 -2.22
C MET A 1 0.17 -15.69 -1.08
N GLU A 2 -0.72 -15.90 -0.09
CA GLU A 2 -0.83 -15.00 1.03
C GLU A 2 0.47 -15.02 1.80
N ASP A 3 1.08 -16.21 1.97
CA ASP A 3 2.32 -16.32 2.71
C ASP A 3 3.39 -15.52 2.02
N GLU A 4 3.41 -15.55 0.66
CA GLU A 4 4.42 -14.83 -0.08
C GLU A 4 4.24 -13.35 0.15
N VAL A 5 2.98 -12.88 0.19
CA VAL A 5 2.72 -11.47 0.41
C VAL A 5 3.20 -11.09 1.78
N VAL A 6 2.97 -11.97 2.77
CA VAL A 6 3.39 -11.69 4.13
C VAL A 6 4.90 -11.57 4.16
N ARG A 7 5.60 -12.44 3.43
CA ARG A 7 7.05 -12.39 3.40
C ARG A 7 7.50 -11.06 2.85
N PHE A 8 6.80 -10.55 1.80
CA PHE A 8 7.19 -9.28 1.23
C PHE A 8 6.96 -8.19 2.25
N ALA A 9 5.86 -8.28 3.03
CA ALA A 9 5.57 -7.28 4.02
C ALA A 9 6.67 -7.29 5.06
N LYS A 10 7.14 -8.49 5.45
CA LYS A 10 8.18 -8.60 6.43
C LYS A 10 9.44 -7.98 5.88
N LYS A 11 9.73 -8.25 4.58
CA LYS A 11 10.92 -7.72 3.95
C LYS A 11 10.83 -6.21 3.93
N MET A 12 9.64 -5.67 3.58
CA MET A 12 9.46 -4.22 3.53
C MET A 12 9.64 -3.66 4.90
N ASP A 13 9.16 -4.39 5.95
CA ASP A 13 9.29 -3.92 7.30
C ASP A 13 10.75 -3.77 7.62
N LYS A 14 11.59 -4.74 7.19
CA LYS A 14 13.01 -4.65 7.46
C LYS A 14 13.58 -3.47 6.70
N MET A 15 13.11 -3.27 5.45
CA MET A 15 13.62 -2.19 4.62
C MET A 15 13.25 -0.85 5.20
N VAL A 16 12.03 -0.69 5.75
CA VAL A 16 11.65 0.60 6.29
C VAL A 16 12.44 0.87 7.55
N GLN A 17 12.78 -0.19 8.32
CA GLN A 17 13.54 -0.01 9.55
C GLN A 17 14.93 0.46 9.20
N LYS A 18 15.51 -0.09 8.10
CA LYS A 18 16.85 0.30 7.72
C LYS A 18 16.78 1.59 6.94
N LYS A 19 15.54 2.04 6.62
CA LYS A 19 15.35 3.27 5.88
C LYS A 19 16.01 3.14 4.53
N ASN A 20 15.85 1.96 3.89
CA ASN A 20 16.45 1.74 2.60
C ASN A 20 15.45 2.20 1.58
N ALA A 21 15.58 3.47 1.14
CA ALA A 21 14.65 4.03 0.19
C ALA A 21 14.78 3.30 -1.14
N ALA A 22 16.03 2.99 -1.55
CA ALA A 22 16.24 2.32 -2.83
C ALA A 22 15.60 0.96 -2.80
N GLY A 23 15.77 0.22 -1.68
CA GLY A 23 15.22 -1.12 -1.58
C GLY A 23 13.72 -1.05 -1.62
N ALA A 24 13.14 -0.06 -0.91
CA ALA A 24 11.71 0.08 -0.88
C ALA A 24 11.19 0.38 -2.26
N LEU A 25 11.90 1.23 -3.02
CA LEU A 25 11.46 1.59 -4.36
C LEU A 25 11.46 0.37 -5.24
N ASP A 26 12.52 -0.47 -5.14
CA ASP A 26 12.59 -1.65 -5.97
C ASP A 26 11.44 -2.57 -5.65
N LEU A 27 11.10 -2.70 -4.35
CA LEU A 27 10.02 -3.57 -3.96
C LEU A 27 8.71 -3.03 -4.50
N LEU A 28 8.54 -1.69 -4.49
CA LEU A 28 7.32 -1.09 -4.98
C LEU A 28 7.18 -1.39 -6.45
N LYS A 29 8.29 -1.34 -7.21
CA LYS A 29 8.24 -1.61 -8.63
C LYS A 29 7.81 -3.04 -8.83
N GLU A 30 8.32 -3.96 -7.97
CA GLU A 30 7.97 -5.36 -8.09
C GLU A 30 6.50 -5.52 -7.84
N LEU A 31 5.94 -4.75 -6.88
CA LEU A 31 4.53 -4.85 -6.56
C LEU A 31 3.72 -4.48 -7.78
N LYS A 32 4.19 -3.50 -8.57
CA LYS A 32 3.47 -3.10 -9.76
C LYS A 32 3.54 -4.18 -10.80
N ASN A 33 4.58 -5.05 -10.75
CA ASN A 33 4.70 -6.09 -11.76
C ASN A 33 3.99 -7.34 -11.32
N ILE A 34 3.61 -7.46 -10.02
CA ILE A 34 2.92 -8.65 -9.59
C ILE A 34 1.48 -8.26 -9.28
N PRO A 35 0.55 -8.85 -10.00
CA PRO A 35 -0.86 -8.55 -9.80
C PRO A 35 -1.41 -9.15 -8.53
N MET A 36 -2.41 -8.48 -7.94
CA MET A 36 -3.01 -8.97 -6.72
C MET A 36 -4.49 -8.86 -6.89
N THR A 37 -5.24 -9.78 -6.25
CA THR A 37 -6.68 -9.75 -6.35
C THR A 37 -7.20 -8.82 -5.29
N LEU A 38 -8.47 -8.38 -5.42
CA LEU A 38 -9.04 -7.49 -4.45
C LEU A 38 -9.19 -8.21 -3.14
N GLU A 39 -9.45 -9.55 -3.18
CA GLU A 39 -9.62 -10.30 -1.97
C GLU A 39 -8.31 -10.32 -1.23
N LEU A 40 -7.18 -10.47 -1.98
CA LEU A 40 -5.88 -10.49 -1.38
C LEU A 40 -5.61 -9.15 -0.75
N LEU A 41 -5.98 -8.06 -1.46
CA LEU A 41 -5.76 -6.72 -0.94
C LEU A 41 -6.57 -6.51 0.30
N GLN A 42 -7.85 -6.94 0.30
CA GLN A 42 -8.70 -6.73 1.45
C GLN A 42 -8.20 -7.54 2.62
N SER A 43 -7.79 -8.81 2.38
CA SER A 43 -7.32 -9.65 3.47
C SER A 43 -5.97 -9.20 3.93
N THR A 44 -5.09 -8.79 3.00
CA THR A 44 -3.77 -8.35 3.38
C THR A 44 -3.66 -6.91 2.98
N ARG A 45 -3.72 -6.01 3.98
CA ARG A 45 -3.62 -4.60 3.71
C ARG A 45 -2.18 -4.25 3.51
N ILE A 46 -1.64 -4.58 2.31
CA ILE A 46 -0.26 -4.28 2.00
C ILE A 46 -0.13 -2.79 1.78
N GLY A 47 -1.28 -2.13 1.50
CA GLY A 47 -1.29 -0.70 1.26
C GLY A 47 -0.79 0.02 2.48
N MET A 48 -1.16 -0.50 3.68
CA MET A 48 -0.75 0.13 4.91
C MET A 48 0.75 0.10 5.01
N SER A 49 1.38 -1.02 4.59
CA SER A 49 2.83 -1.13 4.66
C SER A 49 3.45 -0.12 3.73
N VAL A 50 2.87 0.03 2.51
CA VAL A 50 3.40 0.97 1.54
C VAL A 50 3.24 2.37 2.09
N ASN A 51 2.06 2.67 2.66
CA ASN A 51 1.79 3.97 3.22
C ASN A 51 2.75 4.23 4.36
N ALA A 52 3.02 3.20 5.19
CA ALA A 52 3.91 3.37 6.32
C ALA A 52 5.30 3.76 5.83
N ILE A 53 5.76 3.12 4.73
CA ILE A 53 7.09 3.44 4.21
C ILE A 53 7.08 4.87 3.73
N ARG A 54 5.98 5.30 3.08
CA ARG A 54 5.90 6.66 2.57
C ARG A 54 6.01 7.63 3.72
N LYS A 55 5.39 7.32 4.87
CA LYS A 55 5.45 8.21 6.01
C LYS A 55 6.87 8.30 6.52
N GLN A 56 7.68 7.22 6.37
CA GLN A 56 9.03 7.23 6.89
C GLN A 56 10.00 7.74 5.84
N SER A 57 9.53 8.06 4.62
CA SER A 57 10.43 8.54 3.61
C SER A 57 9.70 9.53 2.76
N THR A 58 10.12 10.81 2.81
CA THR A 58 9.46 11.82 2.03
C THR A 58 10.17 11.91 0.71
N ASP A 59 9.77 11.03 -0.24
CA ASP A 59 10.36 11.02 -1.54
C ASP A 59 9.24 11.27 -2.50
N GLU A 60 9.42 12.25 -3.42
CA GLU A 60 8.37 12.59 -4.36
C GLU A 60 8.09 11.41 -5.26
N GLU A 61 9.14 10.67 -5.68
CA GLU A 61 8.93 9.53 -6.56
C GLU A 61 8.14 8.46 -5.85
N VAL A 62 8.51 8.18 -4.58
CA VAL A 62 7.82 7.15 -3.82
C VAL A 62 6.41 7.61 -3.53
N THR A 63 6.25 8.90 -3.19
CA THR A 63 4.93 9.43 -2.88
C THR A 63 4.05 9.33 -4.09
N SER A 64 4.58 9.71 -5.28
CA SER A 64 3.79 9.67 -6.49
C SER A 64 3.40 8.26 -6.81
N LEU A 65 4.33 7.30 -6.64
CA LEU A 65 4.06 5.92 -6.96
C LEU A 65 2.98 5.39 -6.03
N ALA A 66 3.09 5.72 -4.72
CA ALA A 66 2.13 5.23 -3.76
C ALA A 66 0.76 5.78 -4.08
N LYS A 67 0.69 7.06 -4.51
CA LYS A 67 -0.57 7.67 -4.83
C LYS A 67 -1.20 6.93 -5.99
N SER A 68 -0.41 6.62 -7.04
CA SER A 68 -0.95 5.93 -8.19
C SER A 68 -1.39 4.54 -7.80
N LEU A 69 -0.66 3.89 -6.88
CA LEU A 69 -0.98 2.55 -6.46
C LEU A 69 -2.33 2.54 -5.79
N ILE A 70 -2.56 3.48 -4.86
CA ILE A 70 -3.83 3.54 -4.14
C ILE A 70 -4.94 3.82 -5.12
N LYS A 71 -4.74 4.79 -6.04
CA LYS A 71 -5.77 5.12 -7.00
C LYS A 71 -6.04 3.95 -7.91
N SER A 72 -4.98 3.21 -8.30
CA SER A 72 -5.15 2.08 -9.19
C SER A 72 -6.01 1.05 -8.51
N TRP A 73 -5.79 0.83 -7.20
CA TRP A 73 -6.58 -0.16 -6.48
C TRP A 73 -8.01 0.31 -6.41
N LYS A 74 -8.23 1.62 -6.22
CA LYS A 74 -9.58 2.14 -6.13
C LYS A 74 -10.28 1.91 -7.45
N LYS A 75 -9.57 2.11 -8.57
CA LYS A 75 -10.16 1.91 -9.87
C LYS A 75 -10.50 0.44 -10.02
N LEU A 76 -9.61 -0.44 -9.52
CA LEU A 76 -9.83 -1.86 -9.60
C LEU A 76 -11.07 -2.23 -8.82
N LEU A 77 -11.24 -1.62 -7.62
CA LEU A 77 -12.40 -1.93 -6.80
C LEU A 77 -13.64 -1.48 -7.52
N ASP A 78 -13.57 -0.29 -8.15
CA ASP A 78 -14.71 0.26 -8.86
C ASP A 78 -15.85 0.33 -7.87
N GLY A 79 -15.53 0.73 -6.62
CA GLY A 79 -16.52 0.81 -5.60
C GLY A 79 -17.25 2.11 -5.72
N PRO A 80 -18.25 2.25 -4.89
CA PRO A 80 -19.08 3.43 -4.85
C PRO A 80 -18.51 4.49 -3.97
N SER A 81 -17.23 4.85 -4.20
CA SER A 81 -16.55 5.88 -3.43
C SER A 81 -16.57 5.48 -1.98
N THR A 82 -16.52 4.15 -1.71
CA THR A 82 -16.53 3.70 -0.34
C THR A 82 -15.17 3.87 0.26
N GLU A 83 -14.10 3.73 -0.57
CA GLU A 83 -12.76 3.88 -0.07
C GLU A 83 -12.53 5.34 0.24
N LYS A 84 -13.03 6.23 -0.65
CA LYS A 84 -12.84 7.66 -0.45
C LYS A 84 -13.62 8.11 0.75
N ASP A 85 -14.82 7.53 0.97
CA ASP A 85 -15.64 7.94 2.08
C ASP A 85 -15.37 7.01 3.24
N LEU A 86 -14.22 6.31 3.23
CA LEU A 86 -13.92 5.41 4.31
C LEU A 86 -13.45 6.25 5.46
N ASP A 87 -14.33 6.38 6.47
CA ASP A 87 -14.00 7.16 7.63
C ASP A 87 -14.67 6.51 8.80
N GLU A 88 -15.01 5.21 8.64
CA GLU A 88 -15.66 4.48 9.70
C GLU A 88 -14.61 3.66 10.38
N LYS A 89 -13.34 3.84 9.96
CA LYS A 89 -12.25 3.09 10.55
C LYS A 89 -11.94 3.73 11.87
N LYS A 90 -11.95 2.93 12.95
CA LYS A 90 -11.65 3.45 14.26
C LYS A 90 -10.62 2.57 14.87
N LYS A 91 -9.75 3.15 15.72
CA LYS A 91 -8.72 2.37 16.37
C LYS A 91 -9.25 1.95 17.71
N GLU A 92 -9.23 0.64 17.98
CA GLU A 92 -9.70 0.15 19.25
C GLU A 92 -8.64 0.49 20.27
N PRO A 93 -9.06 0.77 21.48
CA PRO A 93 -8.13 1.12 22.55
C PRO A 93 -7.26 -0.03 22.98
N ALA A 94 -7.73 -1.27 22.71
CA ALA A 94 -6.97 -2.46 23.08
C ALA A 94 -6.84 -2.52 24.56
N ILE A 95 -7.99 -2.61 25.28
CA ILE A 95 -7.95 -2.68 26.71
C ILE A 95 -8.30 -4.09 27.09
N THR A 96 -7.39 -4.76 27.83
CA THR A 96 -7.64 -6.13 28.23
C THR A 96 -8.35 -6.10 29.59
N MET A 1 2.57 -19.35 -4.69
CA MET A 1 2.82 -17.89 -4.84
C MET A 1 2.53 -17.15 -3.56
N GLU A 2 1.74 -17.77 -2.65
CA GLU A 2 1.40 -17.14 -1.40
C GLU A 2 2.67 -16.94 -0.61
N ASP A 3 3.57 -17.95 -0.63
CA ASP A 3 4.81 -17.85 0.11
C ASP A 3 5.63 -16.72 -0.45
N GLU A 4 5.62 -16.56 -1.80
CA GLU A 4 6.39 -15.52 -2.44
C GLU A 4 5.88 -14.17 -1.99
N VAL A 5 4.54 -14.02 -1.92
CA VAL A 5 3.95 -12.76 -1.51
C VAL A 5 4.35 -12.48 -0.08
N VAL A 6 4.33 -13.53 0.78
CA VAL A 6 4.67 -13.36 2.17
C VAL A 6 6.10 -12.90 2.28
N ARG A 7 7.02 -13.50 1.48
CA ARG A 7 8.42 -13.12 1.55
C ARG A 7 8.57 -11.67 1.18
N PHE A 8 7.82 -11.19 0.17
CA PHE A 8 7.92 -9.79 -0.22
C PHE A 8 7.44 -8.93 0.91
N ALA A 9 6.36 -9.36 1.59
CA ALA A 9 5.83 -8.58 2.69
C ALA A 9 6.84 -8.50 3.79
N LYS A 10 7.54 -9.62 4.08
CA LYS A 10 8.54 -9.63 5.14
C LYS A 10 9.67 -8.71 4.74
N LYS A 11 10.08 -8.75 3.45
CA LYS A 11 11.16 -7.90 2.99
C LYS A 11 10.74 -6.47 3.10
N MET A 12 9.49 -6.18 2.72
CA MET A 12 8.98 -4.82 2.77
C MET A 12 8.96 -4.36 4.20
N ASP A 13 8.57 -5.24 5.14
CA ASP A 13 8.52 -4.88 6.55
C ASP A 13 9.92 -4.51 6.99
N LYS A 14 10.94 -5.25 6.52
CA LYS A 14 12.31 -4.95 6.91
C LYS A 14 12.66 -3.59 6.38
N MET A 15 12.20 -3.26 5.15
CA MET A 15 12.51 -1.97 4.56
C MET A 15 11.89 -0.89 5.40
N VAL A 16 10.65 -1.13 5.91
CA VAL A 16 9.97 -0.15 6.73
C VAL A 16 10.79 0.08 7.98
N GLN A 17 11.27 -1.02 8.60
CA GLN A 17 12.03 -0.92 9.83
C GLN A 17 13.33 -0.17 9.60
N LYS A 18 13.99 -0.40 8.44
CA LYS A 18 15.25 0.27 8.18
C LYS A 18 14.98 1.65 7.65
N LYS A 19 13.70 1.95 7.37
CA LYS A 19 13.32 3.26 6.85
C LYS A 19 14.04 3.49 5.55
N ASN A 20 14.12 2.43 4.70
CA ASN A 20 14.78 2.57 3.43
C ASN A 20 13.73 2.98 2.45
N ALA A 21 13.63 4.30 2.18
CA ALA A 21 12.64 4.81 1.28
C ALA A 21 12.90 4.31 -0.13
N ALA A 22 14.19 4.28 -0.55
CA ALA A 22 14.50 3.86 -1.90
C ALA A 22 14.15 2.40 -2.09
N GLY A 23 14.50 1.55 -1.11
CA GLY A 23 14.22 0.13 -1.21
C GLY A 23 12.74 -0.10 -1.21
N ALA A 24 12.01 0.62 -0.34
CA ALA A 24 10.58 0.47 -0.24
C ALA A 24 9.94 0.86 -1.54
N LEU A 25 10.44 1.94 -2.17
CA LEU A 25 9.86 2.40 -3.42
C LEU A 25 10.05 1.35 -4.49
N ASP A 26 11.24 0.73 -4.55
CA ASP A 26 11.50 -0.27 -5.56
C ASP A 26 10.58 -1.44 -5.37
N LEU A 27 10.35 -1.86 -4.11
CA LEU A 27 9.48 -2.99 -3.84
C LEU A 27 8.05 -2.63 -4.21
N LEU A 28 7.65 -1.38 -3.94
CA LEU A 28 6.30 -0.96 -4.23
C LEU A 28 6.06 -1.01 -5.71
N LYS A 29 7.04 -0.54 -6.52
CA LYS A 29 6.89 -0.56 -7.96
C LYS A 29 6.83 -1.98 -8.44
N GLU A 30 7.62 -2.88 -7.82
CA GLU A 30 7.62 -4.26 -8.25
C GLU A 30 6.25 -4.83 -8.02
N LEU A 31 5.63 -4.52 -6.87
CA LEU A 31 4.30 -5.02 -6.57
C LEU A 31 3.33 -4.45 -7.56
N LYS A 32 3.51 -3.17 -7.93
CA LYS A 32 2.61 -2.53 -8.87
C LYS A 32 2.72 -3.19 -10.22
N ASN A 33 3.94 -3.64 -10.61
CA ASN A 33 4.10 -4.23 -11.93
C ASN A 33 3.75 -5.71 -11.90
N ILE A 34 3.62 -6.32 -10.70
CA ILE A 34 3.27 -7.72 -10.64
C ILE A 34 1.84 -7.80 -10.19
N PRO A 35 0.97 -8.35 -11.02
CA PRO A 35 -0.43 -8.47 -10.69
C PRO A 35 -0.70 -9.49 -9.63
N MET A 36 -1.70 -9.19 -8.77
CA MET A 36 -2.06 -10.11 -7.72
C MET A 36 -3.55 -10.12 -7.64
N THR A 37 -4.13 -11.22 -7.13
CA THR A 37 -5.57 -11.31 -7.04
C THR A 37 -5.99 -10.67 -5.74
N LEU A 38 -7.30 -10.38 -5.62
CA LEU A 38 -7.83 -9.77 -4.42
C LEU A 38 -7.71 -10.73 -3.27
N GLU A 39 -7.75 -12.05 -3.56
CA GLU A 39 -7.66 -13.05 -2.52
C GLU A 39 -6.30 -12.93 -1.85
N LEU A 40 -5.23 -12.67 -2.65
CA LEU A 40 -3.91 -12.54 -2.09
C LEU A 40 -3.85 -11.29 -1.27
N LEU A 41 -4.51 -10.20 -1.74
CA LEU A 41 -4.48 -8.95 -1.01
C LEU A 41 -5.18 -9.13 0.31
N GLN A 42 -6.33 -9.83 0.33
CA GLN A 42 -7.05 -10.03 1.56
C GLN A 42 -6.26 -10.94 2.47
N SER A 43 -5.64 -12.01 1.91
CA SER A 43 -4.89 -12.94 2.72
C SER A 43 -3.65 -12.27 3.24
N THR A 44 -2.98 -11.46 2.40
CA THR A 44 -1.79 -10.79 2.84
C THR A 44 -2.05 -9.32 2.77
N ARG A 45 -2.27 -8.70 3.95
CA ARG A 45 -2.54 -7.28 4.00
C ARG A 45 -1.24 -6.54 3.87
N ILE A 46 -0.62 -6.59 2.68
CA ILE A 46 0.63 -5.92 2.45
C ILE A 46 0.35 -4.44 2.34
N GLY A 47 -0.94 -4.07 2.10
CA GLY A 47 -1.33 -2.69 1.97
C GLY A 47 -1.03 -1.97 3.25
N MET A 48 -1.20 -2.65 4.41
CA MET A 48 -0.95 -2.02 5.68
C MET A 48 0.51 -1.64 5.75
N SER A 49 1.40 -2.53 5.28
CA SER A 49 2.83 -2.26 5.32
C SER A 49 3.11 -1.07 4.41
N VAL A 50 2.46 -1.02 3.23
CA VAL A 50 2.66 0.07 2.30
C VAL A 50 2.22 1.36 2.95
N ASN A 51 1.08 1.33 3.67
CA ASN A 51 0.59 2.51 4.33
C ASN A 51 1.61 2.98 5.34
N ALA A 52 2.26 2.03 6.05
CA ALA A 52 3.25 2.40 7.04
C ALA A 52 4.38 3.11 6.35
N ILE A 53 4.77 2.62 5.16
CA ILE A 53 5.86 3.23 4.42
C ILE A 53 5.45 4.63 4.03
N ARG A 54 4.19 4.80 3.59
CA ARG A 54 3.70 6.09 3.17
C ARG A 54 3.78 7.05 4.34
N LYS A 55 3.40 6.59 5.55
CA LYS A 55 3.41 7.44 6.72
C LYS A 55 4.83 7.87 7.02
N GLN A 56 5.82 6.96 6.81
CA GLN A 56 7.20 7.30 7.12
C GLN A 56 7.87 7.86 5.89
N SER A 57 7.09 8.16 4.82
CA SER A 57 7.70 8.69 3.62
C SER A 57 7.27 10.13 3.49
N THR A 58 8.26 11.01 3.22
CA THR A 58 7.96 12.42 3.06
C THR A 58 8.09 12.76 1.61
N ASP A 59 8.27 11.74 0.74
CA ASP A 59 8.41 12.00 -0.67
C ASP A 59 7.03 12.00 -1.26
N GLU A 60 6.68 13.11 -1.94
CA GLU A 60 5.38 13.25 -2.55
C GLU A 60 5.20 12.22 -3.64
N GLU A 61 6.26 11.95 -4.41
CA GLU A 61 6.17 10.99 -5.49
C GLU A 61 5.86 9.62 -4.93
N VAL A 62 6.51 9.25 -3.81
CA VAL A 62 6.30 7.94 -3.22
C VAL A 62 4.88 7.86 -2.72
N THR A 63 4.39 8.92 -2.04
CA THR A 63 3.04 8.90 -1.51
C THR A 63 2.05 8.87 -2.64
N SER A 64 2.35 9.59 -3.75
CA SER A 64 1.44 9.61 -4.88
C SER A 64 1.33 8.23 -5.48
N LEU A 65 2.47 7.52 -5.56
CA LEU A 65 2.47 6.18 -6.13
C LEU A 65 1.65 5.28 -5.26
N ALA A 66 1.79 5.40 -3.92
CA ALA A 66 1.05 4.56 -3.00
C ALA A 66 -0.44 4.82 -3.17
N LYS A 67 -0.82 6.11 -3.33
CA LYS A 67 -2.21 6.45 -3.49
C LYS A 67 -2.73 5.86 -4.78
N SER A 68 -1.90 5.86 -5.84
CA SER A 68 -2.33 5.29 -7.10
C SER A 68 -2.57 3.82 -6.96
N LEU A 69 -1.70 3.13 -6.21
CA LEU A 69 -1.82 1.70 -6.03
C LEU A 69 -3.09 1.36 -5.27
N ILE A 70 -3.37 2.07 -4.15
CA ILE A 70 -4.54 1.76 -3.37
C ILE A 70 -5.77 2.14 -4.17
N LYS A 71 -5.66 3.17 -5.04
CA LYS A 71 -6.77 3.58 -5.85
C LYS A 71 -7.12 2.46 -6.80
N SER A 72 -6.08 1.82 -7.37
CA SER A 72 -6.29 0.74 -8.31
C SER A 72 -6.98 -0.40 -7.61
N TRP A 73 -6.57 -0.72 -6.37
CA TRP A 73 -7.17 -1.82 -5.64
C TRP A 73 -8.61 -1.47 -5.34
N LYS A 74 -8.88 -0.21 -4.98
CA LYS A 74 -10.21 0.22 -4.65
C LYS A 74 -11.08 0.12 -5.88
N LYS A 75 -10.50 0.44 -7.07
CA LYS A 75 -11.25 0.37 -8.30
C LYS A 75 -11.66 -1.06 -8.54
N LEU A 76 -10.73 -2.02 -8.30
CA LEU A 76 -11.03 -3.42 -8.52
C LEU A 76 -12.12 -3.86 -7.57
N LEU A 77 -12.08 -3.35 -6.32
CA LEU A 77 -13.06 -3.70 -5.32
C LEU A 77 -14.40 -3.17 -5.76
N ASP A 78 -14.41 -1.96 -6.35
CA ASP A 78 -15.62 -1.33 -6.81
C ASP A 78 -16.35 -0.85 -5.57
N GLY A 79 -15.56 -0.38 -4.58
CA GLY A 79 -16.16 0.12 -3.36
C GLY A 79 -15.13 0.98 -2.68
N PRO A 80 -14.86 2.13 -3.28
CA PRO A 80 -13.89 3.06 -2.75
C PRO A 80 -14.37 3.75 -1.50
N SER A 81 -13.43 4.12 -0.62
CA SER A 81 -13.81 4.79 0.60
C SER A 81 -12.65 5.65 1.02
N THR A 82 -11.42 5.10 0.94
CA THR A 82 -10.25 5.87 1.34
C THR A 82 -10.01 6.95 0.32
N GLU A 83 -10.19 6.63 -0.97
CA GLU A 83 -9.98 7.60 -2.02
C GLU A 83 -11.07 8.63 -1.94
N LYS A 84 -12.30 8.19 -1.60
CA LYS A 84 -13.43 9.10 -1.51
C LYS A 84 -13.15 10.11 -0.43
N ASP A 85 -12.65 9.65 0.74
CA ASP A 85 -12.37 10.56 1.83
C ASP A 85 -11.25 11.47 1.40
N LEU A 86 -10.25 10.90 0.68
CA LEU A 86 -9.10 11.66 0.20
C LEU A 86 -8.15 11.86 1.34
N ASP A 87 -8.66 12.27 2.52
CA ASP A 87 -7.82 12.48 3.65
C ASP A 87 -8.69 12.37 4.86
N GLU A 88 -8.09 12.39 6.06
CA GLU A 88 -8.86 12.29 7.27
C GLU A 88 -9.40 13.67 7.57
N LYS A 89 -10.55 14.00 6.95
CA LYS A 89 -11.15 15.29 7.15
C LYS A 89 -12.47 15.06 7.82
N LYS A 90 -12.70 15.72 8.97
CA LYS A 90 -13.94 15.55 9.67
C LYS A 90 -14.86 16.65 9.21
N LYS A 91 -16.03 16.25 8.67
CA LYS A 91 -16.99 17.21 8.20
C LYS A 91 -18.22 17.08 9.03
N GLU A 92 -18.69 18.19 9.61
CA GLU A 92 -19.88 18.14 10.41
C GLU A 92 -21.04 18.22 9.43
N PRO A 93 -21.95 17.28 9.51
CA PRO A 93 -23.09 17.24 8.62
C PRO A 93 -24.08 18.33 8.90
N ALA A 94 -24.72 18.84 7.84
CA ALA A 94 -25.70 19.88 8.01
C ALA A 94 -27.04 19.22 7.99
N ILE A 95 -27.72 19.20 9.15
CA ILE A 95 -29.02 18.57 9.23
C ILE A 95 -30.01 19.65 9.51
N THR A 96 -31.02 19.78 8.64
CA THR A 96 -32.03 20.80 8.82
C THR A 96 -33.26 20.40 8.01
#